data_1LMQ
# 
_entry.id   1LMQ 
# 
_audit_conform.dict_name       mmcif_pdbx.dic 
_audit_conform.dict_version    5.397 
_audit_conform.dict_location   http://mmcif.pdb.org/dictionaries/ascii/mmcif_pdbx.dic 
# 
loop_
_database_2.database_id 
_database_2.database_code 
_database_2.pdbx_database_accession 
_database_2.pdbx_DOI 
PDB   1LMQ         pdb_00001lmq 10.2210/pdb1lmq/pdb 
WWPDB D_1000174765 ?            ?                   
# 
loop_
_pdbx_audit_revision_history.ordinal 
_pdbx_audit_revision_history.data_content_type 
_pdbx_audit_revision_history.major_revision 
_pdbx_audit_revision_history.minor_revision 
_pdbx_audit_revision_history.revision_date 
1 'Structure model' 1 0 1996-01-01 
2 'Structure model' 1 1 2008-03-24 
3 'Structure model' 1 2 2011-07-13 
4 'Structure model' 1 3 2018-04-18 
5 'Structure model' 2 0 2020-07-29 
6 'Structure model' 3 0 2023-07-26 
7 'Structure model' 3 1 2024-10-30 
# 
loop_
_pdbx_audit_revision_details.ordinal 
_pdbx_audit_revision_details.revision_ordinal 
_pdbx_audit_revision_details.data_content_type 
_pdbx_audit_revision_details.provider 
_pdbx_audit_revision_details.type 
_pdbx_audit_revision_details.description 
_pdbx_audit_revision_details.details 
1 1 'Structure model' repository 'Initial release' ?                          ? 
2 5 'Structure model' repository Remediation       'Carbohydrate remediation' ? 
3 6 'Structure model' repository Remediation       ?                          
'Coordinates and associated ncs operations (if present) transformed into standard crystal frame' 
# 
loop_
_pdbx_audit_revision_group.ordinal 
_pdbx_audit_revision_group.revision_ordinal 
_pdbx_audit_revision_group.data_content_type 
_pdbx_audit_revision_group.group 
1  2 'Structure model' 'Version format compliance' 
2  3 'Structure model' Advisory                    
3  3 'Structure model' 'Version format compliance' 
4  4 'Structure model' 'Data collection'           
5  4 'Structure model' Other                       
6  5 'Structure model' Advisory                    
7  5 'Structure model' 'Atomic model'              
8  5 'Structure model' 'Data collection'           
9  5 'Structure model' 'Database references'       
10 5 'Structure model' 'Derived calculations'      
11 5 'Structure model' 'Structure summary'         
12 6 'Structure model' Advisory                    
13 6 'Structure model' 'Atomic model'              
14 6 'Structure model' 'Data collection'           
15 6 'Structure model' 'Database references'       
16 6 'Structure model' 'Derived calculations'      
17 6 'Structure model' Other                       
18 6 'Structure model' 'Structure summary'         
19 7 'Structure model' 'Data collection'           
20 7 'Structure model' 'Structure summary'         
# 
loop_
_pdbx_audit_revision_category.ordinal 
_pdbx_audit_revision_category.revision_ordinal 
_pdbx_audit_revision_category.data_content_type 
_pdbx_audit_revision_category.category 
1  4 'Structure model' diffrn_detector               
2  4 'Structure model' pdbx_database_status          
3  5 'Structure model' atom_site                     
4  5 'Structure model' chem_comp                     
5  5 'Structure model' entity                        
6  5 'Structure model' pdbx_branch_scheme            
7  5 'Structure model' pdbx_chem_comp_identifier     
8  5 'Structure model' pdbx_entity_branch            
9  5 'Structure model' pdbx_entity_branch_descriptor 
10 5 'Structure model' pdbx_entity_branch_link       
11 5 'Structure model' pdbx_entity_branch_list       
12 5 'Structure model' pdbx_entity_nonpoly           
13 5 'Structure model' pdbx_nonpoly_scheme           
14 5 'Structure model' pdbx_struct_assembly_gen      
15 5 'Structure model' pdbx_validate_close_contact   
16 5 'Structure model' struct_asym                   
17 5 'Structure model' struct_conn                   
18 5 'Structure model' struct_ref_seq_dif            
19 5 'Structure model' struct_site                   
20 5 'Structure model' struct_site_gen               
21 6 'Structure model' atom_site                     
22 6 'Structure model' atom_sites                    
23 6 'Structure model' chem_comp                     
24 6 'Structure model' database_2                    
25 6 'Structure model' database_PDB_matrix           
26 6 'Structure model' pdbx_database_remark          
27 6 'Structure model' pdbx_validate_rmsd_angle      
28 6 'Structure model' pdbx_validate_torsion         
29 6 'Structure model' struct_conn                   
30 7 'Structure model' chem_comp_atom                
31 7 'Structure model' chem_comp_bond                
32 7 'Structure model' pdbx_entry_details            
33 7 'Structure model' pdbx_modification_feature     
# 
loop_
_pdbx_audit_revision_item.ordinal 
_pdbx_audit_revision_item.revision_ordinal 
_pdbx_audit_revision_item.data_content_type 
_pdbx_audit_revision_item.item 
1  4 'Structure model' '_diffrn_detector.detector'                   
2  4 'Structure model' '_pdbx_database_status.process_site'          
3  5 'Structure model' '_atom_site.B_iso_or_equiv'                   
4  5 'Structure model' '_atom_site.Cartn_x'                          
5  5 'Structure model' '_atom_site.Cartn_y'                          
6  5 'Structure model' '_atom_site.Cartn_z'                          
7  5 'Structure model' '_atom_site.auth_asym_id'                     
8  5 'Structure model' '_atom_site.auth_atom_id'                     
9  5 'Structure model' '_atom_site.auth_comp_id'                     
10 5 'Structure model' '_atom_site.auth_seq_id'                      
11 5 'Structure model' '_atom_site.label_asym_id'                    
12 5 'Structure model' '_atom_site.label_atom_id'                    
13 5 'Structure model' '_atom_site.label_comp_id'                    
14 5 'Structure model' '_atom_site.label_entity_id'                  
15 5 'Structure model' '_atom_site.type_symbol'                      
16 5 'Structure model' '_chem_comp.name'                             
17 5 'Structure model' '_chem_comp.type'                             
18 5 'Structure model' '_pdbx_struct_assembly_gen.asym_id_list'      
19 5 'Structure model' '_pdbx_validate_close_contact.auth_asym_id_1' 
20 5 'Structure model' '_pdbx_validate_close_contact.auth_asym_id_2' 
21 5 'Structure model' '_pdbx_validate_close_contact.auth_atom_id_1' 
22 5 'Structure model' '_pdbx_validate_close_contact.auth_atom_id_2' 
23 5 'Structure model' '_pdbx_validate_close_contact.auth_comp_id_1' 
24 5 'Structure model' '_pdbx_validate_close_contact.auth_comp_id_2' 
25 5 'Structure model' '_pdbx_validate_close_contact.auth_seq_id_1'  
26 5 'Structure model' '_pdbx_validate_close_contact.auth_seq_id_2'  
27 5 'Structure model' '_struct_conn.pdbx_dist_value'                
28 5 'Structure model' '_struct_conn.pdbx_leaving_atom_flag'         
29 5 'Structure model' '_struct_conn.ptnr1_auth_asym_id'             
30 5 'Structure model' '_struct_conn.ptnr1_auth_comp_id'             
31 5 'Structure model' '_struct_conn.ptnr1_auth_seq_id'              
32 5 'Structure model' '_struct_conn.ptnr1_label_asym_id'            
33 5 'Structure model' '_struct_conn.ptnr1_label_atom_id'            
34 5 'Structure model' '_struct_conn.ptnr1_label_comp_id'            
35 5 'Structure model' '_struct_conn.ptnr2_auth_asym_id'             
36 5 'Structure model' '_struct_conn.ptnr2_auth_comp_id'             
37 5 'Structure model' '_struct_conn.ptnr2_auth_seq_id'              
38 5 'Structure model' '_struct_conn.ptnr2_label_asym_id'            
39 5 'Structure model' '_struct_conn.ptnr2_label_atom_id'            
40 5 'Structure model' '_struct_conn.ptnr2_label_comp_id'            
41 5 'Structure model' '_struct_ref_seq_dif.details'                 
42 6 'Structure model' '_atom_site.Cartn_x'                          
43 6 'Structure model' '_atom_site.Cartn_y'                          
44 6 'Structure model' '_atom_sites.fract_transf_matrix[1][1]'       
45 6 'Structure model' '_atom_sites.fract_transf_matrix[1][2]'       
46 6 'Structure model' '_atom_sites.fract_transf_matrix[2][1]'       
47 6 'Structure model' '_atom_sites.fract_transf_matrix[2][2]'       
48 6 'Structure model' '_chem_comp.pdbx_synonyms'                    
49 6 'Structure model' '_database_2.pdbx_DOI'                        
50 6 'Structure model' '_database_2.pdbx_database_accession'         
51 6 'Structure model' '_database_PDB_matrix.origx[1][1]'            
52 6 'Structure model' '_database_PDB_matrix.origx[1][2]'            
53 6 'Structure model' '_database_PDB_matrix.origx[2][1]'            
54 6 'Structure model' '_database_PDB_matrix.origx[2][2]'            
55 6 'Structure model' '_pdbx_validate_rmsd_angle.angle_deviation'   
56 6 'Structure model' '_pdbx_validate_rmsd_angle.angle_value'       
57 6 'Structure model' '_pdbx_validate_torsion.phi'                  
58 6 'Structure model' '_pdbx_validate_torsion.psi'                  
59 6 'Structure model' '_struct_conn.pdbx_dist_value'                
# 
_pdbx_database_status.status_code                     REL 
_pdbx_database_status.entry_id                        1LMQ 
_pdbx_database_status.recvd_initial_deposition_date   1994-10-25 
_pdbx_database_status.deposit_site                    ? 
_pdbx_database_status.process_site                    BNL 
_pdbx_database_status.status_code_sf                  REL 
_pdbx_database_status.status_code_mr                  ? 
_pdbx_database_status.SG_entry                        ? 
_pdbx_database_status.pdb_format_compatible           Y 
_pdbx_database_status.status_code_cs                  ? 
_pdbx_database_status.methods_development_category    ? 
_pdbx_database_status.status_code_nmr_data            ? 
# 
loop_
_audit_author.name 
_audit_author.pdbx_ordinal 
'Karlsen, S.' 1 
'Hough, E.'   2 
# 
loop_
_citation.id 
_citation.title 
_citation.journal_abbrev 
_citation.journal_volume 
_citation.page_first 
_citation.page_last 
_citation.year 
_citation.journal_id_ASTM 
_citation.country 
_citation.journal_id_ISSN 
_citation.journal_id_CSD 
_citation.book_publisher 
_citation.pdbx_database_id_PubMed 
_citation.pdbx_database_id_DOI 
primary 
;Crystal structures of three complexes between chito-oligosaccharides and lysozyme from the rainbow trout. How distorted is the NAG sugar in site D?
;
'Acta Crystallogr.,Sect.D' 51  962 978 1995 ABCRE6 DK 0907-4449 0766 ? 15299765 10.1107/S0907444995005105 
1       'The Refined Crystal Structure of Lysozyme from Rainbow Trout (Oncorhynchus Mykiss)' 'To be Published'          ?   ?   ? 
?    ?      ?  ?         0353 ? ?        ?                         
2       'Purification and Characterization of Two Lysozymes from Rainbow Trout (Salmo Gairdneri)' Eur.J.Biochem.             173 
269 ?   1988 EJBCAI IX 0014-2956 0262 ? ?        ?                         
# 
loop_
_citation_author.citation_id 
_citation_author.name 
_citation_author.ordinal 
_citation_author.identifier_ORCID 
primary 'Karlsen, S.'    1  ? 
primary 'Hough, E.'      2  ? 
1       'Karlsen, S.'    3  ? 
1       'Eliassen, B.E.' 4  ? 
1       'Hansen, L.Kr.'  5  ? 
1       'Larsen, R.L.'   6  ? 
1       'Riise, B.W.'    7  ? 
1       'Smalaas, A.O.'  8  ? 
1       'Hough, E.'      9  ? 
1       'Grinde, B.'     10 ? 
2       'Grinde, B.'     11 ? 
2       'Jolles, J.'     12 ? 
2       'Jolles, P.'     13 ? 
# 
loop_
_entity.id 
_entity.type 
_entity.src_method 
_entity.pdbx_description 
_entity.formula_weight 
_entity.pdbx_number_of_molecules 
_entity.pdbx_ec 
_entity.pdbx_mutation 
_entity.pdbx_fragment 
_entity.details 
1 polymer  nat LYSOZYME 14303.068 1   3.2.1.17 ? ? ? 
2 branched man 
;2-acetamido-2-deoxy-beta-D-glucopyranose-(1-4)-2-acetamido-2-deoxy-beta-D-glucopyranose-(1-4)-2-acetamido-2-deoxy-beta-D-glucopyranose-(1-4)-2-acetamido-2-deoxy-alpha-D-glucopyranose
;
830.786   1   ?        ? ? ? 
3 water    nat water 18.015    122 ?        ? ? ? 
# 
_entity_name_com.entity_id   1 
_entity_name_com.name        'MUCOPEPTIDE N-ACETYLMURAMYLHYDROLASE' 
# 
_entity_poly.entity_id                      1 
_entity_poly.type                           'polypeptide(L)' 
_entity_poly.nstd_linkage                   no 
_entity_poly.nstd_monomer                   no 
_entity_poly.pdbx_seq_one_letter_code       
;KVYDRCELARALKASGMDGYAGNSLPNWVCLSKWESSYNTQATNRNTDGSTDYGIFQINSRYWCDDGRTPGAKNVCGIRC
SQLLTDDLTVAIRCAKRVVLDPNGIGAWVAWRLHCQNQDLRSYVAGCGV
;
_entity_poly.pdbx_seq_one_letter_code_can   
;KVYDRCELARALKASGMDGYAGNSLPNWVCLSKWESSYNTQATNRNTDGSTDYGIFQINSRYWCDDGRTPGAKNVCGIRC
SQLLTDDLTVAIRCAKRVVLDPNGIGAWVAWRLHCQNQDLRSYVAGCGV
;
_entity_poly.pdbx_strand_id                 A 
_entity_poly.pdbx_target_identifier         ? 
# 
_pdbx_entity_nonpoly.entity_id   3 
_pdbx_entity_nonpoly.name        water 
_pdbx_entity_nonpoly.comp_id     HOH 
# 
loop_
_entity_poly_seq.entity_id 
_entity_poly_seq.num 
_entity_poly_seq.mon_id 
_entity_poly_seq.hetero 
1 1   LYS n 
1 2   VAL n 
1 3   TYR n 
1 4   ASP n 
1 5   ARG n 
1 6   CYS n 
1 7   GLU n 
1 8   LEU n 
1 9   ALA n 
1 10  ARG n 
1 11  ALA n 
1 12  LEU n 
1 13  LYS n 
1 14  ALA n 
1 15  SER n 
1 16  GLY n 
1 17  MET n 
1 18  ASP n 
1 19  GLY n 
1 20  TYR n 
1 21  ALA n 
1 22  GLY n 
1 23  ASN n 
1 24  SER n 
1 25  LEU n 
1 26  PRO n 
1 27  ASN n 
1 28  TRP n 
1 29  VAL n 
1 30  CYS n 
1 31  LEU n 
1 32  SER n 
1 33  LYS n 
1 34  TRP n 
1 35  GLU n 
1 36  SER n 
1 37  SER n 
1 38  TYR n 
1 39  ASN n 
1 40  THR n 
1 41  GLN n 
1 42  ALA n 
1 43  THR n 
1 44  ASN n 
1 45  ARG n 
1 46  ASN n 
1 47  THR n 
1 48  ASP n 
1 49  GLY n 
1 50  SER n 
1 51  THR n 
1 52  ASP n 
1 53  TYR n 
1 54  GLY n 
1 55  ILE n 
1 56  PHE n 
1 57  GLN n 
1 58  ILE n 
1 59  ASN n 
1 60  SER n 
1 61  ARG n 
1 62  TYR n 
1 63  TRP n 
1 64  CYS n 
1 65  ASP n 
1 66  ASP n 
1 67  GLY n 
1 68  ARG n 
1 69  THR n 
1 70  PRO n 
1 71  GLY n 
1 72  ALA n 
1 73  LYS n 
1 74  ASN n 
1 75  VAL n 
1 76  CYS n 
1 77  GLY n 
1 78  ILE n 
1 79  ARG n 
1 80  CYS n 
1 81  SER n 
1 82  GLN n 
1 83  LEU n 
1 84  LEU n 
1 85  THR n 
1 86  ASP n 
1 87  ASP n 
1 88  LEU n 
1 89  THR n 
1 90  VAL n 
1 91  ALA n 
1 92  ILE n 
1 93  ARG n 
1 94  CYS n 
1 95  ALA n 
1 96  LYS n 
1 97  ARG n 
1 98  VAL n 
1 99  VAL n 
1 100 LEU n 
1 101 ASP n 
1 102 PRO n 
1 103 ASN n 
1 104 GLY n 
1 105 ILE n 
1 106 GLY n 
1 107 ALA n 
1 108 TRP n 
1 109 VAL n 
1 110 ALA n 
1 111 TRP n 
1 112 ARG n 
1 113 LEU n 
1 114 HIS n 
1 115 CYS n 
1 116 GLN n 
1 117 ASN n 
1 118 GLN n 
1 119 ASP n 
1 120 LEU n 
1 121 ARG n 
1 122 SER n 
1 123 TYR n 
1 124 VAL n 
1 125 ALA n 
1 126 GLY n 
1 127 CYS n 
1 128 GLY n 
1 129 VAL n 
# 
_entity_src_nat.entity_id                  1 
_entity_src_nat.pdbx_src_id                1 
_entity_src_nat.pdbx_alt_source_flag       sample 
_entity_src_nat.pdbx_beg_seq_num           ? 
_entity_src_nat.pdbx_end_seq_num           ? 
_entity_src_nat.common_name                'rainbow trout' 
_entity_src_nat.pdbx_organism_scientific   'Oncorhynchus mykiss' 
_entity_src_nat.pdbx_ncbi_taxonomy_id      8022 
_entity_src_nat.genus                      Oncorhynchus 
_entity_src_nat.species                    ? 
_entity_src_nat.strain                     ? 
_entity_src_nat.tissue                     ? 
_entity_src_nat.tissue_fraction            ? 
_entity_src_nat.pdbx_secretion             ? 
_entity_src_nat.pdbx_fragment              ? 
_entity_src_nat.pdbx_variant               ? 
_entity_src_nat.pdbx_cell_line             ? 
_entity_src_nat.pdbx_atcc                  ? 
_entity_src_nat.pdbx_cellular_location     ? 
_entity_src_nat.pdbx_organ                 KIDNEY 
_entity_src_nat.pdbx_organelle             ? 
_entity_src_nat.pdbx_cell                  ? 
_entity_src_nat.pdbx_plasmid_name          ? 
_entity_src_nat.pdbx_plasmid_details       ? 
_entity_src_nat.details                    ? 
# 
_pdbx_entity_branch.entity_id   2 
_pdbx_entity_branch.type        oligosaccharide 
# 
loop_
_pdbx_entity_branch_descriptor.ordinal 
_pdbx_entity_branch_descriptor.entity_id 
_pdbx_entity_branch_descriptor.descriptor 
_pdbx_entity_branch_descriptor.type 
_pdbx_entity_branch_descriptor.program 
_pdbx_entity_branch_descriptor.program_version 
1 2 DGlcpNAcb1-4DGlcpNAcb1-4DGlcpNAcb1-4DGlcpNAca1-ROH                                             'Glycam Condensed Sequence' 
GMML       1.0   
2 2 'WURCS=2.0/2,4,3/[a2122h-1a_1-5_2*NCC/3=O][a2122h-1b_1-5_2*NCC/3=O]/1-2-2-2/a4-b1_b4-c1_c4-d1' WURCS                       
PDB2Glycan 1.1.0 
3 2 '[][a-D-GlcpNAc]{[(4+1)][b-D-GlcpNAc]{[(4+1)][b-D-GlcpNAc]{[(4+1)][b-D-GlcpNAc]{}}}}'          LINUCS                      
PDB-CARE   ?     
# 
loop_
_pdbx_entity_branch_link.link_id 
_pdbx_entity_branch_link.entity_id 
_pdbx_entity_branch_link.entity_branch_list_num_1 
_pdbx_entity_branch_link.comp_id_1 
_pdbx_entity_branch_link.atom_id_1 
_pdbx_entity_branch_link.leaving_atom_id_1 
_pdbx_entity_branch_link.entity_branch_list_num_2 
_pdbx_entity_branch_link.comp_id_2 
_pdbx_entity_branch_link.atom_id_2 
_pdbx_entity_branch_link.leaving_atom_id_2 
_pdbx_entity_branch_link.value_order 
_pdbx_entity_branch_link.details 
1 2 2 NAG C1 O1 1 NDG O4 HO4 sing ? 
2 2 3 NAG C1 O1 2 NAG O4 HO4 sing ? 
3 2 4 NAG C1 O1 3 NAG O4 HO4 sing ? 
# 
loop_
_chem_comp.id 
_chem_comp.type 
_chem_comp.mon_nstd_flag 
_chem_comp.name 
_chem_comp.pdbx_synonyms 
_chem_comp.formula 
_chem_comp.formula_weight 
ALA 'L-peptide linking'           y ALANINE                                   ? 'C3 H7 N O2'     89.093  
ARG 'L-peptide linking'           y ARGININE                                  ? 'C6 H15 N4 O2 1' 175.209 
ASN 'L-peptide linking'           y ASPARAGINE                                ? 'C4 H8 N2 O3'    132.118 
ASP 'L-peptide linking'           y 'ASPARTIC ACID'                           ? 'C4 H7 N O4'     133.103 
CYS 'L-peptide linking'           y CYSTEINE                                  ? 'C3 H7 N O2 S'   121.158 
GLN 'L-peptide linking'           y GLUTAMINE                                 ? 'C5 H10 N2 O3'   146.144 
GLU 'L-peptide linking'           y 'GLUTAMIC ACID'                           ? 'C5 H9 N O4'     147.129 
GLY 'peptide linking'             y GLYCINE                                   ? 'C2 H5 N O2'     75.067  
HIS 'L-peptide linking'           y HISTIDINE                                 ? 'C6 H10 N3 O2 1' 156.162 
HOH non-polymer                   . WATER                                     ? 'H2 O'           18.015  
ILE 'L-peptide linking'           y ISOLEUCINE                                ? 'C6 H13 N O2'    131.173 
LEU 'L-peptide linking'           y LEUCINE                                   ? 'C6 H13 N O2'    131.173 
LYS 'L-peptide linking'           y LYSINE                                    ? 'C6 H15 N2 O2 1' 147.195 
MET 'L-peptide linking'           y METHIONINE                                ? 'C5 H11 N O2 S'  149.211 
NAG 'D-saccharide, beta linking'  . 2-acetamido-2-deoxy-beta-D-glucopyranose  
;N-acetyl-beta-D-glucosamine; 2-acetamido-2-deoxy-beta-D-glucose; 2-acetamido-2-deoxy-D-glucose; 2-acetamido-2-deoxy-glucose; N-ACETYL-D-GLUCOSAMINE
;
'C8 H15 N O6'    221.208 
NDG 'D-saccharide, alpha linking' . 2-acetamido-2-deoxy-alpha-D-glucopyranose 
;N-acetyl-alpha-D-glucosamine; 2-acetamido-2-deoxy-alpha-D-glucose; 2-acetamido-2-deoxy-D-glucose; 2-acetamido-2-deoxy-glucose; 2-(ACETYLAMINO)-2-DEOXY-A-D-GLUCOPYRANOSE
;
'C8 H15 N O6'    221.208 
PHE 'L-peptide linking'           y PHENYLALANINE                             ? 'C9 H11 N O2'    165.189 
PRO 'L-peptide linking'           y PROLINE                                   ? 'C5 H9 N O2'     115.130 
SER 'L-peptide linking'           y SERINE                                    ? 'C3 H7 N O3'     105.093 
THR 'L-peptide linking'           y THREONINE                                 ? 'C4 H9 N O3'     119.119 
TRP 'L-peptide linking'           y TRYPTOPHAN                                ? 'C11 H12 N2 O2'  204.225 
TYR 'L-peptide linking'           y TYROSINE                                  ? 'C9 H11 N O3'    181.189 
VAL 'L-peptide linking'           y VALINE                                    ? 'C5 H11 N O2'    117.146 
# 
loop_
_pdbx_chem_comp_identifier.comp_id 
_pdbx_chem_comp_identifier.type 
_pdbx_chem_comp_identifier.program 
_pdbx_chem_comp_identifier.program_version 
_pdbx_chem_comp_identifier.identifier 
NAG 'CONDENSED IUPAC CARBOHYDRATE SYMBOL' GMML     1.0 DGlcpNAcb                      
NAG 'COMMON NAME'                         GMML     1.0 N-acetyl-b-D-glucopyranosamine 
NAG 'IUPAC CARBOHYDRATE SYMBOL'           PDB-CARE 1.0 b-D-GlcpNAc                    
NAG 'SNFG CARBOHYDRATE SYMBOL'            GMML     1.0 GlcNAc                         
NDG 'CONDENSED IUPAC CARBOHYDRATE SYMBOL' GMML     1.0 DGlcpNAca                      
NDG 'COMMON NAME'                         GMML     1.0 N-acetyl-a-D-glucopyranosamine 
NDG 'IUPAC CARBOHYDRATE SYMBOL'           PDB-CARE 1.0 a-D-GlcpNAc                    
NDG 'SNFG CARBOHYDRATE SYMBOL'            GMML     1.0 GlcNAc                         
# 
loop_
_pdbx_poly_seq_scheme.asym_id 
_pdbx_poly_seq_scheme.entity_id 
_pdbx_poly_seq_scheme.seq_id 
_pdbx_poly_seq_scheme.mon_id 
_pdbx_poly_seq_scheme.ndb_seq_num 
_pdbx_poly_seq_scheme.pdb_seq_num 
_pdbx_poly_seq_scheme.auth_seq_num 
_pdbx_poly_seq_scheme.pdb_mon_id 
_pdbx_poly_seq_scheme.auth_mon_id 
_pdbx_poly_seq_scheme.pdb_strand_id 
_pdbx_poly_seq_scheme.pdb_ins_code 
_pdbx_poly_seq_scheme.hetero 
A 1 1   LYS 1   1   1   LYS LYS A . n 
A 1 2   VAL 2   2   2   VAL VAL A . n 
A 1 3   TYR 3   3   3   TYR TYR A . n 
A 1 4   ASP 4   4   4   ASP ASP A . n 
A 1 5   ARG 5   5   5   ARG ARG A . n 
A 1 6   CYS 6   6   6   CYS CYS A . n 
A 1 7   GLU 7   7   7   GLU GLU A . n 
A 1 8   LEU 8   8   8   LEU LEU A . n 
A 1 9   ALA 9   9   9   ALA ALA A . n 
A 1 10  ARG 10  10  10  ARG ARG A . n 
A 1 11  ALA 11  11  11  ALA ALA A . n 
A 1 12  LEU 12  12  12  LEU LEU A . n 
A 1 13  LYS 13  13  13  LYS LYS A . n 
A 1 14  ALA 14  14  14  ALA ALA A . n 
A 1 15  SER 15  15  15  SER SER A . n 
A 1 16  GLY 16  16  16  GLY GLY A . n 
A 1 17  MET 17  17  17  MET MET A . n 
A 1 18  ASP 18  18  18  ASP ASP A . n 
A 1 19  GLY 19  19  19  GLY GLY A . n 
A 1 20  TYR 20  20  20  TYR TYR A . n 
A 1 21  ALA 21  21  21  ALA ALA A . n 
A 1 22  GLY 22  22  22  GLY GLY A . n 
A 1 23  ASN 23  23  23  ASN ASN A . n 
A 1 24  SER 24  24  24  SER SER A . n 
A 1 25  LEU 25  25  25  LEU LEU A . n 
A 1 26  PRO 26  26  26  PRO PRO A . n 
A 1 27  ASN 27  27  27  ASN ASN A . n 
A 1 28  TRP 28  28  28  TRP TRP A . n 
A 1 29  VAL 29  29  29  VAL VAL A . n 
A 1 30  CYS 30  30  30  CYS CYS A . n 
A 1 31  LEU 31  31  31  LEU LEU A . n 
A 1 32  SER 32  32  32  SER SER A . n 
A 1 33  LYS 33  33  33  LYS LYS A . n 
A 1 34  TRP 34  34  34  TRP TRP A . n 
A 1 35  GLU 35  35  35  GLU GLU A . n 
A 1 36  SER 36  36  36  SER SER A . n 
A 1 37  SER 37  37  37  SER SER A . n 
A 1 38  TYR 38  38  38  TYR TYR A . n 
A 1 39  ASN 39  39  39  ASN ASN A . n 
A 1 40  THR 40  40  40  THR THR A . n 
A 1 41  GLN 41  41  41  GLN GLN A . n 
A 1 42  ALA 42  42  42  ALA ALA A . n 
A 1 43  THR 43  43  43  THR THR A . n 
A 1 44  ASN 44  44  44  ASN ASN A . n 
A 1 45  ARG 45  45  45  ARG ARG A . n 
A 1 46  ASN 46  46  46  ASN ASN A . n 
A 1 47  THR 47  47  47  THR THR A . n 
A 1 48  ASP 48  48  48  ASP ASP A . n 
A 1 49  GLY 49  49  49  GLY GLY A . n 
A 1 50  SER 50  50  50  SER SER A . n 
A 1 51  THR 51  51  51  THR THR A . n 
A 1 52  ASP 52  52  52  ASP ASP A . n 
A 1 53  TYR 53  53  53  TYR TYR A . n 
A 1 54  GLY 54  54  54  GLY GLY A . n 
A 1 55  ILE 55  55  55  ILE ILE A . n 
A 1 56  PHE 56  56  56  PHE PHE A . n 
A 1 57  GLN 57  57  57  GLN GLN A . n 
A 1 58  ILE 58  58  58  ILE ILE A . n 
A 1 59  ASN 59  59  59  ASN ASN A . n 
A 1 60  SER 60  60  60  SER SER A . n 
A 1 61  ARG 61  61  61  ARG ARG A . n 
A 1 62  TYR 62  62  62  TYR TYR A . n 
A 1 63  TRP 63  63  63  TRP TRP A . n 
A 1 64  CYS 64  64  64  CYS CYS A . n 
A 1 65  ASP 65  65  65  ASP ASP A . n 
A 1 66  ASP 66  66  66  ASP ASP A . n 
A 1 67  GLY 67  67  67  GLY GLY A . n 
A 1 68  ARG 68  68  68  ARG ARG A . n 
A 1 69  THR 69  69  69  THR THR A . n 
A 1 70  PRO 70  70  70  PRO PRO A . n 
A 1 71  GLY 71  71  71  GLY GLY A . n 
A 1 72  ALA 72  72  72  ALA ALA A . n 
A 1 73  LYS 73  73  73  LYS LYS A . n 
A 1 74  ASN 74  74  74  ASN ASN A . n 
A 1 75  VAL 75  75  75  VAL VAL A . n 
A 1 76  CYS 76  76  76  CYS CYS A . n 
A 1 77  GLY 77  77  77  GLY GLY A . n 
A 1 78  ILE 78  78  78  ILE ILE A . n 
A 1 79  ARG 79  79  79  ARG ARG A . n 
A 1 80  CYS 80  80  80  CYS CYS A . n 
A 1 81  SER 81  81  81  SER SER A . n 
A 1 82  GLN 82  82  82  GLN GLN A . n 
A 1 83  LEU 83  83  83  LEU LEU A . n 
A 1 84  LEU 84  84  84  LEU LEU A . n 
A 1 85  THR 85  85  85  THR THR A . n 
A 1 86  ASP 86  86  86  ASP ASP A . n 
A 1 87  ASP 87  87  87  ASP ASP A . n 
A 1 88  LEU 88  88  88  LEU LEU A . n 
A 1 89  THR 89  89  89  THR THR A . n 
A 1 90  VAL 90  90  90  VAL VAL A . n 
A 1 91  ALA 91  91  91  ALA ALA A . n 
A 1 92  ILE 92  92  92  ILE ILE A . n 
A 1 93  ARG 93  93  93  ARG ARG A . n 
A 1 94  CYS 94  94  94  CYS CYS A . n 
A 1 95  ALA 95  95  95  ALA ALA A . n 
A 1 96  LYS 96  96  96  LYS LYS A . n 
A 1 97  ARG 97  97  97  ARG ARG A . n 
A 1 98  VAL 98  98  98  VAL VAL A . n 
A 1 99  VAL 99  99  99  VAL VAL A . n 
A 1 100 LEU 100 100 100 LEU LEU A . n 
A 1 101 ASP 101 101 101 ASP ASP A . n 
A 1 102 PRO 102 102 102 PRO PRO A . n 
A 1 103 ASN 103 103 103 ASN ASN A . n 
A 1 104 GLY 104 104 104 GLY GLY A . n 
A 1 105 ILE 105 105 105 ILE ILE A . n 
A 1 106 GLY 106 106 106 GLY GLY A . n 
A 1 107 ALA 107 107 107 ALA ALA A . n 
A 1 108 TRP 108 108 108 TRP TRP A . n 
A 1 109 VAL 109 109 109 VAL VAL A . n 
A 1 110 ALA 110 110 110 ALA ALA A . n 
A 1 111 TRP 111 111 111 TRP TRP A . n 
A 1 112 ARG 112 112 112 ARG ARG A . n 
A 1 113 LEU 113 113 113 LEU LEU A . n 
A 1 114 HIS 114 114 114 HIS HIS A . n 
A 1 115 CYS 115 115 115 CYS CYS A . n 
A 1 116 GLN 116 116 116 GLN GLN A . n 
A 1 117 ASN 117 117 117 ASN ASN A . n 
A 1 118 GLN 118 118 118 GLN GLN A . n 
A 1 119 ASP 119 119 119 ASP ASP A . n 
A 1 120 LEU 120 120 120 LEU LEU A . n 
A 1 121 ARG 121 121 121 ARG ARG A . n 
A 1 122 SER 122 122 122 SER SER A . n 
A 1 123 TYR 123 123 123 TYR TYR A . n 
A 1 124 VAL 124 124 124 VAL VAL A . n 
A 1 125 ALA 125 125 125 ALA ALA A . n 
A 1 126 GLY 126 126 126 GLY GLY A . n 
A 1 127 CYS 127 127 127 CYS CYS A . n 
A 1 128 GLY 128 128 128 GLY GLY A . n 
A 1 129 VAL 129 129 129 VAL VAL A . n 
# 
loop_
_pdbx_branch_scheme.asym_id 
_pdbx_branch_scheme.entity_id 
_pdbx_branch_scheme.mon_id 
_pdbx_branch_scheme.num 
_pdbx_branch_scheme.pdb_asym_id 
_pdbx_branch_scheme.pdb_mon_id 
_pdbx_branch_scheme.pdb_seq_num 
_pdbx_branch_scheme.auth_asym_id 
_pdbx_branch_scheme.auth_mon_id 
_pdbx_branch_scheme.auth_seq_num 
_pdbx_branch_scheme.hetero 
B 2 NDG 1 B NDG 1 ? NAG 133 n 
B 2 NAG 2 B NAG 2 ? NAG 132 n 
B 2 NAG 3 B NAG 3 ? NAG 131 n 
B 2 NAG 4 B NAG 4 ? NAG 130 n 
# 
loop_
_pdbx_nonpoly_scheme.asym_id 
_pdbx_nonpoly_scheme.entity_id 
_pdbx_nonpoly_scheme.mon_id 
_pdbx_nonpoly_scheme.ndb_seq_num 
_pdbx_nonpoly_scheme.pdb_seq_num 
_pdbx_nonpoly_scheme.auth_seq_num 
_pdbx_nonpoly_scheme.pdb_mon_id 
_pdbx_nonpoly_scheme.auth_mon_id 
_pdbx_nonpoly_scheme.pdb_strand_id 
_pdbx_nonpoly_scheme.pdb_ins_code 
C 3 HOH 1   134 134 HOH HOH A . 
C 3 HOH 2   135 135 HOH HOH A . 
C 3 HOH 3   136 136 HOH HOH A . 
C 3 HOH 4   137 137 HOH HOH A . 
C 3 HOH 5   138 138 HOH HOH A . 
C 3 HOH 6   139 139 HOH HOH A . 
C 3 HOH 7   140 140 HOH HOH A . 
C 3 HOH 8   141 141 HOH HOH A . 
C 3 HOH 9   142 142 HOH HOH A . 
C 3 HOH 10  143 143 HOH HOH A . 
C 3 HOH 11  144 144 HOH HOH A . 
C 3 HOH 12  145 145 HOH HOH A . 
C 3 HOH 13  146 146 HOH HOH A . 
C 3 HOH 14  147 147 HOH HOH A . 
C 3 HOH 15  148 148 HOH HOH A . 
C 3 HOH 16  149 149 HOH HOH A . 
C 3 HOH 17  150 150 HOH HOH A . 
C 3 HOH 18  151 151 HOH HOH A . 
C 3 HOH 19  152 152 HOH HOH A . 
C 3 HOH 20  153 153 HOH HOH A . 
C 3 HOH 21  154 154 HOH HOH A . 
C 3 HOH 22  155 155 HOH HOH A . 
C 3 HOH 23  156 156 HOH HOH A . 
C 3 HOH 24  157 157 HOH HOH A . 
C 3 HOH 25  158 158 HOH HOH A . 
C 3 HOH 26  159 159 HOH HOH A . 
C 3 HOH 27  160 160 HOH HOH A . 
C 3 HOH 28  161 161 HOH HOH A . 
C 3 HOH 29  162 162 HOH HOH A . 
C 3 HOH 30  163 163 HOH HOH A . 
C 3 HOH 31  164 164 HOH HOH A . 
C 3 HOH 32  165 165 HOH HOH A . 
C 3 HOH 33  166 166 HOH HOH A . 
C 3 HOH 34  167 167 HOH HOH A . 
C 3 HOH 35  168 168 HOH HOH A . 
C 3 HOH 36  169 169 HOH HOH A . 
C 3 HOH 37  170 170 HOH HOH A . 
C 3 HOH 38  171 171 HOH HOH A . 
C 3 HOH 39  172 172 HOH HOH A . 
C 3 HOH 40  173 173 HOH HOH A . 
C 3 HOH 41  174 174 HOH HOH A . 
C 3 HOH 42  175 175 HOH HOH A . 
C 3 HOH 43  176 176 HOH HOH A . 
C 3 HOH 44  177 177 HOH HOH A . 
C 3 HOH 45  178 178 HOH HOH A . 
C 3 HOH 46  179 179 HOH HOH A . 
C 3 HOH 47  180 180 HOH HOH A . 
C 3 HOH 48  181 181 HOH HOH A . 
C 3 HOH 49  182 182 HOH HOH A . 
C 3 HOH 50  183 183 HOH HOH A . 
C 3 HOH 51  184 184 HOH HOH A . 
C 3 HOH 52  185 185 HOH HOH A . 
C 3 HOH 53  186 186 HOH HOH A . 
C 3 HOH 54  187 187 HOH HOH A . 
C 3 HOH 55  188 188 HOH HOH A . 
C 3 HOH 56  189 189 HOH HOH A . 
C 3 HOH 57  190 190 HOH HOH A . 
C 3 HOH 58  191 191 HOH HOH A . 
C 3 HOH 59  192 192 HOH HOH A . 
C 3 HOH 60  193 193 HOH HOH A . 
C 3 HOH 61  194 194 HOH HOH A . 
C 3 HOH 62  195 195 HOH HOH A . 
C 3 HOH 63  196 196 HOH HOH A . 
C 3 HOH 64  197 197 HOH HOH A . 
C 3 HOH 65  198 198 HOH HOH A . 
C 3 HOH 66  199 199 HOH HOH A . 
C 3 HOH 67  200 200 HOH HOH A . 
C 3 HOH 68  201 201 HOH HOH A . 
C 3 HOH 69  202 202 HOH HOH A . 
C 3 HOH 70  203 203 HOH HOH A . 
C 3 HOH 71  204 204 HOH HOH A . 
C 3 HOH 72  205 205 HOH HOH A . 
C 3 HOH 73  206 206 HOH HOH A . 
C 3 HOH 74  207 207 HOH HOH A . 
C 3 HOH 75  208 208 HOH HOH A . 
C 3 HOH 76  209 209 HOH HOH A . 
C 3 HOH 77  210 210 HOH HOH A . 
C 3 HOH 78  211 211 HOH HOH A . 
C 3 HOH 79  212 212 HOH HOH A . 
C 3 HOH 80  213 213 HOH HOH A . 
C 3 HOH 81  214 214 HOH HOH A . 
C 3 HOH 82  215 215 HOH HOH A . 
C 3 HOH 83  216 216 HOH HOH A . 
C 3 HOH 84  217 217 HOH HOH A . 
C 3 HOH 85  218 218 HOH HOH A . 
C 3 HOH 86  219 219 HOH HOH A . 
C 3 HOH 87  220 220 HOH HOH A . 
C 3 HOH 88  221 221 HOH HOH A . 
C 3 HOH 89  222 222 HOH HOH A . 
C 3 HOH 90  223 223 HOH HOH A . 
C 3 HOH 91  224 224 HOH HOH A . 
C 3 HOH 92  225 225 HOH HOH A . 
C 3 HOH 93  226 226 HOH HOH A . 
C 3 HOH 94  227 227 HOH HOH A . 
C 3 HOH 95  228 228 HOH HOH A . 
C 3 HOH 96  229 229 HOH HOH A . 
C 3 HOH 97  230 230 HOH HOH A . 
C 3 HOH 98  231 231 HOH HOH A . 
C 3 HOH 99  232 232 HOH HOH A . 
C 3 HOH 100 233 233 HOH HOH A . 
C 3 HOH 101 234 234 HOH HOH A . 
C 3 HOH 102 235 235 HOH HOH A . 
C 3 HOH 103 236 236 HOH HOH A . 
C 3 HOH 104 237 237 HOH HOH A . 
C 3 HOH 105 238 238 HOH HOH A . 
C 3 HOH 106 239 239 HOH HOH A . 
C 3 HOH 107 240 240 HOH HOH A . 
C 3 HOH 108 241 241 HOH HOH A . 
C 3 HOH 109 242 242 HOH HOH A . 
C 3 HOH 110 243 243 HOH HOH A . 
C 3 HOH 111 244 244 HOH HOH A . 
C 3 HOH 112 245 245 HOH HOH A . 
C 3 HOH 113 246 246 HOH HOH A . 
C 3 HOH 114 247 247 HOH HOH A . 
C 3 HOH 115 248 248 HOH HOH A . 
C 3 HOH 116 249 249 HOH HOH A . 
C 3 HOH 117 250 250 HOH HOH A . 
C 3 HOH 118 251 251 HOH HOH A . 
C 3 HOH 119 252 252 HOH HOH A . 
C 3 HOH 120 253 253 HOH HOH A . 
C 3 HOH 121 254 254 HOH HOH A . 
C 3 HOH 122 255 255 HOH HOH A . 
# 
loop_
_software.name 
_software.classification 
_software.version 
_software.citation_id 
_software.pdbx_ordinal 
MADNES 'data collection' . ? 1 
PROLSQ refinement        . ? 2 
MADNES 'data reduction'  . ? 3 
# 
_cell.entry_id           1LMQ 
_cell.length_a           76.580 
_cell.length_b           76.580 
_cell.length_c           54.190 
_cell.angle_alpha        90.00 
_cell.angle_beta         90.00 
_cell.angle_gamma        120.00 
_cell.Z_PDB              6 
_cell.pdbx_unique_axis   ? 
# 
_symmetry.entry_id                         1LMQ 
_symmetry.space_group_name_H-M             'P 31 2 1' 
_symmetry.pdbx_full_space_group_name_H-M   ? 
_symmetry.cell_setting                     ? 
_symmetry.Int_Tables_number                152 
# 
_exptl.entry_id          1LMQ 
_exptl.method            'X-RAY DIFFRACTION' 
_exptl.crystals_number   1 
# 
_exptl_crystal.id                    1 
_exptl_crystal.density_meas          ? 
_exptl_crystal.density_Matthews      3.21 
_exptl_crystal.density_percent_sol   61.64 
_exptl_crystal.description           ? 
# 
_diffrn.id                     1 
_diffrn.ambient_temp           ? 
_diffrn.ambient_temp_details   ? 
_diffrn.crystal_id             1 
# 
_diffrn_detector.diffrn_id              1 
_diffrn_detector.detector               DIFFRACTOMETER 
_diffrn_detector.type                   'ENRAF-NONIUS FAST' 
_diffrn_detector.pdbx_collection_date   1994-07 
_diffrn_detector.details                ? 
# 
_diffrn_radiation.diffrn_id                        1 
_diffrn_radiation.wavelength_id                    1 
_diffrn_radiation.pdbx_monochromatic_or_laue_m_l   M 
_diffrn_radiation.monochromator                    ? 
_diffrn_radiation.pdbx_diffrn_protocol             ? 
_diffrn_radiation.pdbx_scattering_type             x-ray 
# 
_diffrn_radiation_wavelength.id           1 
_diffrn_radiation_wavelength.wavelength   1.5418 
_diffrn_radiation_wavelength.wt           1.0 
# 
_diffrn_source.diffrn_id                   1 
_diffrn_source.source                      ? 
_diffrn_source.type                        ? 
_diffrn_source.pdbx_synchrotron_site       ? 
_diffrn_source.pdbx_synchrotron_beamline   ? 
_diffrn_source.pdbx_wavelength             ? 
_diffrn_source.pdbx_wavelength_list        1.5418 
# 
_reflns.entry_id                     1LMQ 
_reflns.observed_criterion_sigma_I   3. 
_reflns.observed_criterion_sigma_F   ? 
_reflns.d_resolution_low             ? 
_reflns.d_resolution_high            ? 
_reflns.number_obs                   22072 
_reflns.number_all                   ? 
_reflns.percent_possible_obs         89.9 
_reflns.pdbx_Rmerge_I_obs            0.033 
_reflns.pdbx_Rsym_value              ? 
_reflns.pdbx_netI_over_sigmaI        ? 
_reflns.B_iso_Wilson_estimate        ? 
_reflns.pdbx_redundancy              ? 
_reflns.pdbx_ordinal                 1 
_reflns.pdbx_diffrn_id               1 
# 
_refine.entry_id                                 1LMQ 
_refine.ls_number_reflns_obs                     22072 
_refine.ls_number_reflns_all                     ? 
_refine.pdbx_ls_sigma_I                          ? 
_refine.pdbx_ls_sigma_F                          3.0 
_refine.pdbx_data_cutoff_high_absF               ? 
_refine.pdbx_data_cutoff_low_absF                ? 
_refine.pdbx_data_cutoff_high_rms_absF           ? 
_refine.ls_d_res_low                             8.0 
_refine.ls_d_res_high                            1.6 
_refine.ls_percent_reflns_obs                    ? 
_refine.ls_R_factor_obs                          0.165 
_refine.ls_R_factor_all                          ? 
_refine.ls_R_factor_R_work                       ? 
_refine.ls_R_factor_R_free                       ? 
_refine.ls_R_factor_R_free_error                 ? 
_refine.ls_R_factor_R_free_error_details         ? 
_refine.ls_percent_reflns_R_free                 ? 
_refine.ls_number_reflns_R_free                  ? 
_refine.ls_number_parameters                     ? 
_refine.ls_number_restraints                     ? 
_refine.occupancy_min                            ? 
_refine.occupancy_max                            ? 
_refine.B_iso_mean                               ? 
_refine.aniso_B[1][1]                            ? 
_refine.aniso_B[2][2]                            ? 
_refine.aniso_B[3][3]                            ? 
_refine.aniso_B[1][2]                            ? 
_refine.aniso_B[1][3]                            ? 
_refine.aniso_B[2][3]                            ? 
_refine.solvent_model_details                    ? 
_refine.solvent_model_param_ksol                 ? 
_refine.solvent_model_param_bsol                 ? 
_refine.pdbx_ls_cross_valid_method               ? 
_refine.details                                  ? 
_refine.pdbx_starting_model                      ? 
_refine.pdbx_method_to_determine_struct          ? 
_refine.pdbx_isotropic_thermal_model             ? 
_refine.pdbx_stereochemistry_target_values       ? 
_refine.pdbx_stereochem_target_val_spec_case     ? 
_refine.pdbx_R_Free_selection_details            ? 
_refine.pdbx_overall_ESU_R                       ? 
_refine.pdbx_overall_ESU_R_Free                  ? 
_refine.overall_SU_ML                            ? 
_refine.overall_SU_B                             ? 
_refine.pdbx_refine_id                           'X-RAY DIFFRACTION' 
_refine.pdbx_diffrn_id                           1 
_refine.pdbx_TLS_residual_ADP_flag               ? 
_refine.correlation_coeff_Fo_to_Fc               ? 
_refine.correlation_coeff_Fo_to_Fc_free          ? 
_refine.pdbx_solvent_vdw_probe_radii             ? 
_refine.pdbx_solvent_ion_probe_radii             ? 
_refine.pdbx_solvent_shrinkage_radii             ? 
_refine.pdbx_overall_phase_error                 ? 
_refine.overall_SU_R_Cruickshank_DPI             ? 
_refine.pdbx_overall_SU_R_free_Cruickshank_DPI   ? 
_refine.pdbx_overall_SU_R_Blow_DPI               ? 
_refine.pdbx_overall_SU_R_free_Blow_DPI          ? 
# 
_refine_hist.pdbx_refine_id                   'X-RAY DIFFRACTION' 
_refine_hist.cycle_id                         LAST 
_refine_hist.pdbx_number_atoms_protein        999 
_refine_hist.pdbx_number_atoms_nucleic_acid   0 
_refine_hist.pdbx_number_atoms_ligand         57 
_refine_hist.number_atoms_solvent             122 
_refine_hist.number_atoms_total               1178 
_refine_hist.d_res_high                       1.6 
_refine_hist.d_res_low                        8.0 
# 
loop_
_refine_ls_restr.type 
_refine_ls_restr.dev_ideal 
_refine_ls_restr.dev_ideal_target 
_refine_ls_restr.weight 
_refine_ls_restr.number 
_refine_ls_restr.pdbx_refine_id 
_refine_ls_restr.pdbx_restraint_function 
p_bond_d            0.012 0.020 ? ? 'X-RAY DIFFRACTION' ? 
p_angle_d           0.040 0.040 ? ? 'X-RAY DIFFRACTION' ? 
p_angle_deg         ?     ?     ? ? 'X-RAY DIFFRACTION' ? 
p_planar_d          0.073 0.050 ? ? 'X-RAY DIFFRACTION' ? 
p_hb_or_metal_coord ?     ?     ? ? 'X-RAY DIFFRACTION' ? 
p_mcbond_it         ?     ?     ? ? 'X-RAY DIFFRACTION' ? 
p_mcangle_it        ?     ?     ? ? 'X-RAY DIFFRACTION' ? 
p_scbond_it         ?     ?     ? ? 'X-RAY DIFFRACTION' ? 
p_scangle_it        ?     ?     ? ? 'X-RAY DIFFRACTION' ? 
p_plane_restr       0.013 0.020 ? ? 'X-RAY DIFFRACTION' ? 
p_chiral_restr      0.036 0.060 ? ? 'X-RAY DIFFRACTION' ? 
p_singtor_nbd       0.179 0.030 ? ? 'X-RAY DIFFRACTION' ? 
p_multtor_nbd       0.181 0.300 ? ? 'X-RAY DIFFRACTION' ? 
p_xhyhbond_nbd      0.263 0.300 ? ? 'X-RAY DIFFRACTION' ? 
p_xyhbond_nbd       ?     ?     ? ? 'X-RAY DIFFRACTION' ? 
p_planar_tor        4.2   3.0   ? ? 'X-RAY DIFFRACTION' ? 
p_staggered_tor     17.2  15.0  ? ? 'X-RAY DIFFRACTION' ? 
p_orthonormal_tor   16.4  20.0  ? ? 'X-RAY DIFFRACTION' ? 
p_transverse_tor    ?     ?     ? ? 'X-RAY DIFFRACTION' ? 
p_special_tor       ?     ?     ? ? 'X-RAY DIFFRACTION' ? 
# 
_struct.entry_id                  1LMQ 
_struct.title                     
'THE CRYSTAL STRUCTURES OF THREE COMPLEXES BETWEEN CHITOOLIGOSACCHARIDES AND LYSOZYME FROM THE RAINBOW TROUT' 
_struct.pdbx_model_details        ? 
_struct.pdbx_CASP_flag            ? 
_struct.pdbx_model_type_details   ? 
# 
_struct_keywords.entry_id        1LMQ 
_struct_keywords.pdbx_keywords   'HYDROLASE (O-GLYCOSYL)' 
_struct_keywords.text            'HYDROLASE (O-GLYCOSYL)' 
# 
loop_
_struct_asym.id 
_struct_asym.pdbx_blank_PDB_chainid_flag 
_struct_asym.pdbx_modified 
_struct_asym.entity_id 
_struct_asym.details 
A N N 1 ? 
B N N 2 ? 
C N N 3 ? 
# 
_struct_ref.id                         1 
_struct_ref.db_name                    UNP 
_struct_ref.db_code                    LYC2_ONCMY 
_struct_ref.entity_id                  1 
_struct_ref.pdbx_db_accession          P11941 
_struct_ref.pdbx_align_begin           1 
_struct_ref.pdbx_seq_one_letter_code   
;MRAVVVLLLVAVASAKVYDRCELARALKASGMDGYAGNSLPNWVCLSKWESSYNTQATNRNTDGSTDYGIFQINSRYWCD
DGRTPGAKNVCGIRCSQLLTADLTVAIRCAKRVVLDPNGIGAWVAWRLHCQNQDLRSYVAGCGV
;
_struct_ref.pdbx_db_isoform            ? 
# 
_struct_ref_seq.align_id                      1 
_struct_ref_seq.ref_id                        1 
_struct_ref_seq.pdbx_PDB_id_code              1LMQ 
_struct_ref_seq.pdbx_strand_id                A 
_struct_ref_seq.seq_align_beg                 1 
_struct_ref_seq.pdbx_seq_align_beg_ins_code   ? 
_struct_ref_seq.seq_align_end                 129 
_struct_ref_seq.pdbx_seq_align_end_ins_code   ? 
_struct_ref_seq.pdbx_db_accession             P11941 
_struct_ref_seq.db_align_beg                  16 
_struct_ref_seq.pdbx_db_align_beg_ins_code    ? 
_struct_ref_seq.db_align_end                  144 
_struct_ref_seq.pdbx_db_align_end_ins_code    ? 
_struct_ref_seq.pdbx_auth_seq_align_beg       1 
_struct_ref_seq.pdbx_auth_seq_align_end       129 
# 
_struct_ref_seq_dif.align_id                     1 
_struct_ref_seq_dif.pdbx_pdb_id_code             1LMQ 
_struct_ref_seq_dif.mon_id                       ASP 
_struct_ref_seq_dif.pdbx_pdb_strand_id           A 
_struct_ref_seq_dif.seq_num                      86 
_struct_ref_seq_dif.pdbx_pdb_ins_code            ? 
_struct_ref_seq_dif.pdbx_seq_db_name             UNP 
_struct_ref_seq_dif.pdbx_seq_db_accession_code   P11941 
_struct_ref_seq_dif.db_mon_id                    ALA 
_struct_ref_seq_dif.pdbx_seq_db_seq_num          101 
_struct_ref_seq_dif.details                      conflict 
_struct_ref_seq_dif.pdbx_auth_seq_num            86 
_struct_ref_seq_dif.pdbx_ordinal                 1 
# 
_pdbx_struct_assembly.id                   1 
_pdbx_struct_assembly.details              author_defined_assembly 
_pdbx_struct_assembly.method_details       ? 
_pdbx_struct_assembly.oligomeric_details   monomeric 
_pdbx_struct_assembly.oligomeric_count     1 
# 
_pdbx_struct_assembly_gen.assembly_id       1 
_pdbx_struct_assembly_gen.oper_expression   1 
_pdbx_struct_assembly_gen.asym_id_list      A,B,C 
# 
_pdbx_struct_oper_list.id                   1 
_pdbx_struct_oper_list.type                 'identity operation' 
_pdbx_struct_oper_list.name                 1_555 
_pdbx_struct_oper_list.symmetry_operation   x,y,z 
_pdbx_struct_oper_list.matrix[1][1]         1.0000000000 
_pdbx_struct_oper_list.matrix[1][2]         0.0000000000 
_pdbx_struct_oper_list.matrix[1][3]         0.0000000000 
_pdbx_struct_oper_list.vector[1]            0.0000000000 
_pdbx_struct_oper_list.matrix[2][1]         0.0000000000 
_pdbx_struct_oper_list.matrix[2][2]         1.0000000000 
_pdbx_struct_oper_list.matrix[2][3]         0.0000000000 
_pdbx_struct_oper_list.vector[2]            0.0000000000 
_pdbx_struct_oper_list.matrix[3][1]         0.0000000000 
_pdbx_struct_oper_list.matrix[3][2]         0.0000000000 
_pdbx_struct_oper_list.matrix[3][3]         1.0000000000 
_pdbx_struct_oper_list.vector[3]            0.0000000000 
# 
_struct_biol.id   1 
# 
loop_
_struct_conf.conf_type_id 
_struct_conf.id 
_struct_conf.pdbx_PDB_helix_id 
_struct_conf.beg_label_comp_id 
_struct_conf.beg_label_asym_id 
_struct_conf.beg_label_seq_id 
_struct_conf.pdbx_beg_PDB_ins_code 
_struct_conf.end_label_comp_id 
_struct_conf.end_label_asym_id 
_struct_conf.end_label_seq_id 
_struct_conf.pdbx_end_PDB_ins_code 
_struct_conf.beg_auth_comp_id 
_struct_conf.beg_auth_asym_id 
_struct_conf.beg_auth_seq_id 
_struct_conf.end_auth_comp_id 
_struct_conf.end_auth_asym_id 
_struct_conf.end_auth_seq_id 
_struct_conf.pdbx_PDB_helix_class 
_struct_conf.details 
_struct_conf.pdbx_PDB_helix_length 
HELX_P HELX_P1 1 ARG A 5   ? ALA A 14  ? ARG A 5   ALA A 14  1 ? 10 
HELX_P HELX_P2 2 TYR A 20  ? GLY A 22  ? TYR A 20  GLY A 22  5 ? 3  
HELX_P HELX_P3 3 LEU A 25  ? SER A 36  ? LEU A 25  SER A 36  1 ? 12 
HELX_P HELX_P4 4 CYS A 80  ? LEU A 83  ? CYS A 80  LEU A 83  5 ? 4  
HELX_P HELX_P5 5 THR A 89  ? LEU A 100 ? THR A 89  LEU A 100 1 ? 12 
HELX_P HELX_P6 6 GLY A 104 ? ALA A 107 ? GLY A 104 ALA A 107 5 ? 4  
HELX_P HELX_P7 7 VAL A 109 ? HIS A 114 ? VAL A 109 HIS A 114 1 ? 6  
HELX_P HELX_P8 8 ARG A 121 ? VAL A 124 ? ARG A 121 VAL A 124 1 ? 4  
# 
_struct_conf_type.id          HELX_P 
_struct_conf_type.criteria    ? 
_struct_conf_type.reference   ? 
# 
loop_
_struct_conn.id 
_struct_conn.conn_type_id 
_struct_conn.pdbx_leaving_atom_flag 
_struct_conn.pdbx_PDB_id 
_struct_conn.ptnr1_label_asym_id 
_struct_conn.ptnr1_label_comp_id 
_struct_conn.ptnr1_label_seq_id 
_struct_conn.ptnr1_label_atom_id 
_struct_conn.pdbx_ptnr1_label_alt_id 
_struct_conn.pdbx_ptnr1_PDB_ins_code 
_struct_conn.pdbx_ptnr1_standard_comp_id 
_struct_conn.ptnr1_symmetry 
_struct_conn.ptnr2_label_asym_id 
_struct_conn.ptnr2_label_comp_id 
_struct_conn.ptnr2_label_seq_id 
_struct_conn.ptnr2_label_atom_id 
_struct_conn.pdbx_ptnr2_label_alt_id 
_struct_conn.pdbx_ptnr2_PDB_ins_code 
_struct_conn.ptnr1_auth_asym_id 
_struct_conn.ptnr1_auth_comp_id 
_struct_conn.ptnr1_auth_seq_id 
_struct_conn.ptnr2_auth_asym_id 
_struct_conn.ptnr2_auth_comp_id 
_struct_conn.ptnr2_auth_seq_id 
_struct_conn.ptnr2_symmetry 
_struct_conn.pdbx_ptnr3_label_atom_id 
_struct_conn.pdbx_ptnr3_label_seq_id 
_struct_conn.pdbx_ptnr3_label_comp_id 
_struct_conn.pdbx_ptnr3_label_asym_id 
_struct_conn.pdbx_ptnr3_label_alt_id 
_struct_conn.pdbx_ptnr3_PDB_ins_code 
_struct_conn.details 
_struct_conn.pdbx_dist_value 
_struct_conn.pdbx_value_order 
_struct_conn.pdbx_role 
disulf1 disulf ?    ? A CYS 6  SG ? ? ? 1_555 A CYS 127 SG ? ? A CYS 6  A CYS 127 1_555 ? ? ? ? ? ? ? 2.012 ? ? 
disulf2 disulf ?    ? A CYS 30 SG ? ? ? 1_555 A CYS 115 SG ? ? A CYS 30 A CYS 115 1_555 ? ? ? ? ? ? ? 2.020 ? ? 
disulf3 disulf ?    ? A CYS 64 SG ? ? ? 1_555 A CYS 80  SG ? ? A CYS 64 A CYS 80  1_555 ? ? ? ? ? ? ? 2.026 ? ? 
disulf4 disulf ?    ? A CYS 76 SG ? ? ? 1_555 A CYS 94  SG ? ? A CYS 76 A CYS 94  1_555 ? ? ? ? ? ? ? 2.031 ? ? 
covale1 covale both ? B NDG .  O4 ? ? ? 1_555 B NAG .   C1 ? ? B NDG 1  B NAG 2   1_555 ? ? ? ? ? ? ? 1.397 ? ? 
covale2 covale both ? B NAG .  O4 ? ? ? 1_555 B NAG .   C1 ? ? B NAG 2  B NAG 3   1_555 ? ? ? ? ? ? ? 1.389 ? ? 
covale3 covale both ? B NAG .  O4 ? ? ? 1_555 B NAG .   C1 ? ? B NAG 3  B NAG 4   1_555 ? ? ? ? ? ? ? 1.408 ? ? 
# 
loop_
_struct_conn_type.id 
_struct_conn_type.criteria 
_struct_conn_type.reference 
disulf ? ? 
covale ? ? 
# 
loop_
_pdbx_modification_feature.ordinal 
_pdbx_modification_feature.label_comp_id 
_pdbx_modification_feature.label_asym_id 
_pdbx_modification_feature.label_seq_id 
_pdbx_modification_feature.label_alt_id 
_pdbx_modification_feature.modified_residue_label_comp_id 
_pdbx_modification_feature.modified_residue_label_asym_id 
_pdbx_modification_feature.modified_residue_label_seq_id 
_pdbx_modification_feature.modified_residue_label_alt_id 
_pdbx_modification_feature.auth_comp_id 
_pdbx_modification_feature.auth_asym_id 
_pdbx_modification_feature.auth_seq_id 
_pdbx_modification_feature.PDB_ins_code 
_pdbx_modification_feature.symmetry 
_pdbx_modification_feature.modified_residue_auth_comp_id 
_pdbx_modification_feature.modified_residue_auth_asym_id 
_pdbx_modification_feature.modified_residue_auth_seq_id 
_pdbx_modification_feature.modified_residue_PDB_ins_code 
_pdbx_modification_feature.modified_residue_symmetry 
_pdbx_modification_feature.comp_id_linking_atom 
_pdbx_modification_feature.modified_residue_id_linking_atom 
_pdbx_modification_feature.modified_residue_id 
_pdbx_modification_feature.ref_pcm_id 
_pdbx_modification_feature.ref_comp_id 
_pdbx_modification_feature.type 
_pdbx_modification_feature.category 
1 CYS A 6  ? CYS A 127 ? CYS A 6  ? 1_555 CYS A 127 ? 1_555 SG SG . . . None 'Disulfide bridge' 
2 CYS A 30 ? CYS A 115 ? CYS A 30 ? 1_555 CYS A 115 ? 1_555 SG SG . . . None 'Disulfide bridge' 
3 CYS A 64 ? CYS A 80  ? CYS A 64 ? 1_555 CYS A 80  ? 1_555 SG SG . . . None 'Disulfide bridge' 
4 CYS A 76 ? CYS A 94  ? CYS A 76 ? 1_555 CYS A 94  ? 1_555 SG SG . . . None 'Disulfide bridge' 
# 
_struct_sheet.id               A 
_struct_sheet.type             ? 
_struct_sheet.number_strands   2 
_struct_sheet.details          ? 
# 
_struct_sheet_order.sheet_id     A 
_struct_sheet_order.range_id_1   1 
_struct_sheet_order.range_id_2   2 
_struct_sheet_order.offset       ? 
_struct_sheet_order.sense        anti-parallel 
# 
loop_
_struct_sheet_range.sheet_id 
_struct_sheet_range.id 
_struct_sheet_range.beg_label_comp_id 
_struct_sheet_range.beg_label_asym_id 
_struct_sheet_range.beg_label_seq_id 
_struct_sheet_range.pdbx_beg_PDB_ins_code 
_struct_sheet_range.end_label_comp_id 
_struct_sheet_range.end_label_asym_id 
_struct_sheet_range.end_label_seq_id 
_struct_sheet_range.pdbx_end_PDB_ins_code 
_struct_sheet_range.beg_auth_comp_id 
_struct_sheet_range.beg_auth_asym_id 
_struct_sheet_range.beg_auth_seq_id 
_struct_sheet_range.end_auth_comp_id 
_struct_sheet_range.end_auth_asym_id 
_struct_sheet_range.end_auth_seq_id 
A 1 THR A 43 ? ARG A 45 ? THR A 43 ARG A 45 
A 2 THR A 51 ? TYR A 53 ? THR A 51 TYR A 53 
# 
_pdbx_struct_sheet_hbond.sheet_id                A 
_pdbx_struct_sheet_hbond.range_id_1              1 
_pdbx_struct_sheet_hbond.range_id_2              2 
_pdbx_struct_sheet_hbond.range_1_label_atom_id   O 
_pdbx_struct_sheet_hbond.range_1_label_comp_id   ASN 
_pdbx_struct_sheet_hbond.range_1_label_asym_id   A 
_pdbx_struct_sheet_hbond.range_1_label_seq_id    44 
_pdbx_struct_sheet_hbond.range_1_PDB_ins_code    ? 
_pdbx_struct_sheet_hbond.range_1_auth_atom_id    O 
_pdbx_struct_sheet_hbond.range_1_auth_comp_id    ASN 
_pdbx_struct_sheet_hbond.range_1_auth_asym_id    A 
_pdbx_struct_sheet_hbond.range_1_auth_seq_id     44 
_pdbx_struct_sheet_hbond.range_2_label_atom_id   N 
_pdbx_struct_sheet_hbond.range_2_label_comp_id   ASP 
_pdbx_struct_sheet_hbond.range_2_label_asym_id   A 
_pdbx_struct_sheet_hbond.range_2_label_seq_id    52 
_pdbx_struct_sheet_hbond.range_2_PDB_ins_code    ? 
_pdbx_struct_sheet_hbond.range_2_auth_atom_id    N 
_pdbx_struct_sheet_hbond.range_2_auth_comp_id    ASP 
_pdbx_struct_sheet_hbond.range_2_auth_asym_id    A 
_pdbx_struct_sheet_hbond.range_2_auth_seq_id     52 
# 
_pdbx_entry_details.entry_id                   1LMQ 
_pdbx_entry_details.compound_details           ? 
_pdbx_entry_details.source_details             ? 
_pdbx_entry_details.nonpolymer_details         ? 
_pdbx_entry_details.sequence_details           ? 
_pdbx_entry_details.has_ligand_of_interest     ? 
_pdbx_entry_details.has_protein_modification   Y 
# 
loop_
_pdbx_validate_close_contact.id 
_pdbx_validate_close_contact.PDB_model_num 
_pdbx_validate_close_contact.auth_atom_id_1 
_pdbx_validate_close_contact.auth_asym_id_1 
_pdbx_validate_close_contact.auth_comp_id_1 
_pdbx_validate_close_contact.auth_seq_id_1 
_pdbx_validate_close_contact.PDB_ins_code_1 
_pdbx_validate_close_contact.label_alt_id_1 
_pdbx_validate_close_contact.auth_atom_id_2 
_pdbx_validate_close_contact.auth_asym_id_2 
_pdbx_validate_close_contact.auth_comp_id_2 
_pdbx_validate_close_contact.auth_seq_id_2 
_pdbx_validate_close_contact.PDB_ins_code_2 
_pdbx_validate_close_contact.label_alt_id_2 
_pdbx_validate_close_contact.dist 
1 1 O  A HOH 215 ? ? O  A HOH 248 ? ? 1.58 
2 1 C6 B NAG 4   ? ? O  A HOH 245 ? ? 1.87 
3 1 O  A HOH 141 ? ? O  A HOH 255 ? ? 2.05 
4 1 O4 B NDG 1   ? ? O5 B NAG 2   ? ? 2.16 
# 
loop_
_pdbx_validate_symm_contact.id 
_pdbx_validate_symm_contact.PDB_model_num 
_pdbx_validate_symm_contact.auth_atom_id_1 
_pdbx_validate_symm_contact.auth_asym_id_1 
_pdbx_validate_symm_contact.auth_comp_id_1 
_pdbx_validate_symm_contact.auth_seq_id_1 
_pdbx_validate_symm_contact.PDB_ins_code_1 
_pdbx_validate_symm_contact.label_alt_id_1 
_pdbx_validate_symm_contact.site_symmetry_1 
_pdbx_validate_symm_contact.auth_atom_id_2 
_pdbx_validate_symm_contact.auth_asym_id_2 
_pdbx_validate_symm_contact.auth_comp_id_2 
_pdbx_validate_symm_contact.auth_seq_id_2 
_pdbx_validate_symm_contact.PDB_ins_code_2 
_pdbx_validate_symm_contact.label_alt_id_2 
_pdbx_validate_symm_contact.site_symmetry_2 
_pdbx_validate_symm_contact.dist 
1 1 O   A HOH 172 ? ? 1_555 O   A HOH 172 ? ? 4_556 1.18 
2 1 O   A HOH 144 ? ? 1_555 O   A HOH 144 ? ? 4_556 1.59 
3 1 CD1 A LEU 113 ? ? 1_555 CD1 A LEU 113 ? ? 5_675 1.64 
# 
loop_
_pdbx_validate_rmsd_angle.id 
_pdbx_validate_rmsd_angle.PDB_model_num 
_pdbx_validate_rmsd_angle.auth_atom_id_1 
_pdbx_validate_rmsd_angle.auth_asym_id_1 
_pdbx_validate_rmsd_angle.auth_comp_id_1 
_pdbx_validate_rmsd_angle.auth_seq_id_1 
_pdbx_validate_rmsd_angle.PDB_ins_code_1 
_pdbx_validate_rmsd_angle.label_alt_id_1 
_pdbx_validate_rmsd_angle.auth_atom_id_2 
_pdbx_validate_rmsd_angle.auth_asym_id_2 
_pdbx_validate_rmsd_angle.auth_comp_id_2 
_pdbx_validate_rmsd_angle.auth_seq_id_2 
_pdbx_validate_rmsd_angle.PDB_ins_code_2 
_pdbx_validate_rmsd_angle.label_alt_id_2 
_pdbx_validate_rmsd_angle.auth_atom_id_3 
_pdbx_validate_rmsd_angle.auth_asym_id_3 
_pdbx_validate_rmsd_angle.auth_comp_id_3 
_pdbx_validate_rmsd_angle.auth_seq_id_3 
_pdbx_validate_rmsd_angle.PDB_ins_code_3 
_pdbx_validate_rmsd_angle.label_alt_id_3 
_pdbx_validate_rmsd_angle.angle_value 
_pdbx_validate_rmsd_angle.angle_target_value 
_pdbx_validate_rmsd_angle.angle_deviation 
_pdbx_validate_rmsd_angle.angle_standard_deviation 
_pdbx_validate_rmsd_angle.linker_flag 
1 1 CB A ASP 4   ? ? CG A ASP 4   ? ? OD1 A ASP 4   ? ? 112.27 118.30 -6.03 0.90 N 
2 1 NE A ARG 5   ? ? CZ A ARG 5   ? ? NH2 A ARG 5   ? ? 116.83 120.30 -3.47 0.50 N 
3 1 CB A ASP 18  ? ? CG A ASP 18  ? ? OD1 A ASP 18  ? ? 125.75 118.30 7.45  0.90 N 
4 1 CA A LEU 31  ? ? CB A LEU 31  ? ? CG  A LEU 31  ? ? 129.20 115.30 13.90 2.30 N 
5 1 NE A ARG 61  ? ? CZ A ARG 61  ? ? NH2 A ARG 61  ? ? 115.88 120.30 -4.42 0.50 N 
6 1 NE A ARG 97  ? ? CZ A ARG 97  ? ? NH1 A ARG 97  ? ? 124.92 120.30 4.62  0.50 N 
7 1 NE A ARG 97  ? ? CZ A ARG 97  ? ? NH2 A ARG 97  ? ? 117.25 120.30 -3.05 0.50 N 
8 1 NE A ARG 121 ? ? CZ A ARG 121 ? ? NH1 A ARG 121 ? ? 123.80 120.30 3.50  0.50 N 
# 
_pdbx_validate_torsion.id              1 
_pdbx_validate_torsion.PDB_model_num   1 
_pdbx_validate_torsion.auth_comp_id    ASN 
_pdbx_validate_torsion.auth_asym_id    A 
_pdbx_validate_torsion.auth_seq_id     117 
_pdbx_validate_torsion.PDB_ins_code    ? 
_pdbx_validate_torsion.label_alt_id    ? 
_pdbx_validate_torsion.phi             67.98 
_pdbx_validate_torsion.psi             -0.79 
# 
_pdbx_validate_planes.id              1 
_pdbx_validate_planes.PDB_model_num   1 
_pdbx_validate_planes.auth_comp_id    ARG 
_pdbx_validate_planes.auth_asym_id    A 
_pdbx_validate_planes.auth_seq_id     93 
_pdbx_validate_planes.PDB_ins_code    ? 
_pdbx_validate_planes.label_alt_id    ? 
_pdbx_validate_planes.rmsd            0.162 
_pdbx_validate_planes.type            'SIDE CHAIN' 
# 
loop_
_chem_comp_atom.comp_id 
_chem_comp_atom.atom_id 
_chem_comp_atom.type_symbol 
_chem_comp_atom.pdbx_aromatic_flag 
_chem_comp_atom.pdbx_stereo_config 
_chem_comp_atom.pdbx_ordinal 
ALA N    N N N 1   
ALA CA   C N S 2   
ALA C    C N N 3   
ALA O    O N N 4   
ALA CB   C N N 5   
ALA OXT  O N N 6   
ALA H    H N N 7   
ALA H2   H N N 8   
ALA HA   H N N 9   
ALA HB1  H N N 10  
ALA HB2  H N N 11  
ALA HB3  H N N 12  
ALA HXT  H N N 13  
ARG N    N N N 14  
ARG CA   C N S 15  
ARG C    C N N 16  
ARG O    O N N 17  
ARG CB   C N N 18  
ARG CG   C N N 19  
ARG CD   C N N 20  
ARG NE   N N N 21  
ARG CZ   C N N 22  
ARG NH1  N N N 23  
ARG NH2  N N N 24  
ARG OXT  O N N 25  
ARG H    H N N 26  
ARG H2   H N N 27  
ARG HA   H N N 28  
ARG HB2  H N N 29  
ARG HB3  H N N 30  
ARG HG2  H N N 31  
ARG HG3  H N N 32  
ARG HD2  H N N 33  
ARG HD3  H N N 34  
ARG HE   H N N 35  
ARG HH11 H N N 36  
ARG HH12 H N N 37  
ARG HH21 H N N 38  
ARG HH22 H N N 39  
ARG HXT  H N N 40  
ASN N    N N N 41  
ASN CA   C N S 42  
ASN C    C N N 43  
ASN O    O N N 44  
ASN CB   C N N 45  
ASN CG   C N N 46  
ASN OD1  O N N 47  
ASN ND2  N N N 48  
ASN OXT  O N N 49  
ASN H    H N N 50  
ASN H2   H N N 51  
ASN HA   H N N 52  
ASN HB2  H N N 53  
ASN HB3  H N N 54  
ASN HD21 H N N 55  
ASN HD22 H N N 56  
ASN HXT  H N N 57  
ASP N    N N N 58  
ASP CA   C N S 59  
ASP C    C N N 60  
ASP O    O N N 61  
ASP CB   C N N 62  
ASP CG   C N N 63  
ASP OD1  O N N 64  
ASP OD2  O N N 65  
ASP OXT  O N N 66  
ASP H    H N N 67  
ASP H2   H N N 68  
ASP HA   H N N 69  
ASP HB2  H N N 70  
ASP HB3  H N N 71  
ASP HD2  H N N 72  
ASP HXT  H N N 73  
CYS N    N N N 74  
CYS CA   C N R 75  
CYS C    C N N 76  
CYS O    O N N 77  
CYS CB   C N N 78  
CYS SG   S N N 79  
CYS OXT  O N N 80  
CYS H    H N N 81  
CYS H2   H N N 82  
CYS HA   H N N 83  
CYS HB2  H N N 84  
CYS HB3  H N N 85  
CYS HG   H N N 86  
CYS HXT  H N N 87  
GLN N    N N N 88  
GLN CA   C N S 89  
GLN C    C N N 90  
GLN O    O N N 91  
GLN CB   C N N 92  
GLN CG   C N N 93  
GLN CD   C N N 94  
GLN OE1  O N N 95  
GLN NE2  N N N 96  
GLN OXT  O N N 97  
GLN H    H N N 98  
GLN H2   H N N 99  
GLN HA   H N N 100 
GLN HB2  H N N 101 
GLN HB3  H N N 102 
GLN HG2  H N N 103 
GLN HG3  H N N 104 
GLN HE21 H N N 105 
GLN HE22 H N N 106 
GLN HXT  H N N 107 
GLU N    N N N 108 
GLU CA   C N S 109 
GLU C    C N N 110 
GLU O    O N N 111 
GLU CB   C N N 112 
GLU CG   C N N 113 
GLU CD   C N N 114 
GLU OE1  O N N 115 
GLU OE2  O N N 116 
GLU OXT  O N N 117 
GLU H    H N N 118 
GLU H2   H N N 119 
GLU HA   H N N 120 
GLU HB2  H N N 121 
GLU HB3  H N N 122 
GLU HG2  H N N 123 
GLU HG3  H N N 124 
GLU HE2  H N N 125 
GLU HXT  H N N 126 
GLY N    N N N 127 
GLY CA   C N N 128 
GLY C    C N N 129 
GLY O    O N N 130 
GLY OXT  O N N 131 
GLY H    H N N 132 
GLY H2   H N N 133 
GLY HA2  H N N 134 
GLY HA3  H N N 135 
GLY HXT  H N N 136 
HIS N    N N N 137 
HIS CA   C N S 138 
HIS C    C N N 139 
HIS O    O N N 140 
HIS CB   C N N 141 
HIS CG   C Y N 142 
HIS ND1  N Y N 143 
HIS CD2  C Y N 144 
HIS CE1  C Y N 145 
HIS NE2  N Y N 146 
HIS OXT  O N N 147 
HIS H    H N N 148 
HIS H2   H N N 149 
HIS HA   H N N 150 
HIS HB2  H N N 151 
HIS HB3  H N N 152 
HIS HD1  H N N 153 
HIS HD2  H N N 154 
HIS HE1  H N N 155 
HIS HE2  H N N 156 
HIS HXT  H N N 157 
HOH O    O N N 158 
HOH H1   H N N 159 
HOH H2   H N N 160 
ILE N    N N N 161 
ILE CA   C N S 162 
ILE C    C N N 163 
ILE O    O N N 164 
ILE CB   C N S 165 
ILE CG1  C N N 166 
ILE CG2  C N N 167 
ILE CD1  C N N 168 
ILE OXT  O N N 169 
ILE H    H N N 170 
ILE H2   H N N 171 
ILE HA   H N N 172 
ILE HB   H N N 173 
ILE HG12 H N N 174 
ILE HG13 H N N 175 
ILE HG21 H N N 176 
ILE HG22 H N N 177 
ILE HG23 H N N 178 
ILE HD11 H N N 179 
ILE HD12 H N N 180 
ILE HD13 H N N 181 
ILE HXT  H N N 182 
LEU N    N N N 183 
LEU CA   C N S 184 
LEU C    C N N 185 
LEU O    O N N 186 
LEU CB   C N N 187 
LEU CG   C N N 188 
LEU CD1  C N N 189 
LEU CD2  C N N 190 
LEU OXT  O N N 191 
LEU H    H N N 192 
LEU H2   H N N 193 
LEU HA   H N N 194 
LEU HB2  H N N 195 
LEU HB3  H N N 196 
LEU HG   H N N 197 
LEU HD11 H N N 198 
LEU HD12 H N N 199 
LEU HD13 H N N 200 
LEU HD21 H N N 201 
LEU HD22 H N N 202 
LEU HD23 H N N 203 
LEU HXT  H N N 204 
LYS N    N N N 205 
LYS CA   C N S 206 
LYS C    C N N 207 
LYS O    O N N 208 
LYS CB   C N N 209 
LYS CG   C N N 210 
LYS CD   C N N 211 
LYS CE   C N N 212 
LYS NZ   N N N 213 
LYS OXT  O N N 214 
LYS H    H N N 215 
LYS H2   H N N 216 
LYS HA   H N N 217 
LYS HB2  H N N 218 
LYS HB3  H N N 219 
LYS HG2  H N N 220 
LYS HG3  H N N 221 
LYS HD2  H N N 222 
LYS HD3  H N N 223 
LYS HE2  H N N 224 
LYS HE3  H N N 225 
LYS HZ1  H N N 226 
LYS HZ2  H N N 227 
LYS HZ3  H N N 228 
LYS HXT  H N N 229 
MET N    N N N 230 
MET CA   C N S 231 
MET C    C N N 232 
MET O    O N N 233 
MET CB   C N N 234 
MET CG   C N N 235 
MET SD   S N N 236 
MET CE   C N N 237 
MET OXT  O N N 238 
MET H    H N N 239 
MET H2   H N N 240 
MET HA   H N N 241 
MET HB2  H N N 242 
MET HB3  H N N 243 
MET HG2  H N N 244 
MET HG3  H N N 245 
MET HE1  H N N 246 
MET HE2  H N N 247 
MET HE3  H N N 248 
MET HXT  H N N 249 
NAG C1   C N R 250 
NAG C2   C N R 251 
NAG C3   C N R 252 
NAG C4   C N S 253 
NAG C5   C N R 254 
NAG C6   C N N 255 
NAG C7   C N N 256 
NAG C8   C N N 257 
NAG N2   N N N 258 
NAG O1   O N N 259 
NAG O3   O N N 260 
NAG O4   O N N 261 
NAG O5   O N N 262 
NAG O6   O N N 263 
NAG O7   O N N 264 
NAG H1   H N N 265 
NAG H2   H N N 266 
NAG H3   H N N 267 
NAG H4   H N N 268 
NAG H5   H N N 269 
NAG H61  H N N 270 
NAG H62  H N N 271 
NAG H81  H N N 272 
NAG H82  H N N 273 
NAG H83  H N N 274 
NAG HN2  H N N 275 
NAG HO1  H N N 276 
NAG HO3  H N N 277 
NAG HO4  H N N 278 
NAG HO6  H N N 279 
NDG C1   C N S 280 
NDG C2   C N R 281 
NDG C3   C N R 282 
NDG C4   C N S 283 
NDG C5   C N R 284 
NDG C6   C N N 285 
NDG C7   C N N 286 
NDG C8   C N N 287 
NDG O5   O N N 288 
NDG O3   O N N 289 
NDG O4   O N N 290 
NDG O6   O N N 291 
NDG O7   O N N 292 
NDG N2   N N N 293 
NDG O1   O N N 294 
NDG H1   H N N 295 
NDG H2   H N N 296 
NDG H3   H N N 297 
NDG H4   H N N 298 
NDG H5   H N N 299 
NDG H61  H N N 300 
NDG H62  H N N 301 
NDG H81  H N N 302 
NDG H82  H N N 303 
NDG H83  H N N 304 
NDG HO3  H N N 305 
NDG HO4  H N N 306 
NDG HO6  H N N 307 
NDG HN2  H N N 308 
NDG HO1  H N N 309 
PHE N    N N N 310 
PHE CA   C N S 311 
PHE C    C N N 312 
PHE O    O N N 313 
PHE CB   C N N 314 
PHE CG   C Y N 315 
PHE CD1  C Y N 316 
PHE CD2  C Y N 317 
PHE CE1  C Y N 318 
PHE CE2  C Y N 319 
PHE CZ   C Y N 320 
PHE OXT  O N N 321 
PHE H    H N N 322 
PHE H2   H N N 323 
PHE HA   H N N 324 
PHE HB2  H N N 325 
PHE HB3  H N N 326 
PHE HD1  H N N 327 
PHE HD2  H N N 328 
PHE HE1  H N N 329 
PHE HE2  H N N 330 
PHE HZ   H N N 331 
PHE HXT  H N N 332 
PRO N    N N N 333 
PRO CA   C N S 334 
PRO C    C N N 335 
PRO O    O N N 336 
PRO CB   C N N 337 
PRO CG   C N N 338 
PRO CD   C N N 339 
PRO OXT  O N N 340 
PRO H    H N N 341 
PRO HA   H N N 342 
PRO HB2  H N N 343 
PRO HB3  H N N 344 
PRO HG2  H N N 345 
PRO HG3  H N N 346 
PRO HD2  H N N 347 
PRO HD3  H N N 348 
PRO HXT  H N N 349 
SER N    N N N 350 
SER CA   C N S 351 
SER C    C N N 352 
SER O    O N N 353 
SER CB   C N N 354 
SER OG   O N N 355 
SER OXT  O N N 356 
SER H    H N N 357 
SER H2   H N N 358 
SER HA   H N N 359 
SER HB2  H N N 360 
SER HB3  H N N 361 
SER HG   H N N 362 
SER HXT  H N N 363 
THR N    N N N 364 
THR CA   C N S 365 
THR C    C N N 366 
THR O    O N N 367 
THR CB   C N R 368 
THR OG1  O N N 369 
THR CG2  C N N 370 
THR OXT  O N N 371 
THR H    H N N 372 
THR H2   H N N 373 
THR HA   H N N 374 
THR HB   H N N 375 
THR HG1  H N N 376 
THR HG21 H N N 377 
THR HG22 H N N 378 
THR HG23 H N N 379 
THR HXT  H N N 380 
TRP N    N N N 381 
TRP CA   C N S 382 
TRP C    C N N 383 
TRP O    O N N 384 
TRP CB   C N N 385 
TRP CG   C Y N 386 
TRP CD1  C Y N 387 
TRP CD2  C Y N 388 
TRP NE1  N Y N 389 
TRP CE2  C Y N 390 
TRP CE3  C Y N 391 
TRP CZ2  C Y N 392 
TRP CZ3  C Y N 393 
TRP CH2  C Y N 394 
TRP OXT  O N N 395 
TRP H    H N N 396 
TRP H2   H N N 397 
TRP HA   H N N 398 
TRP HB2  H N N 399 
TRP HB3  H N N 400 
TRP HD1  H N N 401 
TRP HE1  H N N 402 
TRP HE3  H N N 403 
TRP HZ2  H N N 404 
TRP HZ3  H N N 405 
TRP HH2  H N N 406 
TRP HXT  H N N 407 
TYR N    N N N 408 
TYR CA   C N S 409 
TYR C    C N N 410 
TYR O    O N N 411 
TYR CB   C N N 412 
TYR CG   C Y N 413 
TYR CD1  C Y N 414 
TYR CD2  C Y N 415 
TYR CE1  C Y N 416 
TYR CE2  C Y N 417 
TYR CZ   C Y N 418 
TYR OH   O N N 419 
TYR OXT  O N N 420 
TYR H    H N N 421 
TYR H2   H N N 422 
TYR HA   H N N 423 
TYR HB2  H N N 424 
TYR HB3  H N N 425 
TYR HD1  H N N 426 
TYR HD2  H N N 427 
TYR HE1  H N N 428 
TYR HE2  H N N 429 
TYR HH   H N N 430 
TYR HXT  H N N 431 
VAL N    N N N 432 
VAL CA   C N S 433 
VAL C    C N N 434 
VAL O    O N N 435 
VAL CB   C N N 436 
VAL CG1  C N N 437 
VAL CG2  C N N 438 
VAL OXT  O N N 439 
VAL H    H N N 440 
VAL H2   H N N 441 
VAL HA   H N N 442 
VAL HB   H N N 443 
VAL HG11 H N N 444 
VAL HG12 H N N 445 
VAL HG13 H N N 446 
VAL HG21 H N N 447 
VAL HG22 H N N 448 
VAL HG23 H N N 449 
VAL HXT  H N N 450 
# 
loop_
_chem_comp_bond.comp_id 
_chem_comp_bond.atom_id_1 
_chem_comp_bond.atom_id_2 
_chem_comp_bond.value_order 
_chem_comp_bond.pdbx_aromatic_flag 
_chem_comp_bond.pdbx_stereo_config 
_chem_comp_bond.pdbx_ordinal 
ALA N   CA   sing N N 1   
ALA N   H    sing N N 2   
ALA N   H2   sing N N 3   
ALA CA  C    sing N N 4   
ALA CA  CB   sing N N 5   
ALA CA  HA   sing N N 6   
ALA C   O    doub N N 7   
ALA C   OXT  sing N N 8   
ALA CB  HB1  sing N N 9   
ALA CB  HB2  sing N N 10  
ALA CB  HB3  sing N N 11  
ALA OXT HXT  sing N N 12  
ARG N   CA   sing N N 13  
ARG N   H    sing N N 14  
ARG N   H2   sing N N 15  
ARG CA  C    sing N N 16  
ARG CA  CB   sing N N 17  
ARG CA  HA   sing N N 18  
ARG C   O    doub N N 19  
ARG C   OXT  sing N N 20  
ARG CB  CG   sing N N 21  
ARG CB  HB2  sing N N 22  
ARG CB  HB3  sing N N 23  
ARG CG  CD   sing N N 24  
ARG CG  HG2  sing N N 25  
ARG CG  HG3  sing N N 26  
ARG CD  NE   sing N N 27  
ARG CD  HD2  sing N N 28  
ARG CD  HD3  sing N N 29  
ARG NE  CZ   sing N N 30  
ARG NE  HE   sing N N 31  
ARG CZ  NH1  sing N N 32  
ARG CZ  NH2  doub N N 33  
ARG NH1 HH11 sing N N 34  
ARG NH1 HH12 sing N N 35  
ARG NH2 HH21 sing N N 36  
ARG NH2 HH22 sing N N 37  
ARG OXT HXT  sing N N 38  
ASN N   CA   sing N N 39  
ASN N   H    sing N N 40  
ASN N   H2   sing N N 41  
ASN CA  C    sing N N 42  
ASN CA  CB   sing N N 43  
ASN CA  HA   sing N N 44  
ASN C   O    doub N N 45  
ASN C   OXT  sing N N 46  
ASN CB  CG   sing N N 47  
ASN CB  HB2  sing N N 48  
ASN CB  HB3  sing N N 49  
ASN CG  OD1  doub N N 50  
ASN CG  ND2  sing N N 51  
ASN ND2 HD21 sing N N 52  
ASN ND2 HD22 sing N N 53  
ASN OXT HXT  sing N N 54  
ASP N   CA   sing N N 55  
ASP N   H    sing N N 56  
ASP N   H2   sing N N 57  
ASP CA  C    sing N N 58  
ASP CA  CB   sing N N 59  
ASP CA  HA   sing N N 60  
ASP C   O    doub N N 61  
ASP C   OXT  sing N N 62  
ASP CB  CG   sing N N 63  
ASP CB  HB2  sing N N 64  
ASP CB  HB3  sing N N 65  
ASP CG  OD1  doub N N 66  
ASP CG  OD2  sing N N 67  
ASP OD2 HD2  sing N N 68  
ASP OXT HXT  sing N N 69  
CYS N   CA   sing N N 70  
CYS N   H    sing N N 71  
CYS N   H2   sing N N 72  
CYS CA  C    sing N N 73  
CYS CA  CB   sing N N 74  
CYS CA  HA   sing N N 75  
CYS C   O    doub N N 76  
CYS C   OXT  sing N N 77  
CYS CB  SG   sing N N 78  
CYS CB  HB2  sing N N 79  
CYS CB  HB3  sing N N 80  
CYS SG  HG   sing N N 81  
CYS OXT HXT  sing N N 82  
GLN N   CA   sing N N 83  
GLN N   H    sing N N 84  
GLN N   H2   sing N N 85  
GLN CA  C    sing N N 86  
GLN CA  CB   sing N N 87  
GLN CA  HA   sing N N 88  
GLN C   O    doub N N 89  
GLN C   OXT  sing N N 90  
GLN CB  CG   sing N N 91  
GLN CB  HB2  sing N N 92  
GLN CB  HB3  sing N N 93  
GLN CG  CD   sing N N 94  
GLN CG  HG2  sing N N 95  
GLN CG  HG3  sing N N 96  
GLN CD  OE1  doub N N 97  
GLN CD  NE2  sing N N 98  
GLN NE2 HE21 sing N N 99  
GLN NE2 HE22 sing N N 100 
GLN OXT HXT  sing N N 101 
GLU N   CA   sing N N 102 
GLU N   H    sing N N 103 
GLU N   H2   sing N N 104 
GLU CA  C    sing N N 105 
GLU CA  CB   sing N N 106 
GLU CA  HA   sing N N 107 
GLU C   O    doub N N 108 
GLU C   OXT  sing N N 109 
GLU CB  CG   sing N N 110 
GLU CB  HB2  sing N N 111 
GLU CB  HB3  sing N N 112 
GLU CG  CD   sing N N 113 
GLU CG  HG2  sing N N 114 
GLU CG  HG3  sing N N 115 
GLU CD  OE1  doub N N 116 
GLU CD  OE2  sing N N 117 
GLU OE2 HE2  sing N N 118 
GLU OXT HXT  sing N N 119 
GLY N   CA   sing N N 120 
GLY N   H    sing N N 121 
GLY N   H2   sing N N 122 
GLY CA  C    sing N N 123 
GLY CA  HA2  sing N N 124 
GLY CA  HA3  sing N N 125 
GLY C   O    doub N N 126 
GLY C   OXT  sing N N 127 
GLY OXT HXT  sing N N 128 
HIS N   CA   sing N N 129 
HIS N   H    sing N N 130 
HIS N   H2   sing N N 131 
HIS CA  C    sing N N 132 
HIS CA  CB   sing N N 133 
HIS CA  HA   sing N N 134 
HIS C   O    doub N N 135 
HIS C   OXT  sing N N 136 
HIS CB  CG   sing N N 137 
HIS CB  HB2  sing N N 138 
HIS CB  HB3  sing N N 139 
HIS CG  ND1  sing Y N 140 
HIS CG  CD2  doub Y N 141 
HIS ND1 CE1  doub Y N 142 
HIS ND1 HD1  sing N N 143 
HIS CD2 NE2  sing Y N 144 
HIS CD2 HD2  sing N N 145 
HIS CE1 NE2  sing Y N 146 
HIS CE1 HE1  sing N N 147 
HIS NE2 HE2  sing N N 148 
HIS OXT HXT  sing N N 149 
HOH O   H1   sing N N 150 
HOH O   H2   sing N N 151 
ILE N   CA   sing N N 152 
ILE N   H    sing N N 153 
ILE N   H2   sing N N 154 
ILE CA  C    sing N N 155 
ILE CA  CB   sing N N 156 
ILE CA  HA   sing N N 157 
ILE C   O    doub N N 158 
ILE C   OXT  sing N N 159 
ILE CB  CG1  sing N N 160 
ILE CB  CG2  sing N N 161 
ILE CB  HB   sing N N 162 
ILE CG1 CD1  sing N N 163 
ILE CG1 HG12 sing N N 164 
ILE CG1 HG13 sing N N 165 
ILE CG2 HG21 sing N N 166 
ILE CG2 HG22 sing N N 167 
ILE CG2 HG23 sing N N 168 
ILE CD1 HD11 sing N N 169 
ILE CD1 HD12 sing N N 170 
ILE CD1 HD13 sing N N 171 
ILE OXT HXT  sing N N 172 
LEU N   CA   sing N N 173 
LEU N   H    sing N N 174 
LEU N   H2   sing N N 175 
LEU CA  C    sing N N 176 
LEU CA  CB   sing N N 177 
LEU CA  HA   sing N N 178 
LEU C   O    doub N N 179 
LEU C   OXT  sing N N 180 
LEU CB  CG   sing N N 181 
LEU CB  HB2  sing N N 182 
LEU CB  HB3  sing N N 183 
LEU CG  CD1  sing N N 184 
LEU CG  CD2  sing N N 185 
LEU CG  HG   sing N N 186 
LEU CD1 HD11 sing N N 187 
LEU CD1 HD12 sing N N 188 
LEU CD1 HD13 sing N N 189 
LEU CD2 HD21 sing N N 190 
LEU CD2 HD22 sing N N 191 
LEU CD2 HD23 sing N N 192 
LEU OXT HXT  sing N N 193 
LYS N   CA   sing N N 194 
LYS N   H    sing N N 195 
LYS N   H2   sing N N 196 
LYS CA  C    sing N N 197 
LYS CA  CB   sing N N 198 
LYS CA  HA   sing N N 199 
LYS C   O    doub N N 200 
LYS C   OXT  sing N N 201 
LYS CB  CG   sing N N 202 
LYS CB  HB2  sing N N 203 
LYS CB  HB3  sing N N 204 
LYS CG  CD   sing N N 205 
LYS CG  HG2  sing N N 206 
LYS CG  HG3  sing N N 207 
LYS CD  CE   sing N N 208 
LYS CD  HD2  sing N N 209 
LYS CD  HD3  sing N N 210 
LYS CE  NZ   sing N N 211 
LYS CE  HE2  sing N N 212 
LYS CE  HE3  sing N N 213 
LYS NZ  HZ1  sing N N 214 
LYS NZ  HZ2  sing N N 215 
LYS NZ  HZ3  sing N N 216 
LYS OXT HXT  sing N N 217 
MET N   CA   sing N N 218 
MET N   H    sing N N 219 
MET N   H2   sing N N 220 
MET CA  C    sing N N 221 
MET CA  CB   sing N N 222 
MET CA  HA   sing N N 223 
MET C   O    doub N N 224 
MET C   OXT  sing N N 225 
MET CB  CG   sing N N 226 
MET CB  HB2  sing N N 227 
MET CB  HB3  sing N N 228 
MET CG  SD   sing N N 229 
MET CG  HG2  sing N N 230 
MET CG  HG3  sing N N 231 
MET SD  CE   sing N N 232 
MET CE  HE1  sing N N 233 
MET CE  HE2  sing N N 234 
MET CE  HE3  sing N N 235 
MET OXT HXT  sing N N 236 
NAG C1  C2   sing N N 237 
NAG C1  O1   sing N N 238 
NAG C1  O5   sing N N 239 
NAG C1  H1   sing N N 240 
NAG C2  C3   sing N N 241 
NAG C2  N2   sing N N 242 
NAG C2  H2   sing N N 243 
NAG C3  C4   sing N N 244 
NAG C3  O3   sing N N 245 
NAG C3  H3   sing N N 246 
NAG C4  C5   sing N N 247 
NAG C4  O4   sing N N 248 
NAG C4  H4   sing N N 249 
NAG C5  C6   sing N N 250 
NAG C5  O5   sing N N 251 
NAG C5  H5   sing N N 252 
NAG C6  O6   sing N N 253 
NAG C6  H61  sing N N 254 
NAG C6  H62  sing N N 255 
NAG C7  C8   sing N N 256 
NAG C7  N2   sing N N 257 
NAG C7  O7   doub N N 258 
NAG C8  H81  sing N N 259 
NAG C8  H82  sing N N 260 
NAG C8  H83  sing N N 261 
NAG N2  HN2  sing N N 262 
NAG O1  HO1  sing N N 263 
NAG O3  HO3  sing N N 264 
NAG O4  HO4  sing N N 265 
NAG O6  HO6  sing N N 266 
NDG C1  C2   sing N N 267 
NDG C1  O5   sing N N 268 
NDG C1  O1   sing N N 269 
NDG C1  H1   sing N N 270 
NDG C2  C3   sing N N 271 
NDG C2  N2   sing N N 272 
NDG C2  H2   sing N N 273 
NDG C3  C4   sing N N 274 
NDG C3  O3   sing N N 275 
NDG C3  H3   sing N N 276 
NDG C4  C5   sing N N 277 
NDG C4  O4   sing N N 278 
NDG C4  H4   sing N N 279 
NDG C5  C6   sing N N 280 
NDG C5  O5   sing N N 281 
NDG C5  H5   sing N N 282 
NDG C6  O6   sing N N 283 
NDG C6  H61  sing N N 284 
NDG C6  H62  sing N N 285 
NDG C7  C8   sing N N 286 
NDG C7  O7   doub N N 287 
NDG C7  N2   sing N N 288 
NDG C8  H81  sing N N 289 
NDG C8  H82  sing N N 290 
NDG C8  H83  sing N N 291 
NDG O3  HO3  sing N N 292 
NDG O4  HO4  sing N N 293 
NDG O6  HO6  sing N N 294 
NDG N2  HN2  sing N N 295 
NDG O1  HO1  sing N N 296 
PHE N   CA   sing N N 297 
PHE N   H    sing N N 298 
PHE N   H2   sing N N 299 
PHE CA  C    sing N N 300 
PHE CA  CB   sing N N 301 
PHE CA  HA   sing N N 302 
PHE C   O    doub N N 303 
PHE C   OXT  sing N N 304 
PHE CB  CG   sing N N 305 
PHE CB  HB2  sing N N 306 
PHE CB  HB3  sing N N 307 
PHE CG  CD1  doub Y N 308 
PHE CG  CD2  sing Y N 309 
PHE CD1 CE1  sing Y N 310 
PHE CD1 HD1  sing N N 311 
PHE CD2 CE2  doub Y N 312 
PHE CD2 HD2  sing N N 313 
PHE CE1 CZ   doub Y N 314 
PHE CE1 HE1  sing N N 315 
PHE CE2 CZ   sing Y N 316 
PHE CE2 HE2  sing N N 317 
PHE CZ  HZ   sing N N 318 
PHE OXT HXT  sing N N 319 
PRO N   CA   sing N N 320 
PRO N   CD   sing N N 321 
PRO N   H    sing N N 322 
PRO CA  C    sing N N 323 
PRO CA  CB   sing N N 324 
PRO CA  HA   sing N N 325 
PRO C   O    doub N N 326 
PRO C   OXT  sing N N 327 
PRO CB  CG   sing N N 328 
PRO CB  HB2  sing N N 329 
PRO CB  HB3  sing N N 330 
PRO CG  CD   sing N N 331 
PRO CG  HG2  sing N N 332 
PRO CG  HG3  sing N N 333 
PRO CD  HD2  sing N N 334 
PRO CD  HD3  sing N N 335 
PRO OXT HXT  sing N N 336 
SER N   CA   sing N N 337 
SER N   H    sing N N 338 
SER N   H2   sing N N 339 
SER CA  C    sing N N 340 
SER CA  CB   sing N N 341 
SER CA  HA   sing N N 342 
SER C   O    doub N N 343 
SER C   OXT  sing N N 344 
SER CB  OG   sing N N 345 
SER CB  HB2  sing N N 346 
SER CB  HB3  sing N N 347 
SER OG  HG   sing N N 348 
SER OXT HXT  sing N N 349 
THR N   CA   sing N N 350 
THR N   H    sing N N 351 
THR N   H2   sing N N 352 
THR CA  C    sing N N 353 
THR CA  CB   sing N N 354 
THR CA  HA   sing N N 355 
THR C   O    doub N N 356 
THR C   OXT  sing N N 357 
THR CB  OG1  sing N N 358 
THR CB  CG2  sing N N 359 
THR CB  HB   sing N N 360 
THR OG1 HG1  sing N N 361 
THR CG2 HG21 sing N N 362 
THR CG2 HG22 sing N N 363 
THR CG2 HG23 sing N N 364 
THR OXT HXT  sing N N 365 
TRP N   CA   sing N N 366 
TRP N   H    sing N N 367 
TRP N   H2   sing N N 368 
TRP CA  C    sing N N 369 
TRP CA  CB   sing N N 370 
TRP CA  HA   sing N N 371 
TRP C   O    doub N N 372 
TRP C   OXT  sing N N 373 
TRP CB  CG   sing N N 374 
TRP CB  HB2  sing N N 375 
TRP CB  HB3  sing N N 376 
TRP CG  CD1  doub Y N 377 
TRP CG  CD2  sing Y N 378 
TRP CD1 NE1  sing Y N 379 
TRP CD1 HD1  sing N N 380 
TRP CD2 CE2  doub Y N 381 
TRP CD2 CE3  sing Y N 382 
TRP NE1 CE2  sing Y N 383 
TRP NE1 HE1  sing N N 384 
TRP CE2 CZ2  sing Y N 385 
TRP CE3 CZ3  doub Y N 386 
TRP CE3 HE3  sing N N 387 
TRP CZ2 CH2  doub Y N 388 
TRP CZ2 HZ2  sing N N 389 
TRP CZ3 CH2  sing Y N 390 
TRP CZ3 HZ3  sing N N 391 
TRP CH2 HH2  sing N N 392 
TRP OXT HXT  sing N N 393 
TYR N   CA   sing N N 394 
TYR N   H    sing N N 395 
TYR N   H2   sing N N 396 
TYR CA  C    sing N N 397 
TYR CA  CB   sing N N 398 
TYR CA  HA   sing N N 399 
TYR C   O    doub N N 400 
TYR C   OXT  sing N N 401 
TYR CB  CG   sing N N 402 
TYR CB  HB2  sing N N 403 
TYR CB  HB3  sing N N 404 
TYR CG  CD1  doub Y N 405 
TYR CG  CD2  sing Y N 406 
TYR CD1 CE1  sing Y N 407 
TYR CD1 HD1  sing N N 408 
TYR CD2 CE2  doub Y N 409 
TYR CD2 HD2  sing N N 410 
TYR CE1 CZ   doub Y N 411 
TYR CE1 HE1  sing N N 412 
TYR CE2 CZ   sing Y N 413 
TYR CE2 HE2  sing N N 414 
TYR CZ  OH   sing N N 415 
TYR OH  HH   sing N N 416 
TYR OXT HXT  sing N N 417 
VAL N   CA   sing N N 418 
VAL N   H    sing N N 419 
VAL N   H2   sing N N 420 
VAL CA  C    sing N N 421 
VAL CA  CB   sing N N 422 
VAL CA  HA   sing N N 423 
VAL C   O    doub N N 424 
VAL C   OXT  sing N N 425 
VAL CB  CG1  sing N N 426 
VAL CB  CG2  sing N N 427 
VAL CB  HB   sing N N 428 
VAL CG1 HG11 sing N N 429 
VAL CG1 HG12 sing N N 430 
VAL CG1 HG13 sing N N 431 
VAL CG2 HG21 sing N N 432 
VAL CG2 HG22 sing N N 433 
VAL CG2 HG23 sing N N 434 
VAL OXT HXT  sing N N 435 
# 
loop_
_pdbx_entity_branch_list.entity_id 
_pdbx_entity_branch_list.comp_id 
_pdbx_entity_branch_list.num 
_pdbx_entity_branch_list.hetero 
2 NDG 1 n 
2 NAG 2 n 
2 NAG 3 n 
2 NAG 4 n 
# 
_atom_sites.entry_id                    1LMQ 
_atom_sites.fract_transf_matrix[1][1]   0.00657734 
_atom_sites.fract_transf_matrix[1][2]   -0.01315789 
_atom_sites.fract_transf_matrix[1][3]   0.00331004 
_atom_sites.fract_transf_vector[1]      0.565986 
_atom_sites.fract_transf_matrix[2][1]   -0.00755726 
_atom_sites.fract_transf_matrix[2][2]   -0.01290329 
_atom_sites.fract_transf_matrix[2][3]   -0.00193363 
_atom_sites.fract_transf_vector[2]      0.763516 
_atom_sites.fract_transf_matrix[3][1]   0.00638785 
_atom_sites.fract_transf_matrix[3][2]   -0.00115255 
_atom_sites.fract_transf_matrix[3][3]   -0.01727476 
_atom_sites.fract_transf_vector[3]      0.375549 
# 
loop_
_atom_type.symbol 
C 
N 
O 
S 
# 
loop_
_atom_site.group_PDB 
_atom_site.id 
_atom_site.type_symbol 
_atom_site.label_atom_id 
_atom_site.label_alt_id 
_atom_site.label_comp_id 
_atom_site.label_asym_id 
_atom_site.label_entity_id 
_atom_site.label_seq_id 
_atom_site.pdbx_PDB_ins_code 
_atom_site.Cartn_x 
_atom_site.Cartn_y 
_atom_site.Cartn_z 
_atom_site.occupancy 
_atom_site.B_iso_or_equiv 
_atom_site.pdbx_formal_charge 
_atom_site.auth_seq_id 
_atom_site.auth_comp_id 
_atom_site.auth_asym_id 
_atom_site.auth_atom_id 
_atom_site.pdbx_PDB_model_num 
ATOM   1    N N   . LYS A 1 1   ? 11.307  4.101   7.259   1.00 18.91  ? 1   LYS A N   1 
ATOM   2    C CA  . LYS A 1 1   ? 10.630  4.428   8.517   1.00 15.84  ? 1   LYS A CA  1 
ATOM   3    C C   . LYS A 1 1   ? 9.600   3.399   8.932   1.00 14.48  ? 1   LYS A C   1 
ATOM   4    O O   . LYS A 1 1   ? 8.827   2.921   8.069   1.00 15.32  ? 1   LYS A O   1 
ATOM   5    C CB  . LYS A 1 1   ? 9.940   5.786   8.346   1.00 13.09  ? 1   LYS A CB  1 
ATOM   6    C CG  . LYS A 1 1   ? 9.091   6.230   9.555   1.00 18.15  ? 1   LYS A CG  1 
ATOM   7    C CD  . LYS A 1 1   ? 8.634   7.659   9.297   1.00 19.87  ? 1   LYS A CD  1 
ATOM   8    C CE  . LYS A 1 1   ? 7.567   8.194   10.201  1.00 23.07  ? 1   LYS A CE  1 
ATOM   9    N NZ  . LYS A 1 1   ? 8.101   8.483   11.537  1.00 24.67  ? 1   LYS A NZ  1 
ATOM   10   N N   . VAL A 1 2   ? 9.529   3.070   10.213  1.00 13.99  ? 2   VAL A N   1 
ATOM   11   C CA  . VAL A 1 2   ? 8.480   2.131   10.680  1.00 17.25  ? 2   VAL A CA  1 
ATOM   12   C C   . VAL A 1 2   ? 7.425   3.034   11.337  1.00 22.12  ? 2   VAL A C   1 
ATOM   13   O O   . VAL A 1 2   ? 7.722   3.601   12.397  1.00 18.88  ? 2   VAL A O   1 
ATOM   14   C CB  . VAL A 1 2   ? 8.940   1.011   11.601  1.00 18.95  ? 2   VAL A CB  1 
ATOM   15   C CG1 . VAL A 1 2   ? 7.728   0.180   11.984  1.00 18.59  ? 2   VAL A CG1 1 
ATOM   16   C CG2 . VAL A 1 2   ? 10.074  0.225   10.961  1.00 15.48  ? 2   VAL A CG2 1 
ATOM   17   N N   . TYR A 1 3   ? 6.288   3.201   10.694  1.00 17.21  ? 3   TYR A N   1 
ATOM   18   C CA  . TYR A 1 3   ? 5.226   4.055   11.229  1.00 13.52  ? 3   TYR A CA  1 
ATOM   19   C C   . TYR A 1 3   ? 4.503   3.418   12.401  1.00 13.68  ? 3   TYR A C   1 
ATOM   20   O O   . TYR A 1 3   ? 4.292   2.214   12.508  1.00 17.40  ? 3   TYR A O   1 
ATOM   21   C CB  . TYR A 1 3   ? 4.152   4.399   10.158  1.00 12.77  ? 3   TYR A CB  1 
ATOM   22   C CG  . TYR A 1 3   ? 4.580   5.520   9.255   1.00 13.20  ? 3   TYR A CG  1 
ATOM   23   C CD1 . TYR A 1 3   ? 5.551   5.357   8.268   1.00 13.77  ? 3   TYR A CD1 1 
ATOM   24   C CD2 . TYR A 1 3   ? 4.001   6.797   9.400   1.00 17.24  ? 3   TYR A CD2 1 
ATOM   25   C CE1 . TYR A 1 3   ? 5.947   6.417   7.446   1.00 14.23  ? 3   TYR A CE1 1 
ATOM   26   C CE2 . TYR A 1 3   ? 4.378   7.881   8.598   1.00 17.86  ? 3   TYR A CE2 1 
ATOM   27   C CZ  . TYR A 1 3   ? 5.359   7.669   7.618   1.00 16.82  ? 3   TYR A CZ  1 
ATOM   28   O OH  . TYR A 1 3   ? 5.763   8.674   6.799   1.00 20.05  ? 3   TYR A OH  1 
ATOM   29   N N   . ASP A 1 4   ? 4.036   4.281   13.266  1.00 16.13  ? 4   ASP A N   1 
ATOM   30   C CA  . ASP A 1 4   ? 3.178   3.976   14.408  1.00 21.35  ? 4   ASP A CA  1 
ATOM   31   C C   . ASP A 1 4   ? 1.801   3.874   13.737  1.00 12.27  ? 4   ASP A C   1 
ATOM   32   O O   . ASP A 1 4   ? 1.587   4.627   12.760  1.00 13.14  ? 4   ASP A O   1 
ATOM   33   C CB  . ASP A 1 4   ? 3.363   5.030   15.489  1.00 18.77  ? 4   ASP A CB  1 
ATOM   34   C CG  . ASP A 1 4   ? 2.130   5.177   16.338  1.00 30.13  ? 4   ASP A CG  1 
ATOM   35   O OD1 . ASP A 1 4   ? 2.109   4.363   17.289  1.00 41.19  ? 4   ASP A OD1 1 
ATOM   36   O OD2 . ASP A 1 4   ? 1.278   6.025   16.041  1.00 37.68  ? 4   ASP A OD2 1 
ATOM   37   N N   . ARG A 1 5   ? 0.921   3.053   14.216  1.00 13.90  ? 5   ARG A N   1 
ATOM   38   C CA  . ARG A 1 5   ? -0.419  2.859   13.642  1.00 18.45  ? 5   ARG A CA  1 
ATOM   39   C C   . ARG A 1 5   ? -1.218  4.154   13.515  1.00 23.06  ? 5   ARG A C   1 
ATOM   40   O O   . ARG A 1 5   ? -1.724  4.420   12.404  1.00 16.70  ? 5   ARG A O   1 
ATOM   41   C CB  . ARG A 1 5   ? -1.208  1.840   14.465  1.00 16.58  ? 5   ARG A CB  1 
ATOM   42   C CG  . ARG A 1 5   ? -2.625  1.587   13.951  1.00 15.80  ? 5   ARG A CG  1 
ATOM   43   C CD  . ARG A 1 5   ? -3.340  0.649   14.856  1.00 21.22  ? 5   ARG A CD  1 
ATOM   44   N NE  . ARG A 1 5   ? -3.376  1.075   16.250  1.00 24.53  ? 5   ARG A NE  1 
ATOM   45   C CZ  . ARG A 1 5   ? -4.354  1.771   16.831  1.00 17.84  ? 5   ARG A CZ  1 
ATOM   46   N NH1 . ARG A 1 5   ? -5.397  2.253   16.169  1.00 20.83  ? 5   ARG A NH1 1 
ATOM   47   N NH2 . ARG A 1 5   ? -4.247  1.980   18.146  1.00 22.69  ? 5   ARG A NH2 1 
ATOM   48   N N   . CYS A 1 6   ? -1.346  4.964   14.568  1.00 15.92  ? 6   CYS A N   1 
ATOM   49   C CA  . CYS A 1 6   ? -2.103  6.235   14.491  1.00 15.16  ? 6   CYS A CA  1 
ATOM   50   C C   . CYS A 1 6   ? -1.354  7.271   13.679  1.00 12.46  ? 6   CYS A C   1 
ATOM   51   O O   . CYS A 1 6   ? -1.982  8.094   12.999  1.00 14.65  ? 6   CYS A O   1 
ATOM   52   C CB  . CYS A 1 6   ? -2.458  6.736   15.902  1.00 17.67  ? 6   CYS A CB  1 
ATOM   53   S SG  . CYS A 1 6   ? -3.708  5.683   16.663  1.00 17.31  ? 6   CYS A SG  1 
ATOM   54   N N   . GLU A 1 7   ? -0.034  7.259   13.714  1.00 12.42  ? 7   GLU A N   1 
ATOM   55   C CA  . GLU A 1 7   ? 0.777   8.149   12.881  1.00 14.08  ? 7   GLU A CA  1 
ATOM   56   C C   . GLU A 1 7   ? 0.481   7.927   11.389  1.00 12.19  ? 7   GLU A C   1 
ATOM   57   O O   . GLU A 1 7   ? 0.310   8.891   10.595  1.00 13.13  ? 7   GLU A O   1 
ATOM   58   C CB  . GLU A 1 7   ? 2.237   7.933   13.191  1.00 13.79  ? 7   GLU A CB  1 
ATOM   59   C CG  . GLU A 1 7   ? 3.233   8.802   12.477  1.00 15.71  ? 7   GLU A CG  1 
ATOM   60   C CD  . GLU A 1 7   ? 4.668   8.378   12.693  1.00 24.22  ? 7   GLU A CD  1 
ATOM   61   O OE1 . GLU A 1 7   ? 4.984   7.268   13.088  1.00 20.97  ? 7   GLU A OE1 1 
ATOM   62   O OE2 . GLU A 1 7   ? 5.458   9.296   12.401  1.00 22.80  ? 7   GLU A OE2 1 
ATOM   63   N N   . LEU A 1 8   ? 0.403   6.654   11.029  1.00 11.60  ? 8   LEU A N   1 
ATOM   64   C CA  . LEU A 1 8   ? 0.064   6.269   9.653   1.00 10.70  ? 8   LEU A CA  1 
ATOM   65   C C   . LEU A 1 8   ? -1.376  6.693   9.359   1.00 12.04  ? 8   LEU A C   1 
ATOM   66   O O   . LEU A 1 8   ? -1.638  7.245   8.292   1.00 14.19  ? 8   LEU A O   1 
ATOM   67   C CB  . LEU A 1 8   ? 0.294   4.769   9.444   1.00 11.08  ? 8   LEU A CB  1 
ATOM   68   C CG  . LEU A 1 8   ? -0.077  4.264   8.047   1.00 15.76  ? 8   LEU A CG  1 
ATOM   69   C CD1 . LEU A 1 8   ? 0.842   4.900   7.020   1.00 15.04  ? 8   LEU A CD1 1 
ATOM   70   C CD2 . LEU A 1 8   ? 0.014   2.728   8.050   1.00 14.35  ? 8   LEU A CD2 1 
ATOM   71   N N   . ALA A 1 9   ? -2.290  6.414   10.295  1.00 13.21  ? 9   ALA A N   1 
ATOM   72   C CA  . ALA A 1 9   ? -3.719  6.778   10.083  1.00 11.75  ? 9   ALA A CA  1 
ATOM   73   C C   . ALA A 1 9   ? -3.825  8.273   9.817   1.00 16.76  ? 9   ALA A C   1 
ATOM   74   O O   . ALA A 1 9   ? -4.586  8.645   8.882   1.00 16.08  ? 9   ALA A O   1 
ATOM   75   C CB  . ALA A 1 9   ? -4.583  6.317   11.246  1.00 13.18  ? 9   ALA A CB  1 
ATOM   76   N N   . ARG A 1 10  ? -3.117  9.118   10.575  1.00 11.73  ? 10  ARG A N   1 
ATOM   77   C CA  . ARG A 1 10  ? -3.160  10.565  10.346  1.00 11.41  ? 10  ARG A CA  1 
ATOM   78   C C   . ARG A 1 10  ? -2.606  10.951  8.986   1.00 12.13  ? 10  ARG A C   1 
ATOM   79   O O   . ARG A 1 10  ? -3.226  11.804  8.309   1.00 13.17  ? 10  ARG A O   1 
ATOM   80   C CB  . ARG A 1 10  ? -2.407  11.297  11.476  1.00 11.24  ? 10  ARG A CB  1 
ATOM   81   C CG  . ARG A 1 10  ? -3.196  11.021  12.779  1.00 19.45  ? 10  ARG A CG  1 
ATOM   82   C CD  . ARG A 1 10  ? -2.788  11.867  13.929  1.00 34.45  ? 10  ARG A CD  1 
ATOM   83   N NE  . ARG A 1 10  ? -1.339  12.030  14.025  1.00 27.05  ? 10  ARG A NE  1 
ATOM   84   C CZ  . ARG A 1 10  ? -0.585  11.277  14.844  1.00 60.46  ? 10  ARG A CZ  1 
ATOM   85   N NH1 . ARG A 1 10  ? -1.187  10.521  15.764  1.00 29.13  ? 10  ARG A NH1 1 
ATOM   86   N NH2 . ARG A 1 10  ? 0.753   11.286  14.758  1.00 29.13  ? 10  ARG A NH2 1 
ATOM   87   N N   . ALA A 1 11  ? -1.465  10.390  8.593   1.00 13.39  ? 11  ALA A N   1 
ATOM   88   C CA  . ALA A 1 11  ? -0.842  10.689  7.285   1.00 11.65  ? 11  ALA A CA  1 
ATOM   89   C C   . ALA A 1 11  ? -1.781  10.241  6.151   1.00 15.05  ? 11  ALA A C   1 
ATOM   90   O O   . ALA A 1 11  ? -1.924  11.006  5.175   1.00 14.12  ? 11  ALA A O   1 
ATOM   91   C CB  . ALA A 1 11  ? 0.544   10.076  7.200   1.00 12.41  ? 11  ALA A CB  1 
ATOM   92   N N   . LEU A 1 12  ? -2.434  9.083   6.274   1.00 12.08  ? 12  LEU A N   1 
ATOM   93   C CA  . LEU A 1 12  ? -3.365  8.656   5.225   1.00 14.56  ? 12  LEU A CA  1 
ATOM   94   C C   . LEU A 1 12  ? -4.581  9.583   5.133   1.00 12.88  ? 12  LEU A C   1 
ATOM   95   O O   . LEU A 1 12  ? -5.010  9.913   4.017   1.00 14.67  ? 12  LEU A O   1 
ATOM   96   C CB  . LEU A 1 12  ? -3.754  7.177   5.463   1.00 11.39  ? 12  LEU A CB  1 
ATOM   97   C CG  . LEU A 1 12  ? -2.603  6.172   5.345   1.00 15.23  ? 12  LEU A CG  1 
ATOM   98   C CD1 . LEU A 1 12  ? -3.105  4.745   5.563   1.00 18.64  ? 12  LEU A CD1 1 
ATOM   99   C CD2 . LEU A 1 12  ? -1.940  6.344   3.970   1.00 19.85  ? 12  LEU A CD2 1 
ATOM   100  N N   . LYS A 1 13  ? -5.124  9.926   6.283   1.00 12.14  ? 13  LYS A N   1 
ATOM   101  C CA  . LYS A 1 13  ? -6.298  10.828  6.291   1.00 14.90  ? 13  LYS A CA  1 
ATOM   102  C C   . LYS A 1 13  ? -5.936  12.178  5.658   1.00 13.82  ? 13  LYS A C   1 
ATOM   103  O O   . LYS A 1 13  ? -6.685  12.734  4.850   1.00 15.32  ? 13  LYS A O   1 
ATOM   104  C CB  . LYS A 1 13  ? -6.818  10.987  7.699   1.00 16.45  ? 13  LYS A CB  1 
ATOM   105  C CG  . LYS A 1 13  ? -8.022  11.849  7.996   1.00 20.85  ? 13  LYS A CG  1 
ATOM   106  C CD  . LYS A 1 13  ? -9.297  11.518  7.274   1.00 61.09  ? 13  LYS A CD  1 
ATOM   107  C CE  . LYS A 1 13  ? -10.578 11.678  8.058   1.00 28.65  ? 13  LYS A CE  1 
ATOM   108  N NZ  . LYS A 1 13  ? -10.361 12.393  9.340   1.00 67.76  ? 13  LYS A NZ  1 
ATOM   109  N N   . ALA A 1 14  ? -4.784  12.717  5.999   1.00 14.28  ? 14  ALA A N   1 
ATOM   110  C CA  . ALA A 1 14  ? -4.296  14.008  5.494   1.00 13.82  ? 14  ALA A CA  1 
ATOM   111  C C   . ALA A 1 14  ? -4.167  13.971  3.988   1.00 16.31  ? 14  ALA A C   1 
ATOM   112  O O   . ALA A 1 14  ? -4.356  15.010  3.331   1.00 22.47  ? 14  ALA A O   1 
ATOM   113  C CB  . ALA A 1 14  ? -2.951  14.375  6.138   1.00 13.40  ? 14  ALA A CB  1 
ATOM   114  N N   . SER A 1 15  ? -3.829  12.814  3.441   1.00 16.48  ? 15  SER A N   1 
ATOM   115  C CA  . SER A 1 15  ? -3.608  12.622  1.991   1.00 16.36  ? 15  SER A CA  1 
ATOM   116  C C   . SER A 1 15  ? -4.821  12.198  1.171   1.00 16.85  ? 15  SER A C   1 
ATOM   117  O O   . SER A 1 15  ? -4.592  11.821  0.001   1.00 26.28  ? 15  SER A O   1 
ATOM   118  C CB  . SER A 1 15  ? -2.528  11.563  1.740   1.00 21.23  ? 15  SER A CB  1 
ATOM   119  O OG  . SER A 1 15  ? -1.340  11.974  2.367   1.00 32.13  ? 15  SER A OG  1 
ATOM   120  N N   . GLY A 1 16  ? -5.987  12.243  1.749   1.00 15.43  ? 16  GLY A N   1 
ATOM   121  C CA  . GLY A 1 16  ? -7.214  11.936  1.045   1.00 17.47  ? 16  GLY A CA  1 
ATOM   122  C C   . GLY A 1 16  ? -7.528  10.481  0.782   1.00 19.33  ? 16  GLY A C   1 
ATOM   123  O O   . GLY A 1 16  ? -8.362  10.228  -0.112  1.00 21.18  ? 16  GLY A O   1 
ATOM   124  N N   . MET A 1 17  ? -6.901  9.606   1.555   1.00 15.89  ? 17  MET A N   1 
ATOM   125  C CA  . MET A 1 17  ? -7.173  8.145   1.414   1.00 12.93  ? 17  MET A CA  1 
ATOM   126  C C   . MET A 1 17  ? -8.492  7.746   2.062   1.00 16.09  ? 17  MET A C   1 
ATOM   127  O O   . MET A 1 17  ? -9.002  6.659   1.727   1.00 16.81  ? 17  MET A O   1 
ATOM   128  C CB  . MET A 1 17  ? -6.075  7.250   1.991   1.00 12.04  ? 17  MET A CB  1 
ATOM   129  C CG  . MET A 1 17  ? -4.763  7.538   1.301   1.00 18.59  ? 17  MET A CG  1 
ATOM   130  S SD  . MET A 1 17  ? -4.850  6.904   -0.394  1.00 24.76  ? 17  MET A SD  1 
ATOM   131  C CE  . MET A 1 17  ? -4.152  5.261   -0.134  1.00 29.49  ? 17  MET A CE  1 
ATOM   132  N N   . ASP A 1 18  ? -9.058  8.538   2.968   1.00 16.50  ? 18  ASP A N   1 
ATOM   133  C CA  . ASP A 1 18  ? -10.307 8.124   3.631   1.00 13.26  ? 18  ASP A CA  1 
ATOM   134  C C   . ASP A 1 18  ? -11.472 8.243   2.636   1.00 21.68  ? 18  ASP A C   1 
ATOM   135  O O   . ASP A 1 18  ? -11.958 9.338   2.373   1.00 23.75  ? 18  ASP A O   1 
ATOM   136  C CB  . ASP A 1 18  ? -10.530 8.887   4.932   1.00 17.36  ? 18  ASP A CB  1 
ATOM   137  C CG  . ASP A 1 18  ? -11.676 8.253   5.722   1.00 27.10  ? 18  ASP A CG  1 
ATOM   138  O OD1 . ASP A 1 18  ? -12.179 7.133   5.504   1.00 21.78  ? 18  ASP A OD1 1 
ATOM   139  O OD2 . ASP A 1 18  ? -12.117 8.975   6.639   1.00 30.22  ? 18  ASP A OD2 1 
ATOM   140  N N   . GLY A 1 19  ? -11.862 7.071   2.113   1.00 18.37  ? 19  GLY A N   1 
ATOM   141  C CA  . GLY A 1 19  ? -12.958 7.024   1.137   1.00 18.86  ? 19  GLY A CA  1 
ATOM   142  C C   . GLY A 1 19  ? -12.464 7.035   -0.309  1.00 17.56  ? 19  GLY A C   1 
ATOM   143  O O   . GLY A 1 19  ? -13.313 7.061   -1.224  1.00 19.06  ? 19  GLY A O   1 
ATOM   144  N N   . TYR A 1 20  ? -11.154 6.968   -0.511  1.00 14.37  ? 20  TYR A N   1 
ATOM   145  C CA  . TYR A 1 20  ? -10.630 7.004   -1.890  1.00 13.44  ? 20  TYR A CA  1 
ATOM   146  C C   . TYR A 1 20  ? -11.178 5.813   -2.669  1.00 15.20  ? 20  TYR A C   1 
ATOM   147  O O   . TYR A 1 20  ? -10.979 4.673   -2.234  1.00 15.75  ? 20  TYR A O   1 
ATOM   148  C CB  . TYR A 1 20  ? -9.093  7.059   -1.901  1.00 13.65  ? 20  TYR A CB  1 
ATOM   149  C CG  . TYR A 1 20  ? -8.697  7.480   -3.317  1.00 13.57  ? 20  TYR A CG  1 
ATOM   150  C CD1 . TYR A 1 20  ? -8.692  8.824   -3.674  1.00 15.72  ? 20  TYR A CD1 1 
ATOM   151  C CD2 . TYR A 1 20  ? -8.374  6.524   -4.281  1.00 15.55  ? 20  TYR A CD2 1 
ATOM   152  C CE1 . TYR A 1 20  ? -8.362  9.204   -4.971  1.00 16.14  ? 20  TYR A CE1 1 
ATOM   153  C CE2 . TYR A 1 20  ? -8.031  6.864   -5.582  1.00 15.37  ? 20  TYR A CE2 1 
ATOM   154  C CZ  . TYR A 1 20  ? -8.042  8.226   -5.922  1.00 18.48  ? 20  TYR A CZ  1 
ATOM   155  O OH  . TYR A 1 20  ? -7.701  8.613   -7.189  1.00 22.33  ? 20  TYR A OH  1 
ATOM   156  N N   . ALA A 1 21  ? -11.856 6.071   -3.780  1.00 18.85  ? 21  ALA A N   1 
ATOM   157  C CA  . ALA A 1 21  ? -12.475 5.035   -4.620  1.00 15.85  ? 21  ALA A CA  1 
ATOM   158  C C   . ALA A 1 21  ? -13.409 4.144   -3.776  1.00 17.87  ? 21  ALA A C   1 
ATOM   159  O O   . ALA A 1 21  ? -13.597 2.930   -4.015  1.00 21.55  ? 21  ALA A O   1 
ATOM   160  C CB  . ALA A 1 21  ? -11.369 4.282   -5.348  1.00 16.87  ? 21  ALA A CB  1 
ATOM   161  N N   . GLY A 1 22  ? -14.013 4.749   -2.754  1.00 15.90  ? 22  GLY A N   1 
ATOM   162  C CA  . GLY A 1 22  ? -14.932 4.106   -1.825  1.00 19.35  ? 22  GLY A CA  1 
ATOM   163  C C   . GLY A 1 22  ? -14.355 3.223   -0.736  1.00 28.77  ? 22  GLY A C   1 
ATOM   164  O O   . GLY A 1 22  ? -15.068 2.391   -0.145  1.00 23.84  ? 22  GLY A O   1 
ATOM   165  N N   . ASN A 1 23  ? -13.078 3.353   -0.430  1.00 17.16  ? 23  ASN A N   1 
ATOM   166  C CA  . ASN A 1 23  ? -12.364 2.562   0.579   1.00 18.04  ? 23  ASN A CA  1 
ATOM   167  C C   . ASN A 1 23  ? -12.103 3.414   1.817   1.00 17.53  ? 23  ASN A C   1 
ATOM   168  O O   . ASN A 1 23  ? -11.258 4.332   1.723   1.00 17.56  ? 23  ASN A O   1 
ATOM   169  C CB  . ASN A 1 23  ? -11.065 2.005   -0.014  1.00 14.97  ? 23  ASN A CB  1 
ATOM   170  C CG  . ASN A 1 23  ? -11.357 1.123   -1.223  1.00 20.23  ? 23  ASN A CG  1 
ATOM   171  O OD1 . ASN A 1 23  ? -11.094 1.532   -2.358  1.00 23.15  ? 23  ASN A OD1 1 
ATOM   172  N ND2 . ASN A 1 23  ? -11.935 -0.025  -0.927  1.00 17.77  ? 23  ASN A ND2 1 
ATOM   173  N N   . SER A 1 24  ? -12.802 3.136   2.901   1.00 16.75  ? 24  SER A N   1 
ATOM   174  C CA  . SER A 1 24  ? -12.618 3.931   4.129   1.00 16.44  ? 24  SER A CA  1 
ATOM   175  C C   . SER A 1 24  ? -11.216 3.690   4.697   1.00 13.95  ? 24  SER A C   1 
ATOM   176  O O   . SER A 1 24  ? -10.582 2.669   4.439   1.00 13.76  ? 24  SER A O   1 
ATOM   177  C CB  . SER A 1 24  ? -13.704 3.619   5.149   1.00 16.00  ? 24  SER A CB  1 
ATOM   178  O OG  . SER A 1 24  ? -13.538 2.240   5.491   1.00 18.90  ? 24  SER A OG  1 
ATOM   179  N N   . LEU A 1 25  ? -10.779 4.663   5.495   1.00 16.03  ? 25  LEU A N   1 
ATOM   180  C CA  . LEU A 1 25  ? -9.461  4.640   6.134   1.00 13.77  ? 25  LEU A CA  1 
ATOM   181  C C   . LEU A 1 25  ? -9.030  3.334   6.788   1.00 14.20  ? 25  LEU A C   1 
ATOM   182  O O   . LEU A 1 25  ? -7.878  2.874   6.579   1.00 14.22  ? 25  LEU A O   1 
ATOM   183  C CB  . LEU A 1 25  ? -9.457  5.829   7.153   1.00 13.80  ? 25  LEU A CB  1 
ATOM   184  C CG  . LEU A 1 25  ? -8.081  6.106   7.768   1.00 15.40  ? 25  LEU A CG  1 
ATOM   185  C CD1 . LEU A 1 25  ? -7.080  6.535   6.698   1.00 16.53  ? 25  LEU A CD1 1 
ATOM   186  C CD2 . LEU A 1 25  ? -8.200  7.185   8.841   1.00 15.19  ? 25  LEU A CD2 1 
ATOM   187  N N   . PRO A 1 26  ? -9.878  2.734   7.604   1.00 15.41  ? 26  PRO A N   1 
ATOM   188  C CA  . PRO A 1 26  ? -9.524  1.474   8.285   1.00 15.29  ? 26  PRO A CA  1 
ATOM   189  C C   . PRO A 1 26  ? -9.040  0.380   7.329   1.00 12.29  ? 26  PRO A C   1 
ATOM   190  O O   . PRO A 1 26  ? -8.189  -0.470  7.682   1.00 12.64  ? 26  PRO A O   1 
ATOM   191  C CB  . PRO A 1 26  ? -10.767 1.112   9.088   1.00 19.66  ? 26  PRO A CB  1 
ATOM   192  C CG  . PRO A 1 26  ? -11.546 2.383   9.196   1.00 17.89  ? 26  PRO A CG  1 
ATOM   193  C CD  . PRO A 1 26  ? -11.239 3.202   7.950   1.00 15.52  ? 26  PRO A CD  1 
ATOM   194  N N   . ASN A 1 27  ? -9.559  0.397   6.113   1.00 13.57  ? 27  ASN A N   1 
ATOM   195  C CA  . ASN A 1 27  ? -9.156  -0.558  5.058   1.00 13.35  ? 27  ASN A CA  1 
ATOM   196  C C   . ASN A 1 27  ? -7.662  -0.440  4.754   1.00 9.87   ? 27  ASN A C   1 
ATOM   197  O O   . ASN A 1 27  ? -6.952  -1.439  4.687   1.00 11.58  ? 27  ASN A O   1 
ATOM   198  C CB  . ASN A 1 27  ? -9.971  -0.387  3.761   1.00 14.53  ? 27  ASN A CB  1 
ATOM   199  C CG  . ASN A 1 27  ? -11.334 -1.037  3.974   1.00 16.89  ? 27  ASN A CG  1 
ATOM   200  O OD1 . ASN A 1 27  ? -11.444 -2.271  3.940   1.00 17.19  ? 27  ASN A OD1 1 
ATOM   201  N ND2 . ASN A 1 27  ? -12.327 -0.220  4.254   1.00 20.57  ? 27  ASN A ND2 1 
ATOM   202  N N   . TRP A 1 28  ? -7.276  0.830   4.595   1.00 12.24  ? 28  TRP A N   1 
ATOM   203  C CA  . TRP A 1 28  ? -5.864  1.143   4.270   1.00 11.91  ? 28  TRP A CA  1 
ATOM   204  C C   . TRP A 1 28  ? -4.915  0.840   5.410   1.00 12.72  ? 28  TRP A C   1 
ATOM   205  O O   . TRP A 1 28  ? -3.792  0.418   5.135   1.00 11.70  ? 28  TRP A O   1 
ATOM   206  C CB  . TRP A 1 28  ? -5.743  2.609   3.848   1.00 11.14  ? 28  TRP A CB  1 
ATOM   207  C CG  . TRP A 1 28  ? -6.557  2.958   2.649   1.00 13.26  ? 28  TRP A CG  1 
ATOM   208  C CD1 . TRP A 1 28  ? -7.718  3.673   2.603   1.00 13.90  ? 28  TRP A CD1 1 
ATOM   209  C CD2 . TRP A 1 28  ? -6.254  2.572   1.290   1.00 13.89  ? 28  TRP A CD2 1 
ATOM   210  N NE1 . TRP A 1 28  ? -8.152  3.760   1.309   1.00 14.35  ? 28  TRP A NE1 1 
ATOM   211  C CE2 . TRP A 1 28  ? -7.278  3.124   0.484   1.00 14.39  ? 28  TRP A CE2 1 
ATOM   212  C CE3 . TRP A 1 28  ? -5.223  1.815   0.714   1.00 12.87  ? 28  TRP A CE3 1 
ATOM   213  C CZ2 . TRP A 1 28  ? -7.300  2.933   -0.899  1.00 17.79  ? 28  TRP A CZ2 1 
ATOM   214  C CZ3 . TRP A 1 28  ? -5.234  1.669   -0.671  1.00 16.32  ? 28  TRP A CZ3 1 
ATOM   215  C CH2 . TRP A 1 28  ? -6.247  2.215   -1.456  1.00 15.31  ? 28  TRP A CH2 1 
ATOM   216  N N   . VAL A 1 29  ? -5.324  1.103   6.655   1.00 14.95  ? 29  VAL A N   1 
ATOM   217  C CA  . VAL A 1 29  ? -4.448  0.826   7.817   1.00 12.42  ? 29  VAL A CA  1 
ATOM   218  C C   . VAL A 1 29  ? -4.286  -0.696  7.961   1.00 11.06  ? 29  VAL A C   1 
ATOM   219  O O   . VAL A 1 29  ? -3.177  -1.210  8.169   1.00 12.12  ? 29  VAL A O   1 
ATOM   220  C CB  . VAL A 1 29  ? -4.941  1.528   9.107   1.00 13.76  ? 29  VAL A CB  1 
ATOM   221  C CG1 . VAL A 1 29  ? -4.059  1.146   10.297  1.00 14.42  ? 29  VAL A CG1 1 
ATOM   222  C CG2 . VAL A 1 29  ? -5.071  3.020   8.901   1.00 13.24  ? 29  VAL A CG2 1 
ATOM   223  N N   . CYS A 1 30  ? -5.394  -1.423  7.831   1.00 12.56  ? 30  CYS A N   1 
ATOM   224  C CA  . CYS A 1 30  ? -5.378  -2.899  7.931   1.00 10.28  ? 30  CYS A CA  1 
ATOM   225  C C   . CYS A 1 30  ? -4.445  -3.476  6.875   1.00 11.24  ? 30  CYS A C   1 
ATOM   226  O O   . CYS A 1 30  ? -3.605  -4.334  7.218   1.00 14.63  ? 30  CYS A O   1 
ATOM   227  C CB  . CYS A 1 30  ? -6.817  -3.421  7.832   1.00 10.78  ? 30  CYS A CB  1 
ATOM   228  S SG  . CYS A 1 30  ? -6.870  -5.251  7.927   1.00 15.12  ? 30  CYS A SG  1 
ATOM   229  N N   . LEU A 1 31  ? -4.553  -3.048  5.615   1.00 12.54  ? 31  LEU A N   1 
ATOM   230  C CA  . LEU A 1 31  ? -3.675  -3.662  4.563   1.00 14.10  ? 31  LEU A CA  1 
ATOM   231  C C   . LEU A 1 31  ? -2.199  -3.323  4.815   1.00 10.27  ? 31  LEU A C   1 
ATOM   232  O O   . LEU A 1 31  ? -1.369  -4.201  4.555   1.00 13.19  ? 31  LEU A O   1 
ATOM   233  C CB  . LEU A 1 31  ? -4.228  -3.281  3.203   1.00 20.14  ? 31  LEU A CB  1 
ATOM   234  C CG  . LEU A 1 31  ? -3.826  -2.170  2.303   1.00 25.54  ? 31  LEU A CG  1 
ATOM   235  C CD1 . LEU A 1 31  ? -2.388  -2.219  1.795   1.00 14.38  ? 31  LEU A CD1 1 
ATOM   236  C CD2 . LEU A 1 31  ? -4.781  -2.214  1.072   1.00 21.24  ? 31  LEU A CD2 1 
ATOM   237  N N   . SER A 1 32  ? -1.923  -2.114  5.275   1.00 9.65   ? 32  SER A N   1 
ATOM   238  C CA  . SER A 1 32  ? -0.537  -1.698  5.574   1.00 13.01  ? 32  SER A CA  1 
ATOM   239  C C   . SER A 1 32  ? 0.058   -2.579  6.684   1.00 16.19  ? 32  SER A C   1 
ATOM   240  O O   . SER A 1 32  ? 1.185   -3.084  6.600   1.00 13.99  ? 32  SER A O   1 
ATOM   241  C CB  . SER A 1 32  ? -0.424  -0.233  5.985   1.00 11.82  ? 32  SER A CB  1 
ATOM   242  O OG  . SER A 1 32  ? -0.820  0.628   4.956   1.00 16.50  ? 32  SER A OG  1 
ATOM   243  N N   . LYS A 1 33  ? -0.720  -2.791  7.752   1.00 12.22  ? 33  LYS A N   1 
ATOM   244  C CA  . LYS A 1 33  ? -0.275  -3.653  8.847   1.00 12.02  ? 33  LYS A CA  1 
ATOM   245  C C   . LYS A 1 33  ? 0.090   -5.073  8.372   1.00 20.03  ? 33  LYS A C   1 
ATOM   246  O O   . LYS A 1 33  ? 1.191   -5.548  8.717   1.00 14.48  ? 33  LYS A O   1 
ATOM   247  C CB  . LYS A 1 33  ? -1.337  -3.758  9.953   1.00 15.16  ? 33  LYS A CB  1 
ATOM   248  C CG  . LYS A 1 33  ? -0.713  -4.584  11.106  1.00 17.58  ? 33  LYS A CG  1 
ATOM   249  C CD  . LYS A 1 33  ? -1.769  -5.455  11.736  1.00 35.69  ? 33  LYS A CD  1 
ATOM   250  C CE  . LYS A 1 33  ? -1.273  -6.019  13.059  1.00 86.12  ? 33  LYS A CE  1 
ATOM   251  N NZ  . LYS A 1 33  ? -0.280  -7.090  12.793  1.00 55.09  ? 33  LYS A NZ  1 
ATOM   252  N N   . TRP A 1 34  ? -0.771  -5.767  7.625   1.00 13.97  ? 34  TRP A N   1 
ATOM   253  C CA  . TRP A 1 34  ? -0.535  -7.144  7.184   1.00 11.79  ? 34  TRP A CA  1 
ATOM   254  C C   . TRP A 1 34  ? 0.454   -7.221  6.034   1.00 18.96  ? 34  TRP A C   1 
ATOM   255  O O   . TRP A 1 34  ? 1.176   -8.235  5.996   1.00 24.08  ? 34  TRP A O   1 
ATOM   256  C CB  . TRP A 1 34  ? -1.874  -7.796  6.814   1.00 11.87  ? 34  TRP A CB  1 
ATOM   257  C CG  . TRP A 1 34  ? -2.693  -7.884  8.047   1.00 12.22  ? 34  TRP A CG  1 
ATOM   258  C CD1 . TRP A 1 34  ? -3.742  -7.132  8.489   1.00 15.17  ? 34  TRP A CD1 1 
ATOM   259  C CD2 . TRP A 1 34  ? -2.467  -8.884  9.058   1.00 21.43  ? 34  TRP A CD2 1 
ATOM   260  N NE1 . TRP A 1 34  ? -4.183  -7.591  9.705   1.00 17.95  ? 34  TRP A NE1 1 
ATOM   261  C CE2 . TRP A 1 34  ? -3.426  -8.656  10.082  1.00 20.07  ? 34  TRP A CE2 1 
ATOM   262  C CE3 . TRP A 1 34  ? -1.554  -9.938  9.179   1.00 22.69  ? 34  TRP A CE3 1 
ATOM   263  C CZ2 . TRP A 1 34  ? -3.475  -9.473  11.204  1.00 43.14  ? 34  TRP A CZ2 1 
ATOM   264  C CZ3 . TRP A 1 34  ? -1.601  -10.729 10.308  1.00 36.97  ? 34  TRP A CZ3 1 
ATOM   265  C CH2 . TRP A 1 34  ? -2.546  -10.500 11.302  1.00 31.15  ? 34  TRP A CH2 1 
ATOM   266  N N   . GLU A 1 35  ? 0.487   -6.202  5.182   1.00 13.48  ? 35  GLU A N   1 
ATOM   267  C CA  . GLU A 1 35  ? 1.448   -6.250  4.063   1.00 12.86  ? 35  GLU A CA  1 
ATOM   268  C C   . GLU A 1 35  ? 2.888   -5.987  4.480   1.00 14.64  ? 35  GLU A C   1 
ATOM   269  O O   . GLU A 1 35  ? 3.794   -6.734  4.056   1.00 15.08  ? 35  GLU A O   1 
ATOM   270  C CB  . GLU A 1 35  ? 1.076   -5.231  2.974   1.00 12.24  ? 35  GLU A CB  1 
ATOM   271  C CG  . GLU A 1 35  ? -0.091  -5.563  2.042   1.00 13.59  ? 35  GLU A CG  1 
ATOM   272  C CD  . GLU A 1 35  ? 0.163   -6.719  1.102   1.00 19.58  ? 35  GLU A CD  1 
ATOM   273  O OE1 . GLU A 1 35  ? 1.205   -7.352  1.075   1.00 17.07  ? 35  GLU A OE1 1 
ATOM   274  O OE2 . GLU A 1 35  ? -0.805  -6.964  0.360   1.00 16.90  ? 35  GLU A OE2 1 
ATOM   275  N N   . SER A 1 36  ? 3.117   -4.957  5.277   1.00 13.35  ? 36  SER A N   1 
ATOM   276  C CA  . SER A 1 36  ? 4.485   -4.580  5.653   1.00 14.61  ? 36  SER A CA  1 
ATOM   277  C C   . SER A 1 36  ? 4.822   -4.347  7.110   1.00 15.87  ? 36  SER A C   1 
ATOM   278  O O   . SER A 1 36  ? 6.001   -3.993  7.368   1.00 14.86  ? 36  SER A O   1 
ATOM   279  C CB  . SER A 1 36  ? 4.755   -3.243  4.915   1.00 15.60  ? 36  SER A CB  1 
ATOM   280  O OG  . SER A 1 36  ? 3.894   -2.274  5.527   1.00 12.79  ? 36  SER A OG  1 
ATOM   281  N N   . SER A 1 37  ? 3.876   -4.496  8.025   1.00 13.52  ? 37  SER A N   1 
ATOM   282  C CA  . SER A 1 37  ? 4.064   -4.186  9.444   1.00 13.05  ? 37  SER A CA  1 
ATOM   283  C C   . SER A 1 37  ? 4.443   -2.708  9.581   1.00 15.68  ? 37  SER A C   1 
ATOM   284  O O   . SER A 1 37  ? 5.281   -2.347  10.426  1.00 16.92  ? 37  SER A O   1 
ATOM   285  C CB  . SER A 1 37  ? 5.142   -4.973  10.163  1.00 23.67  ? 37  SER A CB  1 
ATOM   286  O OG  . SER A 1 37  ? 4.932   -6.324  9.895   1.00 29.40  ? 37  SER A OG  1 
ATOM   287  N N   . TYR A 1 38  ? 3.870   -1.882  8.707   1.00 13.44  ? 38  TYR A N   1 
ATOM   288  C CA  . TYR A 1 38  ? 4.075   -0.434  8.705   1.00 14.13  ? 38  TYR A CA  1 
ATOM   289  C C   . TYR A 1 38  ? 5.487   0.061   8.382   1.00 11.91  ? 38  TYR A C   1 
ATOM   290  O O   . TYR A 1 38  ? 5.866   1.185   8.725   1.00 13.72  ? 38  TYR A O   1 
ATOM   291  C CB  . TYR A 1 38  ? 3.684   0.134   10.089  1.00 11.93  ? 38  TYR A CB  1 
ATOM   292  C CG  . TYR A 1 38  ? 2.310   -0.222  10.568  1.00 14.07  ? 38  TYR A CG  1 
ATOM   293  C CD1 . TYR A 1 38  ? 1.174   0.034   9.803   1.00 16.57  ? 38  TYR A CD1 1 
ATOM   294  C CD2 . TYR A 1 38  ? 2.135   -0.800  11.821  1.00 19.18  ? 38  TYR A CD2 1 
ATOM   295  C CE1 . TYR A 1 38  ? -0.113  -0.312  10.252  1.00 14.34  ? 38  TYR A CE1 1 
ATOM   296  C CE2 . TYR A 1 38  ? 0.858   -1.126  12.290  1.00 19.70  ? 38  TYR A CE2 1 
ATOM   297  C CZ  . TYR A 1 38  ? -0.257  -0.873  11.515  1.00 19.36  ? 38  TYR A CZ  1 
ATOM   298  O OH  . TYR A 1 38  ? -1.508  -1.171  11.993  1.00 21.63  ? 38  TYR A OH  1 
ATOM   299  N N   . ASN A 1 39  ? 6.248   -0.800  7.723   1.00 13.87  ? 39  ASN A N   1 
ATOM   300  C CA  . ASN A 1 39  ? 7.640   -0.461  7.382   1.00 16.49  ? 39  ASN A CA  1 
ATOM   301  C C   . ASN A 1 39  ? 7.735   0.026   5.939   1.00 13.13  ? 39  ASN A C   1 
ATOM   302  O O   . ASN A 1 39  ? 7.482   -0.800  5.030   1.00 13.33  ? 39  ASN A O   1 
ATOM   303  C CB  . ASN A 1 39  ? 8.511   -1.697  7.717   1.00 14.60  ? 39  ASN A CB  1 
ATOM   304  C CG  . ASN A 1 39  ? 10.000  -1.423  7.516   1.00 14.75  ? 39  ASN A CG  1 
ATOM   305  O OD1 . ASN A 1 39  ? 10.453  -0.327  7.220   1.00 14.12  ? 39  ASN A OD1 1 
ATOM   306  N ND2 . ASN A 1 39  ? 10.814  -2.444  7.697   1.00 16.78  ? 39  ASN A ND2 1 
ATOM   307  N N   . THR A 1 40  ? 8.095   1.298   5.738   1.00 11.19  ? 40  THR A N   1 
ATOM   308  C CA  . THR A 1 40  ? 8.244   1.795   4.354   1.00 14.40  ? 40  THR A CA  1 
ATOM   309  C C   . THR A 1 40  ? 9.392   1.107   3.589   1.00 11.86  ? 40  THR A C   1 
ATOM   310  O O   . THR A 1 40  ? 9.388   1.154   2.354   1.00 12.90  ? 40  THR A O   1 
ATOM   311  C CB  . THR A 1 40  ? 8.424   3.362   4.275   1.00 14.83  ? 40  THR A CB  1 
ATOM   312  O OG1 . THR A 1 40  ? 9.744   3.671   4.809   1.00 13.47  ? 40  THR A OG1 1 
ATOM   313  C CG2 . THR A 1 40  ? 7.324   4.126   5.005   1.00 13.49  ? 40  THR A CG2 1 
ATOM   314  N N   . GLN A 1 41  ? 10.342  0.457   4.266   1.00 12.29  ? 41  GLN A N   1 
ATOM   315  C CA  . GLN A 1 41  ? 11.488  -0.157  3.604   1.00 10.94  ? 41  GLN A CA  1 
ATOM   316  C C   . GLN A 1 41  ? 11.292  -1.640  3.336   1.00 16.53  ? 41  GLN A C   1 
ATOM   317  O O   . GLN A 1 41  ? 12.276  -2.265  2.873   1.00 19.91  ? 41  GLN A O   1 
ATOM   318  C CB  . GLN A 1 41  ? 12.775  0.047   4.436   1.00 13.36  ? 41  GLN A CB  1 
ATOM   319  C CG  . GLN A 1 41  ? 13.085  1.517   4.659   1.00 15.68  ? 41  GLN A CG  1 
ATOM   320  C CD  . GLN A 1 41  ? 14.486  1.764   5.179   1.00 12.33  ? 41  GLN A CD  1 
ATOM   321  O OE1 . GLN A 1 41  ? 14.748  2.014   6.349   1.00 17.82  ? 41  GLN A OE1 1 
ATOM   322  N NE2 . GLN A 1 41  ? 15.422  1.643   4.259   1.00 12.01  ? 41  GLN A NE2 1 
ATOM   323  N N   . ALA A 1 42  ? 10.110  -2.141  3.654   1.00 11.67  ? 42  ALA A N   1 
ATOM   324  C CA  . ALA A 1 42  ? 9.880   -3.579  3.394   1.00 15.75  ? 42  ALA A CA  1 
ATOM   325  C C   . ALA A 1 42  ? 10.004  -3.945  1.900   1.00 18.57  ? 42  ALA A C   1 
ATOM   326  O O   . ALA A 1 42  ? 9.494   -3.262  0.995   1.00 13.37  ? 42  ALA A O   1 
ATOM   327  C CB  . ALA A 1 42  ? 8.512   -4.026  3.901   1.00 12.04  ? 42  ALA A CB  1 
ATOM   328  N N   . THR A 1 43  ? 10.653  -5.071  1.621   1.00 16.88  ? 43  THR A N   1 
ATOM   329  C CA  . THR A 1 43  ? 10.808  -5.642  0.276   1.00 16.41  ? 43  THR A CA  1 
ATOM   330  C C   . THR A 1 43  ? 10.634  -7.165  0.383   1.00 15.98  ? 43  THR A C   1 
ATOM   331  O O   . THR A 1 43  ? 11.024  -7.814  1.351   1.00 20.06  ? 43  THR A O   1 
ATOM   332  C CB  . THR A 1 43  ? 12.135  -5.263  -0.489  1.00 19.31  ? 43  THR A CB  1 
ATOM   333  O OG1 . THR A 1 43  ? 13.216  -5.862  0.298   1.00 17.64  ? 43  THR A OG1 1 
ATOM   334  C CG2 . THR A 1 43  ? 12.282  -3.767  -0.711  1.00 12.21  ? 43  THR A CG2 1 
ATOM   335  N N   . ASN A 1 44  ? 10.011  -7.729  -0.623  1.00 15.65  ? 44  ASN A N   1 
ATOM   336  C CA  . ASN A 1 44  ? 9.726   -9.160  -0.701  1.00 17.42  ? 44  ASN A CA  1 
ATOM   337  C C   . ASN A 1 44  ? 9.848   -9.614  -2.153  1.00 19.20  ? 44  ASN A C   1 
ATOM   338  O O   . ASN A 1 44  ? 9.088   -9.147  -3.009  1.00 16.04  ? 44  ASN A O   1 
ATOM   339  C CB  . ASN A 1 44  ? 8.350   -9.437  -0.101  1.00 20.44  ? 44  ASN A CB  1 
ATOM   340  C CG  . ASN A 1 44  ? 7.867   -10.863 -0.291  1.00 52.46  ? 44  ASN A CG  1 
ATOM   341  O OD1 . ASN A 1 44  ? 8.382   -11.731 0.441   1.00 54.07  ? 44  ASN A OD1 1 
ATOM   342  N ND2 . ASN A 1 44  ? 6.949   -11.161 -1.214  1.00 34.01  ? 44  ASN A ND2 1 
ATOM   343  N N   . ARG A 1 45  ? 10.759  -10.521 -2.422  1.00 16.86  ? 45  ARG A N   1 
ATOM   344  C CA  . ARG A 1 45  ? 10.950  -11.040 -3.791  1.00 15.01  ? 45  ARG A CA  1 
ATOM   345  C C   . ARG A 1 45  ? 9.993   -12.187 -4.082  1.00 22.95  ? 45  ARG A C   1 
ATOM   346  O O   . ARG A 1 45  ? 9.789   -13.035 -3.184  1.00 28.04  ? 45  ARG A O   1 
ATOM   347  C CB  . ARG A 1 45  ? 12.407  -11.478 -4.012  1.00 21.58  ? 45  ARG A CB  1 
ATOM   348  C CG  . ARG A 1 45  ? 12.590  -11.954 -5.451  1.00 37.55  ? 45  ARG A CG  1 
ATOM   349  C CD  . ARG A 1 45  ? 13.309  -11.059 -6.369  1.00 34.72  ? 45  ARG A CD  1 
ATOM   350  N NE  . ARG A 1 45  ? 14.739  -11.361 -6.410  1.00 79.45  ? 45  ARG A NE  1 
ATOM   351  C CZ  . ARG A 1 45  ? 15.609  -10.901 -5.502  1.00 87.61  ? 45  ARG A CZ  1 
ATOM   352  N NH1 . ARG A 1 45  ? 15.239  -10.058 -4.537  1.00 75.03  ? 45  ARG A NH1 1 
ATOM   353  N NH2 . ARG A 1 45  ? 16.879  -11.301 -5.580  1.00 73.74  ? 45  ARG A NH2 1 
ATOM   354  N N   . ASN A 1 46  ? 9.424   -12.241 -5.274  1.00 28.68  ? 46  ASN A N   1 
ATOM   355  C CA  . ASN A 1 46  ? 8.483   -13.322 -5.645  1.00 28.33  ? 46  ASN A CA  1 
ATOM   356  C C   . ASN A 1 46  ? 9.175   -14.344 -6.557  1.00 40.51  ? 46  ASN A C   1 
ATOM   357  O O   . ASN A 1 46  ? 10.220  -14.037 -7.137  1.00 28.40  ? 46  ASN A O   1 
ATOM   358  C CB  . ASN A 1 46  ? 7.214   -12.747 -6.267  1.00 18.41  ? 46  ASN A CB  1 
ATOM   359  C CG  . ASN A 1 46  ? 6.479   -11.907 -5.229  1.00 23.31  ? 46  ASN A CG  1 
ATOM   360  O OD1 . ASN A 1 46  ? 6.236   -10.715 -5.454  1.00 32.38  ? 46  ASN A OD1 1 
ATOM   361  N ND2 . ASN A 1 46  ? 6.159   -12.481 -4.078  1.00 24.95  ? 46  ASN A ND2 1 
ATOM   362  N N   . THR A 1 47  ? 8.563   -15.504 -6.645  1.00 35.92  ? 47  THR A N   1 
ATOM   363  C CA  . THR A 1 47  ? 9.015   -16.654 -7.430  1.00 38.48  ? 47  THR A CA  1 
ATOM   364  C C   . THR A 1 47  ? 9.170   -16.340 -8.907  1.00 33.65  ? 47  THR A C   1 
ATOM   365  O O   . THR A 1 47  ? 9.983   -16.873 -9.660  1.00 46.50  ? 47  THR A O   1 
ATOM   366  C CB  . THR A 1 47  ? 8.021   -17.873 -7.285  1.00 32.44  ? 47  THR A CB  1 
ATOM   367  O OG1 . THR A 1 47  ? 6.930   -17.527 -8.202  1.00 91.61  ? 47  THR A OG1 1 
ATOM   368  C CG2 . THR A 1 47  ? 7.513   -18.133 -5.874  1.00 73.79  ? 47  THR A CG2 1 
ATOM   369  N N   . ASP A 1 48  ? 8.307   -15.428 -9.302  1.00 32.00  ? 48  ASP A N   1 
ATOM   370  C CA  . ASP A 1 48  ? 8.169   -14.891 -10.663 1.00 28.97  ? 48  ASP A CA  1 
ATOM   371  C C   . ASP A 1 48  ? 9.141   -13.776 -11.073 1.00 25.77  ? 48  ASP A C   1 
ATOM   372  O O   . ASP A 1 48  ? 9.004   -13.262 -12.212 1.00 34.11  ? 48  ASP A O   1 
ATOM   373  C CB  . ASP A 1 48  ? 6.693   -14.443 -10.782 1.00 39.22  ? 48  ASP A CB  1 
ATOM   374  C CG  . ASP A 1 48  ? 6.425   -13.059 -10.215 1.00 41.40  ? 48  ASP A CG  1 
ATOM   375  O OD1 . ASP A 1 48  ? 7.218   -12.508 -9.435  1.00 31.31  ? 48  ASP A OD1 1 
ATOM   376  O OD2 . ASP A 1 48  ? 5.373   -12.495 -10.596 1.00 89.28  ? 48  ASP A OD2 1 
ATOM   377  N N   . GLY A 1 49  ? 10.058  -13.356 -10.209 1.00 21.20  ? 49  GLY A N   1 
ATOM   378  C CA  . GLY A 1 49  ? 11.040  -12.329 -10.564 1.00 31.30  ? 49  GLY A CA  1 
ATOM   379  C C   . GLY A 1 49  ? 10.655  -10.918 -10.127 1.00 22.00  ? 49  GLY A C   1 
ATOM   380  O O   . GLY A 1 49  ? 11.506  -10.014 -10.184 1.00 25.38  ? 49  GLY A O   1 
ATOM   381  N N   . SER A 1 50  ? 9.409   -10.811 -9.721  1.00 20.15  ? 50  SER A N   1 
ATOM   382  C CA  . SER A 1 50  ? 8.912   -9.498  -9.260  1.00 17.89  ? 50  SER A CA  1 
ATOM   383  C C   . SER A 1 50  ? 9.256   -9.386  -7.772  1.00 15.65  ? 50  SER A C   1 
ATOM   384  O O   . SER A 1 50  ? 9.570   -10.347 -7.076  1.00 18.77  ? 50  SER A O   1 
ATOM   385  C CB  . SER A 1 50  ? 7.433   -9.337  -9.519  1.00 13.61  ? 50  SER A CB  1 
ATOM   386  O OG  . SER A 1 50  ? 6.709   -10.171 -8.617  1.00 16.80  ? 50  SER A OG  1 
ATOM   387  N N   . THR A 1 51  ? 9.177   -8.144  -7.322  1.00 16.08  ? 51  THR A N   1 
ATOM   388  C CA  . THR A 1 51  ? 9.438   -7.768  -5.933  1.00 14.20  ? 51  THR A CA  1 
ATOM   389  C C   . THR A 1 51  ? 8.317   -6.828  -5.478  1.00 14.52  ? 51  THR A C   1 
ATOM   390  O O   . THR A 1 51  ? 7.872   -6.023  -6.329  1.00 12.93  ? 51  THR A O   1 
ATOM   391  C CB  . THR A 1 51  ? 10.870  -7.137  -5.711  1.00 16.01  ? 51  THR A CB  1 
ATOM   392  O OG1 . THR A 1 51  ? 11.839  -8.124  -6.212  1.00 17.44  ? 51  THR A OG1 1 
ATOM   393  C CG2 . THR A 1 51  ? 11.214  -6.733  -4.263  1.00 11.03  ? 51  THR A CG2 1 
ATOM   394  N N   . ASP A 1 52  ? 7.937   -6.948  -4.216  1.00 13.39  ? 52  ASP A N   1 
ATOM   395  C CA  . ASP A 1 52  ? 6.926   -6.078  -3.595  1.00 12.07  ? 52  ASP A CA  1 
ATOM   396  C C   . ASP A 1 52  ? 7.690   -5.018  -2.782  1.00 13.14  ? 52  ASP A C   1 
ATOM   397  O O   . ASP A 1 52  ? 8.605   -5.322  -2.031  1.00 14.69  ? 52  ASP A O   1 
ATOM   398  C CB  . ASP A 1 52  ? 5.907   -6.783  -2.720  1.00 13.33  ? 52  ASP A CB  1 
ATOM   399  C CG  . ASP A 1 52  ? 5.255   -7.933  -3.506  1.00 17.92  ? 52  ASP A CG  1 
ATOM   400  O OD1 . ASP A 1 52  ? 4.939   -7.807  -4.687  1.00 19.37  ? 52  ASP A OD1 1 
ATOM   401  O OD2 . ASP A 1 52  ? 5.075   -8.958  -2.846  1.00 23.14  ? 52  ASP A OD2 1 
ATOM   402  N N   . TYR A 1 53  ? 7.272   -3.758  -2.946  1.00 13.10  ? 53  TYR A N   1 
ATOM   403  C CA  . TYR A 1 53  ? 7.914   -2.595  -2.337  1.00 11.67  ? 53  TYR A CA  1 
ATOM   404  C C   . TYR A 1 53  ? 7.098   -1.678  -1.439  1.00 12.73  ? 53  TYR A C   1 
ATOM   405  O O   . TYR A 1 53  ? 6.013   -1.228  -1.837  1.00 11.92  ? 53  TYR A O   1 
ATOM   406  C CB  . TYR A 1 53  ? 8.444   -1.671  -3.488  1.00 9.68   ? 53  TYR A CB  1 
ATOM   407  C CG  . TYR A 1 53  ? 9.539   -2.344  -4.294  1.00 12.77  ? 53  TYR A CG  1 
ATOM   408  C CD1 . TYR A 1 53  ? 9.259   -3.139  -5.403  1.00 11.68  ? 53  TYR A CD1 1 
ATOM   409  C CD2 . TYR A 1 53  ? 10.885  -2.155  -3.916  1.00 19.51  ? 53  TYR A CD2 1 
ATOM   410  C CE1 . TYR A 1 53  ? 10.284  -3.742  -6.138  1.00 10.93  ? 53  TYR A CE1 1 
ATOM   411  C CE2 . TYR A 1 53  ? 11.929  -2.741  -4.643  1.00 16.03  ? 53  TYR A CE2 1 
ATOM   412  C CZ  . TYR A 1 53  ? 11.606  -3.555  -5.746  1.00 15.96  ? 53  TYR A CZ  1 
ATOM   413  O OH  . TYR A 1 53  ? 12.579  -4.171  -6.486  1.00 15.59  ? 53  TYR A OH  1 
ATOM   414  N N   . GLY A 1 54  ? 7.678   -1.384  -0.289  1.00 11.97  ? 54  GLY A N   1 
ATOM   415  C CA  . GLY A 1 54  ? 7.100   -0.395  0.614   1.00 11.64  ? 54  GLY A CA  1 
ATOM   416  C C   . GLY A 1 54  ? 5.999   -0.834  1.552   1.00 11.54  ? 54  GLY A C   1 
ATOM   417  O O   . GLY A 1 54  ? 5.707   -2.023  1.742   1.00 11.44  ? 54  GLY A O   1 
ATOM   418  N N   . ILE A 1 55  ? 5.421   0.234   2.115   1.00 13.28  ? 55  ILE A N   1 
ATOM   419  C CA  . ILE A 1 55  ? 4.351   0.066   3.118   1.00 12.13  ? 55  ILE A CA  1 
ATOM   420  C C   . ILE A 1 55  ? 3.126   -0.694  2.573   1.00 18.66  ? 55  ILE A C   1 
ATOM   421  O O   . ILE A 1 55  ? 2.465   -1.415  3.332   1.00 16.43  ? 55  ILE A O   1 
ATOM   422  C CB  . ILE A 1 55  ? 4.020   1.477   3.745   1.00 12.31  ? 55  ILE A CB  1 
ATOM   423  C CG1 . ILE A 1 55  ? 3.471   1.183   5.164   1.00 13.47  ? 55  ILE A CG1 1 
ATOM   424  C CG2 . ILE A 1 55  ? 3.105   2.359   2.868   1.00 12.43  ? 55  ILE A CG2 1 
ATOM   425  C CD1 . ILE A 1 55  ? 3.565   2.380   6.149   1.00 16.14  ? 55  ILE A CD1 1 
ATOM   426  N N   . PHE A 1 56  ? 2.852   -0.447  1.288   1.00 12.65  ? 56  PHE A N   1 
ATOM   427  C CA  . PHE A 1 56  ? 1.718   -1.076  0.589   1.00 11.33  ? 56  PHE A CA  1 
ATOM   428  C C   . PHE A 1 56  ? 2.153   -2.301  -0.218  1.00 15.93  ? 56  PHE A C   1 
ATOM   429  O O   . PHE A 1 56  ? 1.301   -2.906  -0.901  1.00 16.19  ? 56  PHE A O   1 
ATOM   430  C CB  . PHE A 1 56  ? 0.992   -0.102  -0.351  1.00 11.45  ? 56  PHE A CB  1 
ATOM   431  C CG  . PHE A 1 56  ? 0.558   1.171   0.316   1.00 13.37  ? 56  PHE A CG  1 
ATOM   432  C CD1 . PHE A 1 56  ? -0.286  1.094   1.439   1.00 20.32  ? 56  PHE A CD1 1 
ATOM   433  C CD2 . PHE A 1 56  ? 0.995   2.403   -0.152  1.00 13.80  ? 56  PHE A CD2 1 
ATOM   434  C CE1 . PHE A 1 56  ? -0.708  2.270   2.075   1.00 20.84  ? 56  PHE A CE1 1 
ATOM   435  C CE2 . PHE A 1 56  ? 0.588   3.586   0.465   1.00 15.33  ? 56  PHE A CE2 1 
ATOM   436  C CZ  . PHE A 1 56  ? -0.256  3.518   1.570   1.00 14.98  ? 56  PHE A CZ  1 
ATOM   437  N N   . GLN A 1 57  ? 3.430   -2.637  -0.189  1.00 11.27  ? 57  GLN A N   1 
ATOM   438  C CA  . GLN A 1 57  ? 3.945   -3.804  -0.927  1.00 13.88  ? 57  GLN A CA  1 
ATOM   439  C C   . GLN A 1 57  ? 3.448   -3.837  -2.379  1.00 13.86  ? 57  GLN A C   1 
ATOM   440  O O   . GLN A 1 57  ? 2.852   -4.810  -2.852  1.00 14.49  ? 57  GLN A O   1 
ATOM   441  C CB  . GLN A 1 57  ? 3.607   -5.105  -0.157  1.00 12.60  ? 57  GLN A CB  1 
ATOM   442  C CG  . GLN A 1 57  ? 4.375   -5.180  1.182   1.00 11.37  ? 57  GLN A CG  1 
ATOM   443  C CD  . GLN A 1 57  ? 5.804   -5.567  0.892   1.00 15.05  ? 57  GLN A CD  1 
ATOM   444  O OE1 . GLN A 1 57  ? 6.141   -6.690  0.577   1.00 14.80  ? 57  GLN A OE1 1 
ATOM   445  N NE2 . GLN A 1 57  ? 6.671   -4.550  0.922   1.00 14.42  ? 57  GLN A NE2 1 
ATOM   446  N N   . ILE A 1 58  ? 3.697   -2.751  -3.084  1.00 11.33  ? 58  ILE A N   1 
ATOM   447  C CA  . ILE A 1 58  ? 3.354   -2.609  -4.518  1.00 12.90  ? 58  ILE A CA  1 
ATOM   448  C C   . ILE A 1 58  ? 4.354   -3.412  -5.355  1.00 11.12  ? 58  ILE A C   1 
ATOM   449  O O   . ILE A 1 58  ? 5.589   -3.358  -5.269  1.00 13.50  ? 58  ILE A O   1 
ATOM   450  C CB  . ILE A 1 58  ? 3.240   -1.100  -4.904  1.00 14.92  ? 58  ILE A CB  1 
ATOM   451  C CG1 . ILE A 1 58  ? 1.991   -0.529  -4.160  1.00 16.84  ? 58  ILE A CG1 1 
ATOM   452  C CG2 . ILE A 1 58  ? 3.217   -0.855  -6.440  1.00 11.57  ? 58  ILE A CG2 1 
ATOM   453  C CD1 . ILE A 1 58  ? 1.910   1.012   -4.168  1.00 19.12  ? 58  ILE A CD1 1 
ATOM   454  N N   . ASN A 1 59  ? 3.782   -4.210  -6.262  1.00 13.00  ? 59  ASN A N   1 
ATOM   455  C CA  . ASN A 1 59  ? 4.489   -5.178  -7.113  1.00 12.53  ? 59  ASN A CA  1 
ATOM   456  C C   . ASN A 1 59  ? 5.065   -4.587  -8.391  1.00 12.06  ? 59  ASN A C   1 
ATOM   457  O O   . ASN A 1 59  ? 4.419   -3.816  -9.117  1.00 14.97  ? 59  ASN A O   1 
ATOM   458  C CB  . ASN A 1 59  ? 3.519   -6.365  -7.359  1.00 17.09  ? 59  ASN A CB  1 
ATOM   459  C CG  . ASN A 1 59  ? 4.232   -7.484  -8.123  1.00 18.94  ? 59  ASN A CG  1 
ATOM   460  O OD1 . ASN A 1 59  ? 4.211   -7.533  -9.374  1.00 18.56  ? 59  ASN A OD1 1 
ATOM   461  N ND2 . ASN A 1 59  ? 4.864   -8.340  -7.314  1.00 16.08  ? 59  ASN A ND2 1 
ATOM   462  N N   . SER A 1 60  ? 6.328   -4.965  -8.621  1.00 13.98  ? 60  SER A N   1 
ATOM   463  C CA  . SER A 1 60  ? 7.139   -4.469  -9.747  1.00 13.80  ? 60  SER A CA  1 
ATOM   464  C C   . SER A 1 60  ? 6.778   -5.049  -11.116 1.00 16.15  ? 60  SER A C   1 
ATOM   465  O O   . SER A 1 60  ? 7.344   -4.563  -12.113 1.00 15.52  ? 60  SER A O   1 
ATOM   466  C CB  . SER A 1 60  ? 8.632   -4.717  -9.490  1.00 12.15  ? 60  SER A CB  1 
ATOM   467  O OG  . SER A 1 60  ? 8.934   -6.109  -9.416  1.00 15.26  ? 60  SER A OG  1 
ATOM   468  N N   . ARG A 1 61  ? 5.902   -6.060  -11.158 1.00 16.95  ? 61  ARG A N   1 
ATOM   469  C CA  . ARG A 1 61  ? 5.505   -6.554  -12.485 1.00 15.19  ? 61  ARG A CA  1 
ATOM   470  C C   . ARG A 1 61  ? 4.632   -5.540  -13.230 1.00 19.54  ? 61  ARG A C   1 
ATOM   471  O O   . ARG A 1 61  ? 4.688   -5.378  -14.455 1.00 20.15  ? 61  ARG A O   1 
ATOM   472  C CB  . ARG A 1 61  ? 4.721   -7.851  -12.434 1.00 19.26  ? 61  ARG A CB  1 
ATOM   473  C CG  . ARG A 1 61  ? 4.612   -8.275  -13.923 1.00 25.34  ? 61  ARG A CG  1 
ATOM   474  C CD  . ARG A 1 61  ? 5.015   -9.715  -13.958 1.00 50.30  ? 61  ARG A CD  1 
ATOM   475  N NE  . ARG A 1 61  ? 3.766   -10.471 -14.059 1.00 75.26  ? 61  ARG A NE  1 
ATOM   476  C CZ  . ARG A 1 61  ? 3.204   -10.596 -15.278 1.00 96.02  ? 61  ARG A CZ  1 
ATOM   477  N NH1 . ARG A 1 61  ? 3.626   -9.922  -16.348 1.00 99.96  ? 61  ARG A NH1 1 
ATOM   478  N NH2 . ARG A 1 61  ? 2.189   -11.455 -15.365 1.00 99.95  ? 61  ARG A NH2 1 
ATOM   479  N N   . TYR A 1 62  ? 3.776   -4.839  -12.461 1.00 17.56  ? 62  TYR A N   1 
ATOM   480  C CA  . TYR A 1 62  ? 2.908   -3.848  -13.094 1.00 14.61  ? 62  TYR A CA  1 
ATOM   481  C C   . TYR A 1 62  ? 3.070   -2.385  -12.759 1.00 17.02  ? 62  TYR A C   1 
ATOM   482  O O   . TYR A 1 62  ? 2.743   -1.554  -13.633 1.00 19.63  ? 62  TYR A O   1 
ATOM   483  C CB  . TYR A 1 62  ? 1.412   -4.140  -12.715 1.00 19.46  ? 62  TYR A CB  1 
ATOM   484  C CG  . TYR A 1 62  ? 1.060   -5.583  -13.048 1.00 25.83  ? 62  TYR A CG  1 
ATOM   485  C CD1 . TYR A 1 62  ? 0.605   -5.955  -14.304 1.00 38.70  ? 62  TYR A CD1 1 
ATOM   486  C CD2 . TYR A 1 62  ? 1.221   -6.562  -12.060 1.00 29.96  ? 62  TYR A CD2 1 
ATOM   487  C CE1 . TYR A 1 62  ? 0.313   -7.296  -14.590 1.00 32.49  ? 62  TYR A CE1 1 
ATOM   488  C CE2 . TYR A 1 62  ? 0.935   -7.897  -12.336 1.00 46.66  ? 62  TYR A CE2 1 
ATOM   489  C CZ  . TYR A 1 62  ? 0.475   -8.259  -13.603 1.00 37.04  ? 62  TYR A CZ  1 
ATOM   490  O OH  . TYR A 1 62  ? 0.169   -9.574  -13.875 1.00 76.06  ? 62  TYR A OH  1 
ATOM   491  N N   . TRP A 1 63  ? 3.476   -2.081  -11.526 1.00 13.09  ? 63  TRP A N   1 
ATOM   492  C CA  . TRP A 1 63  ? 3.402   -0.668  -11.121 1.00 11.86  ? 63  TRP A CA  1 
ATOM   493  C C   . TRP A 1 63  ? 4.654   0.159   -11.105 1.00 14.61  ? 63  TRP A C   1 
ATOM   494  O O   . TRP A 1 63  ? 4.416   1.383   -11.201 1.00 14.03  ? 63  TRP A O   1 
ATOM   495  C CB  . TRP A 1 63  ? 2.740   -0.659  -9.681  1.00 10.86  ? 63  TRP A CB  1 
ATOM   496  C CG  . TRP A 1 63  ? 1.477   -1.474  -9.679  1.00 14.37  ? 63  TRP A CG  1 
ATOM   497  C CD1 . TRP A 1 63  ? 1.272   -2.718  -9.137  1.00 11.32  ? 63  TRP A CD1 1 
ATOM   498  C CD2 . TRP A 1 63  ? 0.237   -1.081  -10.301 1.00 12.57  ? 63  TRP A CD2 1 
ATOM   499  N NE1 . TRP A 1 63  ? -0.021  -3.132  -9.354  1.00 13.81  ? 63  TRP A NE1 1 
ATOM   500  C CE2 . TRP A 1 63  ? -0.666  -2.143  -10.069 1.00 13.03  ? 63  TRP A CE2 1 
ATOM   501  C CE3 . TRP A 1 63  ? -0.181  0.044   -11.025 1.00 15.04  ? 63  TRP A CE3 1 
ATOM   502  C CZ2 . TRP A 1 63  ? -1.985  -2.119  -10.558 1.00 15.32  ? 63  TRP A CZ2 1 
ATOM   503  C CZ3 . TRP A 1 63  ? -1.501  0.070   -11.495 1.00 18.21  ? 63  TRP A CZ3 1 
ATOM   504  C CH2 . TRP A 1 63  ? -2.386  -0.992  -11.255 1.00 13.22  ? 63  TRP A CH2 1 
ATOM   505  N N   . CYS A 1 64  ? 5.827   -0.400  -10.924 1.00 15.97  ? 64  CYS A N   1 
ATOM   506  C CA  . CYS A 1 64  ? 7.030   0.456   -10.817 1.00 14.12  ? 64  CYS A CA  1 
ATOM   507  C C   . CYS A 1 64  ? 8.210   -0.227  -11.502 1.00 17.34  ? 64  CYS A C   1 
ATOM   508  O O   . CYS A 1 64  ? 8.142   -1.464  -11.650 1.00 14.78  ? 64  CYS A O   1 
ATOM   509  C CB  . CYS A 1 64  ? 7.288   0.752   -9.337  1.00 13.99  ? 64  CYS A CB  1 
ATOM   510  S SG  . CYS A 1 64  ? 7.663   -0.715  -8.312  1.00 13.35  ? 64  CYS A SG  1 
ATOM   511  N N   . ASP A 1 65  ? 9.224   0.577   -11.833 1.00 14.40  ? 65  ASP A N   1 
ATOM   512  C CA  . ASP A 1 65  ? 10.399  -0.041  -12.471 1.00 14.42  ? 65  ASP A CA  1 
ATOM   513  C C   . ASP A 1 65  ? 11.527  -0.368  -11.496 1.00 13.55  ? 65  ASP A C   1 
ATOM   514  O O   . ASP A 1 65  ? 12.004  0.581   -10.832 1.00 14.27  ? 65  ASP A O   1 
ATOM   515  C CB  . ASP A 1 65  ? 10.819  0.957   -13.563 1.00 14.82  ? 65  ASP A CB  1 
ATOM   516  C CG  . ASP A 1 65  ? 12.128  0.477   -14.196 1.00 29.04  ? 65  ASP A CG  1 
ATOM   517  O OD1 . ASP A 1 65  ? 12.276  -0.740  -14.432 1.00 25.83  ? 65  ASP A OD1 1 
ATOM   518  O OD2 . ASP A 1 65  ? 13.008  1.307   -14.409 1.00 38.85  ? 65  ASP A OD2 1 
ATOM   519  N N   . ASP A 1 66  ? 11.926  -1.633  -11.392 1.00 13.18  ? 66  ASP A N   1 
ATOM   520  C CA  . ASP A 1 66  ? 13.083  -1.945  -10.500 1.00 15.48  ? 66  ASP A CA  1 
ATOM   521  C C   . ASP A 1 66  ? 14.275  -2.452  -11.349 1.00 17.69  ? 66  ASP A C   1 
ATOM   522  O O   . ASP A 1 66  ? 15.274  -2.902  -10.753 1.00 18.87  ? 66  ASP A O   1 
ATOM   523  C CB  . ASP A 1 66  ? 12.715  -2.887  -9.378  1.00 10.81  ? 66  ASP A CB  1 
ATOM   524  C CG  . ASP A 1 66  ? 12.427  -4.327  -9.752  1.00 13.34  ? 66  ASP A CG  1 
ATOM   525  O OD1 . ASP A 1 66  ? 12.492  -4.669  -10.953 1.00 16.38  ? 66  ASP A OD1 1 
ATOM   526  O OD2 . ASP A 1 66  ? 12.129  -5.129  -8.832  1.00 15.81  ? 66  ASP A OD2 1 
ATOM   527  N N   . GLY A 1 67  ? 14.195  -2.383  -12.659 1.00 14.31  ? 67  GLY A N   1 
ATOM   528  C CA  . GLY A 1 67  ? 15.242  -2.777  -13.565 1.00 15.76  ? 67  GLY A CA  1 
ATOM   529  C C   . GLY A 1 67  ? 15.576  -4.241  -13.639 1.00 21.48  ? 67  GLY A C   1 
ATOM   530  O O   . GLY A 1 67  ? 16.503  -4.604  -14.409 1.00 22.63  ? 67  GLY A O   1 
ATOM   531  N N   . ARG A 1 68  ? 14.885  -5.113  -12.930 1.00 17.55  ? 68  ARG A N   1 
ATOM   532  C CA  . ARG A 1 68  ? 15.186  -6.563  -12.968 1.00 18.43  ? 68  ARG A CA  1 
ATOM   533  C C   . ARG A 1 68  ? 13.952  -7.457  -13.057 1.00 20.52  ? 68  ARG A C   1 
ATOM   534  O O   . ARG A 1 68  ? 14.043  -8.687  -12.776 1.00 27.05  ? 68  ARG A O   1 
ATOM   535  C CB  . ARG A 1 68  ? 16.026  -6.960  -11.735 1.00 16.62  ? 68  ARG A CB  1 
ATOM   536  C CG  . ARG A 1 68  ? 15.240  -6.819  -10.434 1.00 18.44  ? 68  ARG A CG  1 
ATOM   537  C CD  . ARG A 1 68  ? 16.022  -7.387  -9.299  1.00 18.66  ? 68  ARG A CD  1 
ATOM   538  N NE  . ARG A 1 68  ? 15.180  -7.666  -8.140  1.00 23.01  ? 68  ARG A NE  1 
ATOM   539  C CZ  . ARG A 1 68  ? 15.657  -7.903  -6.905  1.00 50.78  ? 68  ARG A CZ  1 
ATOM   540  N NH1 . ARG A 1 68  ? 16.988  -7.903  -6.722  1.00 21.56  ? 68  ARG A NH1 1 
ATOM   541  N NH2 . ARG A 1 68  ? 14.853  -8.159  -5.850  1.00 19.60  ? 68  ARG A NH2 1 
ATOM   542  N N   . THR A 1 69  ? 12.824  -6.833  -13.422 1.00 15.42  ? 69  THR A N   1 
ATOM   543  C CA  . THR A 1 69  ? 11.595  -7.612  -13.514 1.00 20.67  ? 69  THR A CA  1 
ATOM   544  C C   . THR A 1 69  ? 11.207  -7.851  -14.992 1.00 16.63  ? 69  THR A C   1 
ATOM   545  O O   . THR A 1 69  ? 10.983  -6.905  -15.735 1.00 22.83  ? 69  THR A O   1 
ATOM   546  C CB  . THR A 1 69  ? 10.351  -7.029  -12.728 1.00 20.18  ? 69  THR A CB  1 
ATOM   547  O OG1 . THR A 1 69  ? 10.856  -6.733  -11.404 1.00 15.37  ? 69  THR A OG1 1 
ATOM   548  C CG2 . THR A 1 69  ? 9.156   -7.996  -12.692 1.00 17.54  ? 69  THR A CG2 1 
ATOM   549  N N   . PRO A 1 70  ? 11.125  -9.147  -15.269 1.00 28.71  ? 70  PRO A N   1 
ATOM   550  C CA  . PRO A 1 70  ? 10.695  -9.626  -16.580 1.00 32.22  ? 70  PRO A CA  1 
ATOM   551  C C   . PRO A 1 70  ? 9.252   -9.226  -16.851 1.00 20.02  ? 70  PRO A C   1 
ATOM   552  O O   . PRO A 1 70  ? 8.342   -9.416  -16.008 1.00 26.70  ? 70  PRO A O   1 
ATOM   553  C CB  . PRO A 1 70  ? 10.923  -11.129 -16.524 1.00 51.51  ? 70  PRO A CB  1 
ATOM   554  C CG  . PRO A 1 70  ? 10.828  -11.500 -15.066 1.00 47.70  ? 70  PRO A CG  1 
ATOM   555  C CD  . PRO A 1 70  ? 11.364  -10.275 -14.333 1.00 24.94  ? 70  PRO A CD  1 
ATOM   556  N N   . GLY A 1 71  ? 9.042   -8.641  -18.015 1.00 26.20  ? 71  GLY A N   1 
ATOM   557  C CA  . GLY A 1 71  ? 7.742   -8.194  -18.500 1.00 39.04  ? 71  GLY A CA  1 
ATOM   558  C C   . GLY A 1 71  ? 7.024   -7.144  -17.675 1.00 31.44  ? 71  GLY A C   1 
ATOM   559  O O   . GLY A 1 71  ? 5.790   -7.222  -17.534 1.00 51.71  ? 71  GLY A O   1 
ATOM   560  N N   . ALA A 1 72  ? 7.774   -6.186  -17.170 1.00 26.46  ? 72  ALA A N   1 
ATOM   561  C CA  . ALA A 1 72  ? 7.268   -5.114  -16.324 1.00 28.43  ? 72  ALA A CA  1 
ATOM   562  C C   . ALA A 1 72  ? 6.639   -4.001  -17.155 1.00 36.65  ? 72  ALA A C   1 
ATOM   563  O O   . ALA A 1 72  ? 7.157   -3.604  -18.213 1.00 34.61  ? 72  ALA A O   1 
ATOM   564  C CB  . ALA A 1 72  ? 8.401   -4.569  -15.457 1.00 26.26  ? 72  ALA A CB  1 
ATOM   565  N N   . LYS A 1 73  ? 5.551   -3.474  -16.606 1.00 22.67  ? 73  LYS A N   1 
ATOM   566  C CA  . LYS A 1 73  ? 4.765   -2.391  -17.239 1.00 25.83  ? 73  LYS A CA  1 
ATOM   567  C C   . LYS A 1 73  ? 4.863   -0.986  -16.651 1.00 35.76  ? 73  LYS A C   1 
ATOM   568  O O   . LYS A 1 73  ? 4.470   -0.001  -17.346 1.00 37.25  ? 73  LYS A O   1 
ATOM   569  C CB  . LYS A 1 73  ? 3.283   -2.818  -17.227 1.00 20.87  ? 73  LYS A CB  1 
ATOM   570  C CG  . LYS A 1 73  ? 2.902   -3.699  -18.401 1.00 38.07  ? 73  LYS A CG  1 
ATOM   571  C CD  . LYS A 1 73  ? 3.257   -5.163  -18.325 1.00 95.44  ? 73  LYS A CD  1 
ATOM   572  C CE  . LYS A 1 73  ? 3.613   -5.740  -19.684 1.00 101.18 ? 73  LYS A CE  1 
ATOM   573  N NZ  . LYS A 1 73  ? 3.270   -4.864  -20.833 1.00 80.69  ? 73  LYS A NZ  1 
ATOM   574  N N   . ASN A 1 74  ? 5.362   -0.836  -15.452 1.00 18.04  ? 74  ASN A N   1 
ATOM   575  C CA  . ASN A 1 74  ? 5.512   0.527   -14.846 1.00 14.40  ? 74  ASN A CA  1 
ATOM   576  C C   . ASN A 1 74  ? 4.363   1.515   -15.077 1.00 13.56  ? 74  ASN A C   1 
ATOM   577  O O   . ASN A 1 74  ? 4.515   2.655   -15.580 1.00 15.41  ? 74  ASN A O   1 
ATOM   578  C CB  . ASN A 1 74  ? 6.861   1.130   -15.315 1.00 14.50  ? 74  ASN A CB  1 
ATOM   579  C CG  . ASN A 1 74  ? 7.246   2.289   -14.419 1.00 17.32  ? 74  ASN A CG  1 
ATOM   580  O OD1 . ASN A 1 74  ? 6.602   2.519   -13.373 1.00 17.14  ? 74  ASN A OD1 1 
ATOM   581  N ND2 . ASN A 1 74  ? 8.259   3.060   -14.805 1.00 18.49  ? 74  ASN A ND2 1 
ATOM   582  N N   . VAL A 1 75  ? 3.182   1.106   -14.618 1.00 17.25  ? 75  VAL A N   1 
ATOM   583  C CA  . VAL A 1 75  ? 1.972   1.953   -14.720 1.00 13.69  ? 75  VAL A CA  1 
ATOM   584  C C   . VAL A 1 75  ? 2.057   3.195   -13.839 1.00 16.33  ? 75  VAL A C   1 
ATOM   585  O O   . VAL A 1 75  ? 1.555   4.258   -14.281 1.00 18.90  ? 75  VAL A O   1 
ATOM   586  C CB  . VAL A 1 75  ? 0.727   1.096   -14.430 1.00 18.53  ? 75  VAL A CB  1 
ATOM   587  C CG1 . VAL A 1 75  ? -0.537  1.897   -14.262 1.00 25.52  ? 75  VAL A CG1 1 
ATOM   588  C CG2 . VAL A 1 75  ? 0.584   0.065   -15.539 1.00 21.73  ? 75  VAL A CG2 1 
ATOM   589  N N   . CYS A 1 76  ? 2.661   3.162   -12.671 1.00 14.75  ? 76  CYS A N   1 
ATOM   590  C CA  . CYS A 1 76  ? 2.747   4.400   -11.863 1.00 13.77  ? 76  CYS A CA  1 
ATOM   591  C C   . CYS A 1 76  ? 3.829   5.314   -12.421 1.00 15.00  ? 76  CYS A C   1 
ATOM   592  O O   . CYS A 1 76  ? 3.851   6.477   -11.999 1.00 17.50  ? 76  CYS A O   1 
ATOM   593  C CB  . CYS A 1 76  ? 3.001   4.163   -10.378 1.00 13.15  ? 76  CYS A CB  1 
ATOM   594  S SG  . CYS A 1 76  ? 1.525   3.383   -9.609  1.00 15.99  ? 76  CYS A SG  1 
ATOM   595  N N   . GLY A 1 77  ? 4.658   4.806   -13.285 1.00 14.94  ? 77  GLY A N   1 
ATOM   596  C CA  . GLY A 1 77  ? 5.713   5.604   -13.929 1.00 16.36  ? 77  GLY A CA  1 
ATOM   597  C C   . GLY A 1 77  ? 6.747   6.088   -12.938 1.00 20.18  ? 77  GLY A C   1 
ATOM   598  O O   . GLY A 1 77  ? 7.159   7.258   -12.943 1.00 17.90  ? 77  GLY A O   1 
ATOM   599  N N   . ILE A 1 78  ? 7.199   5.176   -12.092 1.00 18.77  ? 78  ILE A N   1 
ATOM   600  C CA  . ILE A 1 78  ? 8.184   5.508   -11.077 1.00 16.52  ? 78  ILE A CA  1 
ATOM   601  C C   . ILE A 1 78  ? 9.225   4.418   -10.932 1.00 13.13  ? 78  ILE A C   1 
ATOM   602  O O   . ILE A 1 78  ? 8.950   3.288   -11.379 1.00 16.14  ? 78  ILE A O   1 
ATOM   603  C CB  . ILE A 1 78  ? 7.449   5.729   -9.698  1.00 12.42  ? 78  ILE A CB  1 
ATOM   604  C CG1 . ILE A 1 78  ? 6.541   4.508   -9.398  1.00 13.27  ? 78  ILE A CG1 1 
ATOM   605  C CG2 . ILE A 1 78  ? 6.670   7.059   -9.643  1.00 17.06  ? 78  ILE A CG2 1 
ATOM   606  C CD1 . ILE A 1 78  ? 6.043   4.453   -7.936  1.00 16.49  ? 78  ILE A CD1 1 
ATOM   607  N N   . ARG A 1 79  ? 10.297  4.753   -10.246 1.00 14.89  ? 79  ARG A N   1 
ATOM   608  C CA  . ARG A 1 79  ? 11.303  3.771   -9.855  1.00 14.70  ? 79  ARG A CA  1 
ATOM   609  C C   . ARG A 1 79  ? 10.738  3.096   -8.594  1.00 12.09  ? 79  ARG A C   1 
ATOM   610  O O   . ARG A 1 79  ? 10.246  3.879   -7.737  1.00 12.94  ? 79  ARG A O   1 
ATOM   611  C CB  . ARG A 1 79  ? 12.658  4.333   -9.503  1.00 19.94  ? 79  ARG A CB  1 
ATOM   612  C CG  . ARG A 1 79  ? 13.286  5.204   -10.578 1.00 23.39  ? 79  ARG A CG  1 
ATOM   613  C CD  . ARG A 1 79  ? 13.990  4.299   -11.528 1.00 26.72  ? 79  ARG A CD  1 
ATOM   614  N NE  . ARG A 1 79  ? 15.089  5.040   -12.155 1.00 34.85  ? 79  ARG A NE  1 
ATOM   615  C CZ  . ARG A 1 79  ? 15.488  4.773   -13.407 1.00 66.85  ? 79  ARG A CZ  1 
ATOM   616  N NH1 . ARG A 1 79  ? 15.051  3.710   -14.087 1.00 44.19  ? 79  ARG A NH1 1 
ATOM   617  N NH2 . ARG A 1 79  ? 16.352  5.619   -13.983 1.00 35.25  ? 79  ARG A NH2 1 
ATOM   618  N N   . CYS A 1 80  ? 10.842  1.797   -8.417  1.00 12.36  ? 80  CYS A N   1 
ATOM   619  C CA  . CYS A 1 80  ? 10.348  1.156   -7.190  1.00 10.18  ? 80  CYS A CA  1 
ATOM   620  C C   . CYS A 1 80  ? 11.024  1.723   -5.924  1.00 12.37  ? 80  CYS A C   1 
ATOM   621  O O   . CYS A 1 80  ? 10.399  1.720   -4.852  1.00 13.71  ? 80  CYS A O   1 
ATOM   622  C CB  . CYS A 1 80  ? 10.535  -0.343  -7.291  1.00 10.63  ? 80  CYS A CB  1 
ATOM   623  S SG  . CYS A 1 80  ? 9.621   -1.136  -8.619  1.00 13.93  ? 80  CYS A SG  1 
ATOM   624  N N   . SER A 1 81  ? 12.256  2.200   -6.029  1.00 13.46  ? 81  SER A N   1 
ATOM   625  C CA  . SER A 1 81  ? 13.005  2.826   -4.924  1.00 20.63  ? 81  SER A CA  1 
ATOM   626  C C   . SER A 1 81  ? 12.272  4.012   -4.273  1.00 13.53  ? 81  SER A C   1 
ATOM   627  O O   . SER A 1 81  ? 12.431  4.224   -3.047  1.00 14.38  ? 81  SER A O   1 
ATOM   628  C CB  . SER A 1 81  ? 14.397  3.232   -5.423  1.00 14.13  ? 81  SER A CB  1 
ATOM   629  O OG  . SER A 1 81  ? 14.320  4.200   -6.446  1.00 17.27  ? 81  SER A OG  1 
ATOM   630  N N   . GLN A 1 82  ? 11.460  4.727   -5.045  1.00 11.47  ? 82  GLN A N   1 
ATOM   631  C CA  . GLN A 1 82  ? 10.665  5.850   -4.567  1.00 12.29  ? 82  GLN A CA  1 
ATOM   632  C C   . GLN A 1 82  ? 9.549   5.404   -3.603  1.00 14.68  ? 82  GLN A C   1 
ATOM   633  O O   . GLN A 1 82  ? 8.969   6.266   -2.935  1.00 16.69  ? 82  GLN A O   1 
ATOM   634  C CB  . GLN A 1 82  ? 10.008  6.615   -5.711  1.00 13.24  ? 82  GLN A CB  1 
ATOM   635  C CG  . GLN A 1 82  ? 11.087  7.275   -6.591  1.00 20.26  ? 82  GLN A CG  1 
ATOM   636  C CD  . GLN A 1 82  ? 10.472  8.031   -7.755  1.00 43.13  ? 82  GLN A CD  1 
ATOM   637  O OE1 . GLN A 1 82  ? 10.536  7.627   -8.926  1.00 33.01  ? 82  GLN A OE1 1 
ATOM   638  N NE2 . GLN A 1 82  ? 9.854   9.164   -7.431  1.00 31.97  ? 82  GLN A NE2 1 
ATOM   639  N N   . LEU A 1 83  ? 9.253   4.118   -3.611  1.00 11.10  ? 83  LEU A N   1 
ATOM   640  C CA  . LEU A 1 83  ? 8.245   3.515   -2.750  1.00 12.99  ? 83  LEU A CA  1 
ATOM   641  C C   . LEU A 1 83  ? 8.837   3.128   -1.380  1.00 18.01  ? 83  LEU A C   1 
ATOM   642  O O   . LEU A 1 83  ? 8.058   2.615   -0.561  1.00 16.82  ? 83  LEU A O   1 
ATOM   643  C CB  . LEU A 1 83  ? 7.588   2.273   -3.407  1.00 12.22  ? 83  LEU A CB  1 
ATOM   644  C CG  . LEU A 1 83  ? 6.873   2.533   -4.736  1.00 14.60  ? 83  LEU A CG  1 
ATOM   645  C CD1 . LEU A 1 83  ? 6.404   1.203   -5.311  1.00 12.28  ? 83  LEU A CD1 1 
ATOM   646  C CD2 . LEU A 1 83  ? 5.721   3.509   -4.494  1.00 14.23  ? 83  LEU A CD2 1 
ATOM   647  N N   . LEU A 1 84  ? 10.130  3.363   -1.174  1.00 13.56  ? 84  LEU A N   1 
ATOM   648  C CA  . LEU A 1 84  ? 10.742  2.957   0.095   1.00 17.71  ? 84  LEU A CA  1 
ATOM   649  C C   . LEU A 1 84  ? 11.088  4.138   1.005   1.00 17.58  ? 84  LEU A C   1 
ATOM   650  O O   . LEU A 1 84  ? 11.668  3.865   2.077   1.00 18.60  ? 84  LEU A O   1 
ATOM   651  C CB  . LEU A 1 84  ? 11.993  2.117   -0.206  1.00 13.91  ? 84  LEU A CB  1 
ATOM   652  C CG  . LEU A 1 84  ? 11.754  0.842   -0.993  1.00 22.35  ? 84  LEU A CG  1 
ATOM   653  C CD1 . LEU A 1 84  ? 13.096  0.169   -1.285  1.00 26.85  ? 84  LEU A CD1 1 
ATOM   654  C CD2 . LEU A 1 84  ? 10.907  -0.192  -0.248  1.00 15.55  ? 84  LEU A CD2 1 
ATOM   655  N N   . THR A 1 85  ? 10.779  5.342   0.609   1.00 15.04  ? 85  THR A N   1 
ATOM   656  C CA  . THR A 1 85  ? 11.124  6.526   1.426   1.00 13.32  ? 85  THR A CA  1 
ATOM   657  C C   . THR A 1 85  ? 10.233  6.670   2.649   1.00 15.52  ? 85  THR A C   1 
ATOM   658  O O   . THR A 1 85  ? 9.108   6.165   2.761   1.00 14.86  ? 85  THR A O   1 
ATOM   659  C CB  . THR A 1 85  ? 11.130  7.750   0.445   1.00 15.49  ? 85  THR A CB  1 
ATOM   660  O OG1 . THR A 1 85  ? 9.758   7.907   -0.031  1.00 16.74  ? 85  THR A OG1 1 
ATOM   661  C CG2 . THR A 1 85  ? 12.107  7.590   -0.732  1.00 17.74  ? 85  THR A CG2 1 
ATOM   662  N N   . ASP A 1 86  ? 10.727  7.437   3.625   1.00 16.71  ? 86  ASP A N   1 
ATOM   663  C CA  . ASP A 1 86  ? 9.988   7.705   4.881   1.00 13.62  ? 86  ASP A CA  1 
ATOM   664  C C   . ASP A 1 86  ? 8.750   8.520   4.488   1.00 13.02  ? 86  ASP A C   1 
ATOM   665  O O   . ASP A 1 86  ? 7.659   8.376   5.042   1.00 18.46  ? 86  ASP A O   1 
ATOM   666  C CB  . ASP A 1 86  ? 10.868  8.357   5.932   1.00 17.47  ? 86  ASP A CB  1 
ATOM   667  C CG  . ASP A 1 86  ? 12.183  7.685   6.283   1.00 87.64  ? 86  ASP A CG  1 
ATOM   668  O OD1 . ASP A 1 86  ? 12.349  6.458   6.084   1.00 37.49  ? 86  ASP A OD1 1 
ATOM   669  O OD2 . ASP A 1 86  ? 13.126  8.332   6.795   1.00 40.32  ? 86  ASP A OD2 1 
ATOM   670  N N   . ASP A 1 87  ? 8.945   9.393   3.512   1.00 15.12  ? 87  ASP A N   1 
ATOM   671  C CA  . ASP A 1 87  ? 7.877   10.238  2.949   1.00 17.00  ? 87  ASP A CA  1 
ATOM   672  C C   . ASP A 1 87  ? 6.966   9.354   2.070   1.00 13.04  ? 87  ASP A C   1 
ATOM   673  O O   . ASP A 1 87  ? 7.466   8.763   1.087   1.00 15.47  ? 87  ASP A O   1 
ATOM   674  C CB  . ASP A 1 87  ? 8.475   11.402  2.180   1.00 15.55  ? 87  ASP A CB  1 
ATOM   675  C CG  . ASP A 1 87  ? 7.421   12.400  1.722   1.00 27.50  ? 87  ASP A CG  1 
ATOM   676  O OD1 . ASP A 1 87  ? 6.843   12.172  0.656   1.00 29.83  ? 87  ASP A OD1 1 
ATOM   677  O OD2 . ASP A 1 87  ? 7.184   13.385  2.438   1.00 44.47  ? 87  ASP A OD2 1 
ATOM   678  N N   . LEU A 1 88  ? 5.699   9.353   2.385   1.00 13.98  ? 88  LEU A N   1 
ATOM   679  C CA  . LEU A 1 88  ? 4.683   8.492   1.727   1.00 17.33  ? 88  LEU A CA  1 
ATOM   680  C C   . LEU A 1 88  ? 4.061   9.072   0.437   1.00 14.47  ? 88  LEU A C   1 
ATOM   681  O O   . LEU A 1 88  ? 3.271   8.410   -0.238  1.00 15.01  ? 88  LEU A O   1 
ATOM   682  C CB  . LEU A 1 88  ? 3.459   8.296   2.633   1.00 14.39  ? 88  LEU A CB  1 
ATOM   683  C CG  . LEU A 1 88  ? 3.652   7.287   3.769   1.00 27.95  ? 88  LEU A CG  1 
ATOM   684  C CD1 . LEU A 1 88  ? 4.724   7.715   4.771   1.00 20.00  ? 88  LEU A CD1 1 
ATOM   685  C CD2 . LEU A 1 88  ? 2.375   7.077   4.595   1.00 20.00  ? 88  LEU A CD2 1 
ATOM   686  N N   . THR A 1 89  ? 4.406   10.368  0.087   1.00 15.00  ? 89  THR A N   1 
ATOM   687  C CA  . THR A 1 89  ? 3.761   10.971  -1.076  1.00 14.03  ? 89  THR A CA  1 
ATOM   688  C C   . THR A 1 89  ? 3.677   10.122  -2.334  1.00 15.97  ? 89  THR A C   1 
ATOM   689  O O   . THR A 1 89  ? 2.575   9.984   -2.899  1.00 14.93  ? 89  THR A O   1 
ATOM   690  C CB  . THR A 1 89  ? 4.506   12.326  -1.409  1.00 15.41  ? 89  THR A CB  1 
ATOM   691  O OG1 . THR A 1 89  ? 4.352   13.069  -0.167  1.00 21.19  ? 89  THR A OG1 1 
ATOM   692  C CG2 . THR A 1 89  ? 3.950   13.003  -2.655  1.00 22.87  ? 89  THR A CG2 1 
ATOM   693  N N   . VAL A 1 90  ? 4.807   9.608   -2.796  1.00 15.80  ? 90  VAL A N   1 
ATOM   694  C CA  . VAL A 1 90  ? 4.827   8.819   -4.045  1.00 13.92  ? 90  VAL A CA  1 
ATOM   695  C C   . VAL A 1 90  ? 4.067   7.496   -3.839  1.00 14.21  ? 90  VAL A C   1 
ATOM   696  O O   . VAL A 1 90  ? 3.307   7.126   -4.761  1.00 15.02  ? 90  VAL A O   1 
ATOM   697  C CB  . VAL A 1 90  ? 6.245   8.592   -4.593  1.00 13.08  ? 90  VAL A CB  1 
ATOM   698  C CG1 . VAL A 1 90  ? 6.288   7.643   -5.782  1.00 14.93  ? 90  VAL A CG1 1 
ATOM   699  C CG2 . VAL A 1 90  ? 6.880   9.924   -4.945  1.00 17.38  ? 90  VAL A CG2 1 
ATOM   700  N N   . ALA A 1 91  ? 4.275   6.837   -2.719  1.00 12.10  ? 91  ALA A N   1 
ATOM   701  C CA  . ALA A 1 91  ? 3.578   5.563   -2.446  1.00 10.43  ? 91  ALA A CA  1 
ATOM   702  C C   . ALA A 1 91  ? 2.057   5.779   -2.475  1.00 13.60  ? 91  ALA A C   1 
ATOM   703  O O   . ALA A 1 91  ? 1.347   4.960   -3.067  1.00 13.63  ? 91  ALA A O   1 
ATOM   704  C CB  . ALA A 1 91  ? 3.990   4.930   -1.121  1.00 10.42  ? 91  ALA A CB  1 
ATOM   705  N N   . ILE A 1 92  ? 1.611   6.870   -1.843  1.00 10.46  ? 92  ILE A N   1 
ATOM   706  C CA  . ILE A 1 92  ? 0.163   7.150   -1.817  1.00 13.37  ? 92  ILE A CA  1 
ATOM   707  C C   . ILE A 1 92  ? -0.369  7.406   -3.235  1.00 13.79  ? 92  ILE A C   1 
ATOM   708  O O   . ILE A 1 92  ? -1.439  6.879   -3.593  1.00 13.47  ? 92  ILE A O   1 
ATOM   709  C CB  . ILE A 1 92  ? -0.179  8.310   -0.821  1.00 13.22  ? 92  ILE A CB  1 
ATOM   710  C CG1 . ILE A 1 92  ? 0.007   7.707   0.596   1.00 12.38  ? 92  ILE A CG1 1 
ATOM   711  C CG2 . ILE A 1 92  ? -1.572  8.935   -1.086  1.00 12.48  ? 92  ILE A CG2 1 
ATOM   712  C CD1 . ILE A 1 92  ? -0.095  8.776   1.717   1.00 17.06  ? 92  ILE A CD1 1 
ATOM   713  N N   . ARG A 1 93  ? 0.362   8.219   -3.976  1.00 13.69  ? 93  ARG A N   1 
ATOM   714  C CA  . ARG A 1 93  ? -0.021  8.523   -5.352  1.00 13.55  ? 93  ARG A CA  1 
ATOM   715  C C   . ARG A 1 93  ? -0.151  7.227   -6.149  1.00 13.57  ? 93  ARG A C   1 
ATOM   716  O O   . ARG A 1 93  ? -1.114  7.033   -6.910  1.00 12.69  ? 93  ARG A O   1 
ATOM   717  C CB  . ARG A 1 93  ? 1.006   9.469   -5.940  1.00 14.39  ? 93  ARG A CB  1 
ATOM   718  C CG  . ARG A 1 93  ? 0.697   10.060  -7.295  1.00 37.59  ? 93  ARG A CG  1 
ATOM   719  C CD  . ARG A 1 93  ? 1.738   11.079  -7.637  1.00 67.54  ? 93  ARG A CD  1 
ATOM   720  N NE  . ARG A 1 93  ? 1.936   12.014  -6.527  1.00 67.17  ? 93  ARG A NE  1 
ATOM   721  C CZ  . ARG A 1 93  ? 3.087   12.681  -6.372  1.00 94.52  ? 93  ARG A CZ  1 
ATOM   722  N NH1 . ARG A 1 93  ? 4.245   12.132  -6.747  1.00 53.02  ? 93  ARG A NH1 1 
ATOM   723  N NH2 . ARG A 1 93  ? 3.081   13.909  -5.852  1.00 77.57  ? 93  ARG A NH2 1 
ATOM   724  N N   . CYS A 1 94  ? 0.786   6.315   -5.989  1.00 11.23  ? 94  CYS A N   1 
ATOM   725  C CA  . CYS A 1 94  ? 0.746   5.032   -6.739  1.00 17.13  ? 94  CYS A CA  1 
ATOM   726  C C   . CYS A 1 94  ? -0.366  4.115   -6.185  1.00 15.58  ? 94  CYS A C   1 
ATOM   727  O O   . CYS A 1 94  ? -1.082  3.532   -7.038  1.00 14.38  ? 94  CYS A O   1 
ATOM   728  C CB  . CYS A 1 94  ? 2.140   4.396   -6.782  1.00 15.09  ? 94  CYS A CB  1 
ATOM   729  S SG  . CYS A 1 94  ? 2.205   2.878   -7.763  1.00 15.02  ? 94  CYS A SG  1 
ATOM   730  N N   . ALA A 1 95  ? -0.560  3.998   -4.882  1.00 11.19  ? 95  ALA A N   1 
ATOM   731  C CA  . ALA A 1 95  ? -1.662  3.203   -4.307  1.00 10.10  ? 95  ALA A CA  1 
ATOM   732  C C   . ALA A 1 95  ? -3.030  3.685   -4.841  1.00 13.45  ? 95  ALA A C   1 
ATOM   733  O O   . ALA A 1 95  ? -3.973  2.946   -5.132  1.00 14.21  ? 95  ALA A O   1 
ATOM   734  C CB  . ALA A 1 95  ? -1.648  3.244   -2.798  1.00 10.89  ? 95  ALA A CB  1 
ATOM   735  N N   . LYS A 1 96  ? -3.199  5.008   -4.963  1.00 13.13  ? 96  LYS A N   1 
ATOM   736  C CA  . LYS A 1 96  ? -4.410  5.615   -5.536  1.00 13.80  ? 96  LYS A CA  1 
ATOM   737  C C   . LYS A 1 96  ? -4.634  5.112   -6.975  1.00 15.05  ? 96  LYS A C   1 
ATOM   738  O O   . LYS A 1 96  ? -5.780  4.844   -7.385  1.00 15.66  ? 96  LYS A O   1 
ATOM   739  C CB  . LYS A 1 96  ? -4.363  7.153   -5.532  1.00 8.72   ? 96  LYS A CB  1 
ATOM   740  C CG  . LYS A 1 96  ? -4.688  7.646   -4.122  1.00 14.75  ? 96  LYS A CG  1 
ATOM   741  C CD  . LYS A 1 96  ? -4.477  9.154   -4.041  1.00 15.53  ? 96  LYS A CD  1 
ATOM   742  C CE  . LYS A 1 96  ? -4.911  9.701   -2.687  1.00 17.12  ? 96  LYS A CE  1 
ATOM   743  N NZ  . LYS A 1 96  ? -4.539  11.143  -2.642  1.00 17.89  ? 96  LYS A NZ  1 
ATOM   744  N N   . ARG A 1 97  ? -3.577  5.028   -7.770  1.00 11.24  ? 97  ARG A N   1 
ATOM   745  C CA  . ARG A 1 97  ? -3.652  4.547   -9.153  1.00 11.74  ? 97  ARG A CA  1 
ATOM   746  C C   . ARG A 1 97  ? -3.995  3.043   -9.141  1.00 14.24  ? 97  ARG A C   1 
ATOM   747  O O   . ARG A 1 97  ? -4.894  2.603   -9.886  1.00 12.66  ? 97  ARG A O   1 
ATOM   748  C CB  . ARG A 1 97  ? -2.382  4.798   -9.968  1.00 13.05  ? 97  ARG A CB  1 
ATOM   749  C CG  . ARG A 1 97  ? -2.335  4.053   -11.305 1.00 11.49  ? 97  ARG A CG  1 
ATOM   750  C CD  . ARG A 1 97  ? -3.420  4.591   -12.198 1.00 17.69  ? 97  ARG A CD  1 
ATOM   751  N NE  . ARG A 1 97  ? -3.534  3.869   -13.463 1.00 15.87  ? 97  ARG A NE  1 
ATOM   752  C CZ  . ARG A 1 97  ? -4.186  2.708   -13.595 1.00 13.65  ? 97  ARG A CZ  1 
ATOM   753  N NH1 . ARG A 1 97  ? -4.832  2.087   -12.623 1.00 13.14  ? 97  ARG A NH1 1 
ATOM   754  N NH2 . ARG A 1 97  ? -4.198  2.147   -14.811 1.00 19.27  ? 97  ARG A NH2 1 
ATOM   755  N N   . VAL A 1 98  ? -3.320  2.252   -8.306  1.00 12.66  ? 98  VAL A N   1 
ATOM   756  C CA  . VAL A 1 98  ? -3.634  0.820   -8.236  1.00 12.51  ? 98  VAL A CA  1 
ATOM   757  C C   . VAL A 1 98  ? -5.126  0.570   -7.961  1.00 14.90  ? 98  VAL A C   1 
ATOM   758  O O   . VAL A 1 98  ? -5.672  -0.317  -8.667  1.00 14.12  ? 98  VAL A O   1 
ATOM   759  C CB  . VAL A 1 98  ? -2.784  0.108   -7.159  1.00 15.33  ? 98  VAL A CB  1 
ATOM   760  C CG1 . VAL A 1 98  ? -3.201  -1.360  -7.005  1.00 12.18  ? 98  VAL A CG1 1 
ATOM   761  C CG2 . VAL A 1 98  ? -1.294  0.272   -7.408  1.00 10.93  ? 98  VAL A CG2 1 
ATOM   762  N N   . VAL A 1 99  ? -5.747  1.241   -6.983  1.00 10.94  ? 99  VAL A N   1 
ATOM   763  C CA  . VAL A 1 99  ? -7.141  0.956   -6.640  1.00 12.63  ? 99  VAL A CA  1 
ATOM   764  C C   . VAL A 1 99  ? -8.173  1.387   -7.703  1.00 13.31  ? 99  VAL A C   1 
ATOM   765  O O   . VAL A 1 99  ? -9.346  1.008   -7.512  1.00 14.12  ? 99  VAL A O   1 
ATOM   766  C CB  . VAL A 1 99  ? -7.748  1.571   -5.331  1.00 21.12  ? 99  VAL A CB  1 
ATOM   767  C CG1 . VAL A 1 99  ? -7.414  0.627   -4.195  1.00 34.51  ? 99  VAL A CG1 1 
ATOM   768  C CG2 . VAL A 1 99  ? -7.384  3.036   -5.214  1.00 13.20  ? 99  VAL A CG2 1 
ATOM   769  N N   . LEU A 1 100 ? -7.729  2.130   -8.689  1.00 13.75  ? 100 LEU A N   1 
ATOM   770  C CA  . LEU A 1 100 ? -8.676  2.528   -9.742  1.00 17.56  ? 100 LEU A CA  1 
ATOM   771  C C   . LEU A 1 100 ? -8.906  1.389   -10.739 1.00 18.85  ? 100 LEU A C   1 
ATOM   772  O O   . LEU A 1 100 ? -9.905  1.536   -11.455 1.00 21.10  ? 100 LEU A O   1 
ATOM   773  C CB  . LEU A 1 100 ? -8.183  3.815   -10.415 1.00 13.28  ? 100 LEU A CB  1 
ATOM   774  C CG  . LEU A 1 100 ? -8.161  5.026   -9.519  1.00 16.95  ? 100 LEU A CG  1 
ATOM   775  C CD1 . LEU A 1 100 ? -7.553  6.149   -10.357 1.00 24.53  ? 100 LEU A CD1 1 
ATOM   776  C CD2 . LEU A 1 100 ? -9.555  5.404   -9.036  1.00 19.36  ? 100 LEU A CD2 1 
ATOM   777  N N   . ASP A 1 101 ? -8.039  0.403   -10.783 1.00 13.76  ? 101 ASP A N   1 
ATOM   778  C CA  . ASP A 1 101 ? -8.218  -0.733  -11.716 1.00 18.83  ? 101 ASP A CA  1 
ATOM   779  C C   . ASP A 1 101 ? -9.434  -1.544  -11.239 1.00 18.79  ? 101 ASP A C   1 
ATOM   780  O O   . ASP A 1 101 ? -9.909  -1.416  -10.097 1.00 16.77  ? 101 ASP A O   1 
ATOM   781  C CB  . ASP A 1 101 ? -6.935  -1.547  -11.888 1.00 17.60  ? 101 ASP A CB  1 
ATOM   782  C CG  . ASP A 1 101 ? -6.122  -1.171  -13.119 1.00 17.61  ? 101 ASP A CG  1 
ATOM   783  O OD1 . ASP A 1 101 ? -6.361  -0.108  -13.728 1.00 19.83  ? 101 ASP A OD1 1 
ATOM   784  O OD2 . ASP A 1 101 ? -5.228  -1.959  -13.461 1.00 18.19  ? 101 ASP A OD2 1 
ATOM   785  N N   . PRO A 1 102 ? -9.950  -2.349  -12.158 1.00 17.01  ? 102 PRO A N   1 
ATOM   786  C CA  . PRO A 1 102 ? -11.152 -3.151  -11.907 1.00 22.65  ? 102 PRO A CA  1 
ATOM   787  C C   . PRO A 1 102 ? -11.208 -3.918  -10.602 1.00 19.01  ? 102 PRO A C   1 
ATOM   788  O O   . PRO A 1 102 ? -12.291 -3.873  -9.974  1.00 22.64  ? 102 PRO A O   1 
ATOM   789  C CB  . PRO A 1 102 ? -11.186 -4.059  -13.147 1.00 24.64  ? 102 PRO A CB  1 
ATOM   790  C CG  . PRO A 1 102 ? -10.705 -3.100  -14.224 1.00 23.19  ? 102 PRO A CG  1 
ATOM   791  C CD  . PRO A 1 102 ? -9.460  -2.537  -13.540 1.00 21.87  ? 102 PRO A CD  1 
ATOM   792  N N   . ASN A 1 103 ? -10.099 -4.489  -10.177 1.00 17.22  ? 103 ASN A N   1 
ATOM   793  C CA  . ASN A 1 103 ? -10.079 -5.310  -8.942  1.00 14.22  ? 103 ASN A CA  1 
ATOM   794  C C   . ASN A 1 103 ? -10.127 -4.464  -7.650  1.00 18.03  ? 103 ASN A C   1 
ATOM   795  O O   . ASN A 1 103 ? -10.287 -4.994  -6.545  1.00 17.74  ? 103 ASN A O   1 
ATOM   796  C CB  . ASN A 1 103 ? -8.828  -6.178  -8.907  1.00 17.77  ? 103 ASN A CB  1 
ATOM   797  C CG  . ASN A 1 103 ? -8.942  -7.387  -9.833  1.00 29.65  ? 103 ASN A CG  1 
ATOM   798  O OD1 . ASN A 1 103 ? -10.008 -7.618  -10.405 1.00 27.13  ? 103 ASN A OD1 1 
ATOM   799  N ND2 . ASN A 1 103 ? -7.903  -8.174  -10.022 1.00 20.00  ? 103 ASN A ND2 1 
ATOM   800  N N   . GLY A 1 104 ? -9.990  -3.117  -7.791  1.00 15.33  ? 104 GLY A N   1 
ATOM   801  C CA  . GLY A 1 104 ? -10.032 -2.251  -6.610  1.00 14.21  ? 104 GLY A CA  1 
ATOM   802  C C   . GLY A 1 104 ? -9.006  -2.678  -5.557  1.00 13.90  ? 104 GLY A C   1 
ATOM   803  O O   . GLY A 1 104 ? -7.878  -3.096  -5.860  1.00 13.88  ? 104 GLY A O   1 
ATOM   804  N N   . ILE A 1 105 ? -9.406  -2.553  -4.308  1.00 14.30  ? 105 ILE A N   1 
ATOM   805  C CA  . ILE A 1 105 ? -8.518  -2.891  -3.173  1.00 16.16  ? 105 ILE A CA  1 
ATOM   806  C C   . ILE A 1 105 ? -8.191  -4.378  -3.086  1.00 11.86  ? 105 ILE A C   1 
ATOM   807  O O   . ILE A 1 105 ? -7.238  -4.744  -2.370  1.00 12.81  ? 105 ILE A O   1 
ATOM   808  C CB  . ILE A 1 105 ? -9.154  -2.256  -1.874  1.00 14.99  ? 105 ILE A CB  1 
ATOM   809  C CG1 . ILE A 1 105 ? -8.030  -2.079  -0.828  1.00 13.68  ? 105 ILE A CG1 1 
ATOM   810  C CG2 . ILE A 1 105 ? -10.375 -3.079  -1.401  1.00 12.93  ? 105 ILE A CG2 1 
ATOM   811  C CD1 . ILE A 1 105 ? -8.428  -1.210  0.369   1.00 15.87  ? 105 ILE A CD1 1 
ATOM   812  N N   . GLY A 1 106 ? -8.906  -5.210  -3.827  1.00 13.05  ? 106 GLY A N   1 
ATOM   813  C CA  . GLY A 1 106 ? -8.703  -6.656  -3.916  1.00 13.07  ? 106 GLY A CA  1 
ATOM   814  C C   . GLY A 1 106 ? -7.383  -6.970  -4.607  1.00 16.49  ? 106 GLY A C   1 
ATOM   815  O O   . GLY A 1 106 ? -6.967  -8.125  -4.677  1.00 17.73  ? 106 GLY A O   1 
ATOM   816  N N   . ALA A 1 107 ? -6.690  -5.937  -5.116  1.00 13.72  ? 107 ALA A N   1 
ATOM   817  C CA  . ALA A 1 107 ? -5.361  -6.075  -5.725  1.00 13.98  ? 107 ALA A CA  1 
ATOM   818  C C   . ALA A 1 107 ? -4.321  -6.532  -4.688  1.00 13.60  ? 107 ALA A C   1 
ATOM   819  O O   . ALA A 1 107 ? -3.272  -7.108  -5.004  1.00 14.24  ? 107 ALA A O   1 
ATOM   820  C CB  . ALA A 1 107 ? -4.869  -4.783  -6.382  1.00 12.73  ? 107 ALA A CB  1 
ATOM   821  N N   . TRP A 1 108 ? -4.612  -6.208  -3.410  1.00 11.84  ? 108 TRP A N   1 
ATOM   822  C CA  . TRP A 1 108 ? -3.734  -6.535  -2.290  1.00 11.44  ? 108 TRP A CA  1 
ATOM   823  C C   . TRP A 1 108 ? -4.124  -7.880  -1.647  1.00 15.98  ? 108 TRP A C   1 
ATOM   824  O O   . TRP A 1 108 ? -5.221  -8.017  -1.079  1.00 13.86  ? 108 TRP A O   1 
ATOM   825  C CB  . TRP A 1 108 ? -3.748  -5.431  -1.228  1.00 11.41  ? 108 TRP A CB  1 
ATOM   826  C CG  . TRP A 1 108 ? -2.937  -4.233  -1.610  1.00 13.60  ? 108 TRP A CG  1 
ATOM   827  C CD1 . TRP A 1 108 ? -1.594  -4.058  -1.377  1.00 15.42  ? 108 TRP A CD1 1 
ATOM   828  C CD2 . TRP A 1 108 ? -3.388  -3.062  -2.313  1.00 9.63   ? 108 TRP A CD2 1 
ATOM   829  N NE1 . TRP A 1 108 ? -1.208  -2.833  -1.891  1.00 15.16  ? 108 TRP A NE1 1 
ATOM   830  C CE2 . TRP A 1 108 ? -2.279  -2.186  -2.449  1.00 15.78  ? 108 TRP A CE2 1 
ATOM   831  C CE3 . TRP A 1 108 ? -4.624  -2.641  -2.792  1.00 11.84  ? 108 TRP A CE3 1 
ATOM   832  C CZ2 . TRP A 1 108 ? -2.360  -0.926  -3.045  1.00 12.08  ? 108 TRP A CZ2 1 
ATOM   833  C CZ3 . TRP A 1 108 ? -4.714  -1.385  -3.386  1.00 13.71  ? 108 TRP A CZ3 1 
ATOM   834  C CH2 . TRP A 1 108 ? -3.601  -0.530  -3.535  1.00 13.71  ? 108 TRP A CH2 1 
ATOM   835  N N   . VAL A 1 109 ? -3.202  -8.819  -1.731  1.00 14.50  ? 109 VAL A N   1 
ATOM   836  C CA  . VAL A 1 109 ? -3.448  -10.153 -1.159  1.00 14.94  ? 109 VAL A CA  1 
ATOM   837  C C   . VAL A 1 109 ? -3.756  -10.036 0.336   1.00 15.71  ? 109 VAL A C   1 
ATOM   838  O O   . VAL A 1 109 ? -4.696  -10.711 0.794   1.00 15.60  ? 109 VAL A O   1 
ATOM   839  C CB  . VAL A 1 109 ? -2.279  -11.124 -1.413  1.00 15.50  ? 109 VAL A CB  1 
ATOM   840  C CG1 . VAL A 1 109 ? -2.648  -12.547 -0.927  1.00 23.13  ? 109 VAL A CG1 1 
ATOM   841  C CG2 . VAL A 1 109 ? -1.808  -11.135 -2.844  1.00 34.47  ? 109 VAL A CG2 1 
ATOM   842  N N   . ALA A 1 110 ? -2.974  -9.238  1.061   1.00 12.91  ? 110 ALA A N   1 
ATOM   843  C CA  . ALA A 1 110 ? -3.178  -9.143  2.520   1.00 15.13  ? 110 ALA A CA  1 
ATOM   844  C C   . ALA A 1 110 ? -4.564  -8.592  2.825   1.00 14.31  ? 110 ALA A C   1 
ATOM   845  O O   . ALA A 1 110 ? -5.120  -9.044  3.850   1.00 16.74  ? 110 ALA A O   1 
ATOM   846  C CB  . ALA A 1 110 ? -2.080  -8.320  3.192   1.00 18.98  ? 110 ALA A CB  1 
ATOM   847  N N   . TRP A 1 111 ? -5.064  -7.683  1.982   1.00 15.09  ? 111 TRP A N   1 
ATOM   848  C CA  . TRP A 1 111 ? -6.413  -7.131  2.233   1.00 12.29  ? 111 TRP A CA  1 
ATOM   849  C C   . TRP A 1 111 ? -7.450  -8.281  2.084   1.00 16.48  ? 111 TRP A C   1 
ATOM   850  O O   . TRP A 1 111 ? -8.324  -8.474  2.955   1.00 15.65  ? 111 TRP A O   1 
ATOM   851  C CB  . TRP A 1 111 ? -6.705  -5.932  1.345   1.00 14.35  ? 111 TRP A CB  1 
ATOM   852  C CG  . TRP A 1 111 ? -8.070  -5.384  1.618   1.00 13.23  ? 111 TRP A CG  1 
ATOM   853  C CD1 . TRP A 1 111 ? -8.408  -4.415  2.533   1.00 14.66  ? 111 TRP A CD1 1 
ATOM   854  C CD2 . TRP A 1 111 ? -9.295  -5.777  0.976   1.00 13.64  ? 111 TRP A CD2 1 
ATOM   855  N NE1 . TRP A 1 111 ? -9.757  -4.167  2.481   1.00 14.78  ? 111 TRP A NE1 1 
ATOM   856  C CE2 . TRP A 1 111 ? -10.324 -4.997  1.545   1.00 18.57  ? 111 TRP A CE2 1 
ATOM   857  C CE3 . TRP A 1 111 ? -9.587  -6.679  -0.043  1.00 15.71  ? 111 TRP A CE3 1 
ATOM   858  C CZ2 . TRP A 1 111 ? -11.661 -5.122  1.159   1.00 16.57  ? 111 TRP A CZ2 1 
ATOM   859  C CZ3 . TRP A 1 111 ? -10.908 -6.803  -0.437  1.00 16.97  ? 111 TRP A CZ3 1 
ATOM   860  C CH2 . TRP A 1 111 ? -11.920 -6.037  0.144   1.00 15.78  ? 111 TRP A CH2 1 
ATOM   861  N N   . ARG A 1 112 ? -7.383  -8.989  0.969   1.00 14.32  ? 112 ARG A N   1 
ATOM   862  C CA  . ARG A 1 112 ? -8.329  -10.115 0.707   1.00 16.01  ? 112 ARG A CA  1 
ATOM   863  C C   . ARG A 1 112 ? -8.355  -11.110 1.862   1.00 17.77  ? 112 ARG A C   1 
ATOM   864  O O   . ARG A 1 112 ? -9.418  -11.597 2.255   1.00 15.18  ? 112 ARG A O   1 
ATOM   865  C CB  . ARG A 1 112 ? -8.033  -10.864 -0.611  1.00 11.83  ? 112 ARG A CB  1 
ATOM   866  C CG  . ARG A 1 112 ? -8.288  -9.922  -1.796  1.00 13.21  ? 112 ARG A CG  1 
ATOM   867  C CD  . ARG A 1 112 ? -8.548  -10.655 -3.068  1.00 16.73  ? 112 ARG A CD  1 
ATOM   868  N NE  . ARG A 1 112 ? -7.682  -11.797 -3.286  1.00 19.72  ? 112 ARG A NE  1 
ATOM   869  C CZ  . ARG A 1 112 ? -6.451  -11.763 -3.796  1.00 24.17  ? 112 ARG A CZ  1 
ATOM   870  N NH1 . ARG A 1 112 ? -5.916  -10.611 -4.220  1.00 20.73  ? 112 ARG A NH1 1 
ATOM   871  N NH2 . ARG A 1 112 ? -5.705  -12.863 -3.909  1.00 20.72  ? 112 ARG A NH2 1 
ATOM   872  N N   . LEU A 1 113 ? -7.182  -11.305 2.417   1.00 13.57  ? 113 LEU A N   1 
ATOM   873  C CA  . LEU A 1 113 ? -6.977  -12.315 3.448   1.00 19.17  ? 113 LEU A CA  1 
ATOM   874  C C   . LEU A 1 113 ? -7.395  -11.880 4.868   1.00 26.35  ? 113 LEU A C   1 
ATOM   875  O O   . LEU A 1 113 ? -8.206  -12.551 5.524   1.00 19.15  ? 113 LEU A O   1 
ATOM   876  C CB  . LEU A 1 113 ? -5.509  -12.711 3.495   1.00 19.50  ? 113 LEU A CB  1 
ATOM   877  C CG  . LEU A 1 113 ? -5.332  -14.210 3.287   1.00 60.64  ? 113 LEU A CG  1 
ATOM   878  C CD1 . LEU A 1 113 ? -5.995  -14.718 2.004   1.00 20.00  ? 113 LEU A CD1 1 
ATOM   879  C CD2 . LEU A 1 113 ? -3.872  -14.638 3.202   1.00 20.00  ? 113 LEU A CD2 1 
ATOM   880  N N   . HIS A 1 114 ? -6.806  -10.826 5.393   1.00 14.80  ? 114 HIS A N   1 
ATOM   881  C CA  . HIS A 1 114 ? -7.043  -10.358 6.751   1.00 15.05  ? 114 HIS A CA  1 
ATOM   882  C C   . HIS A 1 114 ? -7.989  -9.214  7.008   1.00 19.14  ? 114 HIS A C   1 
ATOM   883  O O   . HIS A 1 114 ? -8.325  -8.977  8.193   1.00 22.03  ? 114 HIS A O   1 
ATOM   884  C CB  . HIS A 1 114 ? -5.664  -9.862  7.318   1.00 14.72  ? 114 HIS A CB  1 
ATOM   885  C CG  . HIS A 1 114 ? -4.669  -10.965 7.260   1.00 21.93  ? 114 HIS A CG  1 
ATOM   886  N ND1 . HIS A 1 114 ? -3.652  -11.002 6.337   1.00 35.64  ? 114 HIS A ND1 1 
ATOM   887  C CD2 . HIS A 1 114 ? -4.529  -12.057 8.052   1.00 22.22  ? 114 HIS A CD2 1 
ATOM   888  C CE1 . HIS A 1 114 ? -2.917  -12.090 6.533   1.00 23.74  ? 114 HIS A CE1 1 
ATOM   889  N NE2 . HIS A 1 114 ? -3.432  -12.708 7.568   1.00 28.28  ? 114 HIS A NE2 1 
ATOM   890  N N   . CYS A 1 115 ? -8.386  -8.489  5.982   1.00 14.50  ? 115 CYS A N   1 
ATOM   891  C CA  . CYS A 1 115 ? -9.227  -7.325  6.144   1.00 14.70  ? 115 CYS A CA  1 
ATOM   892  C C   . CYS A 1 115 ? -10.620 -7.440  5.540   1.00 19.84  ? 115 CYS A C   1 
ATOM   893  O O   . CYS A 1 115 ? -11.545 -6.815  6.115   1.00 20.58  ? 115 CYS A O   1 
ATOM   894  C CB  . CYS A 1 115 ? -8.555  -6.058  5.509   1.00 13.22  ? 115 CYS A CB  1 
ATOM   895  S SG  . CYS A 1 115 ? -6.811  -5.895  6.013   1.00 15.35  ? 115 CYS A SG  1 
ATOM   896  N N   . GLN A 1 116 ? -10.729 -8.102  4.413   1.00 15.79  ? 116 GLN A N   1 
ATOM   897  C CA  . GLN A 1 116 ? -12.037 -8.202  3.726   1.00 20.00  ? 116 GLN A CA  1 
ATOM   898  C C   . GLN A 1 116 ? -13.116 -8.792  4.654   1.00 20.71  ? 116 GLN A C   1 
ATOM   899  O O   . GLN A 1 116 ? -12.851 -9.815  5.281   1.00 20.10  ? 116 GLN A O   1 
ATOM   900  C CB  . GLN A 1 116 ? -11.915 -9.027  2.455   1.00 11.59  ? 116 GLN A CB  1 
ATOM   901  C CG  . GLN A 1 116 ? -13.199 -9.149  1.668   1.00 14.69  ? 116 GLN A CG  1 
ATOM   902  C CD  . GLN A 1 116 ? -13.008 -9.723  0.289   1.00 16.17  ? 116 GLN A CD  1 
ATOM   903  O OE1 . GLN A 1 116 ? -13.799 -9.449  -0.628  1.00 25.73  ? 116 GLN A OE1 1 
ATOM   904  N NE2 . GLN A 1 116 ? -11.950 -10.514 0.073   1.00 13.54  ? 116 GLN A NE2 1 
ATOM   905  N N   . ASN A 1 117 ? -14.251 -8.118  4.697   1.00 21.64  ? 117 ASN A N   1 
ATOM   906  C CA  . ASN A 1 117 ? -15.390 -8.569  5.527   1.00 31.72  ? 117 ASN A CA  1 
ATOM   907  C C   . ASN A 1 117 ? -15.202 -8.502  7.038   1.00 38.92  ? 117 ASN A C   1 
ATOM   908  O O   . ASN A 1 117 ? -16.147 -8.887  7.756   1.00 45.66  ? 117 ASN A O   1 
ATOM   909  C CB  . ASN A 1 117 ? -15.754 -10.025 5.142   1.00 30.12  ? 117 ASN A CB  1 
ATOM   910  C CG  . ASN A 1 117 ? -16.297 -10.110 3.723   1.00 37.37  ? 117 ASN A CG  1 
ATOM   911  O OD1 . ASN A 1 117 ? -16.943 -9.166  3.212   1.00 37.62  ? 117 ASN A OD1 1 
ATOM   912  N ND2 . ASN A 1 117 ? -16.018 -11.252 3.094   1.00 30.10  ? 117 ASN A ND2 1 
ATOM   913  N N   . GLN A 1 118 ? -14.073 -8.077  7.550   1.00 32.87  ? 118 GLN A N   1 
ATOM   914  C CA  . GLN A 1 118 ? -13.782 -7.987  8.979   1.00 25.98  ? 118 GLN A CA  1 
ATOM   915  C C   . GLN A 1 118 ? -14.244 -6.664  9.601   1.00 34.48  ? 118 GLN A C   1 
ATOM   916  O O   . GLN A 1 118 ? -14.571 -5.703  8.885   1.00 27.39  ? 118 GLN A O   1 
ATOM   917  C CB  . GLN A 1 118 ? -12.287 -8.085  9.320   1.00 30.78  ? 118 GLN A CB  1 
ATOM   918  C CG  . GLN A 1 118 ? -11.572 -9.213  8.616   1.00 54.01  ? 118 GLN A CG  1 
ATOM   919  C CD  . GLN A 1 118 ? -12.000 -10.547 9.184   1.00 76.21  ? 118 GLN A CD  1 
ATOM   920  O OE1 . GLN A 1 118 ? -13.189 -10.843 9.217   1.00 87.60  ? 118 GLN A OE1 1 
ATOM   921  N NE2 . GLN A 1 118 ? -10.992 -11.294 9.620   1.00 98.01  ? 118 GLN A NE2 1 
ATOM   922  N N   . ASP A 1 119 ? -14.187 -6.697  10.935  1.00 32.74  ? 119 ASP A N   1 
ATOM   923  C CA  . ASP A 1 119 ? -14.538 -5.436  11.671  1.00 34.09  ? 119 ASP A CA  1 
ATOM   924  C C   . ASP A 1 119 ? -13.159 -4.773  11.849  1.00 19.05  ? 119 ASP A C   1 
ATOM   925  O O   . ASP A 1 119 ? -12.214 -5.305  12.481  1.00 26.84  ? 119 ASP A O   1 
ATOM   926  C CB  . ASP A 1 119 ? -15.396 -5.762  12.867  1.00 73.70  ? 119 ASP A CB  1 
ATOM   927  C CG  . ASP A 1 119 ? -15.862 -4.526  13.619  1.00 83.10  ? 119 ASP A CG  1 
ATOM   928  O OD1 . ASP A 1 119 ? -16.527 -3.656  13.022  1.00 67.79  ? 119 ASP A OD1 1 
ATOM   929  O OD2 . ASP A 1 119 ? -15.545 -4.425  14.813  1.00 96.16  ? 119 ASP A OD2 1 
ATOM   930  N N   . LEU A 1 120 ? -13.028 -3.633  11.181  1.00 24.62  ? 120 LEU A N   1 
ATOM   931  C CA  . LEU A 1 120 ? -11.736 -2.908  11.165  1.00 19.02  ? 120 LEU A CA  1 
ATOM   932  C C   . LEU A 1 120 ? -11.643 -1.718  12.103  1.00 26.42  ? 120 LEU A C   1 
ATOM   933  O O   . LEU A 1 120 ? -10.648 -0.980  12.038  1.00 17.97  ? 120 LEU A O   1 
ATOM   934  C CB  . LEU A 1 120 ? -11.508 -2.512  9.694   1.00 15.57  ? 120 LEU A CB  1 
ATOM   935  C CG  . LEU A 1 120 ? -11.545 -3.581  8.620   1.00 14.03  ? 120 LEU A CG  1 
ATOM   936  C CD1 . LEU A 1 120 ? -11.158 -2.947  7.289   1.00 18.35  ? 120 LEU A CD1 1 
ATOM   937  C CD2 . LEU A 1 120 ? -10.579 -4.720  8.913   1.00 15.40  ? 120 LEU A CD2 1 
ATOM   938  N N   . ARG A 1 121 ? -12.631 -1.547  12.964  1.00 28.07  ? 121 ARG A N   1 
ATOM   939  C CA  . ARG A 1 121 ? -12.679 -0.423  13.908  1.00 38.26  ? 121 ARG A CA  1 
ATOM   940  C C   . ARG A 1 121 ? -11.397 -0.283  14.716  1.00 35.79  ? 121 ARG A C   1 
ATOM   941  O O   . ARG A 1 121 ? -10.877 0.814   14.992  1.00 24.39  ? 121 ARG A O   1 
ATOM   942  C CB  . ARG A 1 121 ? -13.896 -0.565  14.840  1.00 35.92  ? 121 ARG A CB  1 
ATOM   943  C CG  . ARG A 1 121 ? -15.002 0.438   14.516  1.00 93.70  ? 121 ARG A CG  1 
ATOM   944  C CD  . ARG A 1 121 ? -14.540 1.859   14.626  1.00 101.25 ? 121 ARG A CD  1 
ATOM   945  N NE  . ARG A 1 121 ? -15.571 2.860   14.853  1.00 99.99  ? 121 ARG A NE  1 
ATOM   946  C CZ  . ARG A 1 121 ? -16.091 3.280   16.014  1.00 101.74 ? 121 ARG A CZ  1 
ATOM   947  N NH1 . ARG A 1 121 ? -15.863 2.686   17.190  1.00 102.05 ? 121 ARG A NH1 1 
ATOM   948  N NH2 . ARG A 1 121 ? -16.885 4.369   16.006  1.00 103.19 ? 121 ARG A NH2 1 
ATOM   949  N N   . SER A 1 122 ? -10.888 -1.430  15.103  1.00 18.53  ? 122 SER A N   1 
ATOM   950  C CA  . SER A 1 122 ? -9.657  -1.510  15.880  1.00 21.60  ? 122 SER A CA  1 
ATOM   951  C C   . SER A 1 122 ? -8.455  -0.836  15.228  1.00 28.21  ? 122 SER A C   1 
ATOM   952  O O   . SER A 1 122 ? -7.575  -0.340  15.971  1.00 24.27  ? 122 SER A O   1 
ATOM   953  C CB  . SER A 1 122 ? -9.350  -2.985  16.114  1.00 31.20  ? 122 SER A CB  1 
ATOM   954  O OG  . SER A 1 122 ? -9.997  -3.767  15.105  1.00 79.32  ? 122 SER A OG  1 
ATOM   955  N N   . TYR A 1 123 ? -8.375  -0.865  13.901  1.00 22.16  ? 123 TYR A N   1 
ATOM   956  C CA  . TYR A 1 123 ? -7.194  -0.275  13.234  1.00 18.75  ? 123 TYR A CA  1 
ATOM   957  C C   . TYR A 1 123 ? -7.101  1.237   13.435  1.00 16.78  ? 123 TYR A C   1 
ATOM   958  O O   . TYR A 1 123 ? -5.966  1.745   13.322  1.00 19.09  ? 123 TYR A O   1 
ATOM   959  C CB  . TYR A 1 123 ? -7.128  -0.633  11.714  1.00 15.31  ? 123 TYR A CB  1 
ATOM   960  C CG  . TYR A 1 123 ? -6.867  -2.119  11.587  1.00 16.92  ? 123 TYR A CG  1 
ATOM   961  C CD1 . TYR A 1 123 ? -5.585  -2.648  11.667  1.00 14.28  ? 123 TYR A CD1 1 
ATOM   962  C CD2 . TYR A 1 123 ? -7.940  -3.015  11.459  1.00 23.35  ? 123 TYR A CD2 1 
ATOM   963  C CE1 . TYR A 1 123 ? -5.356  -4.023  11.593  1.00 14.03  ? 123 TYR A CE1 1 
ATOM   964  C CE2 . TYR A 1 123 ? -7.725  -4.390  11.363  1.00 15.62  ? 123 TYR A CE2 1 
ATOM   965  C CZ  . TYR A 1 123 ? -6.429  -4.899  11.429  1.00 17.00  ? 123 TYR A CZ  1 
ATOM   966  O OH  . TYR A 1 123 ? -6.212  -6.256  11.334  1.00 19.16  ? 123 TYR A OH  1 
ATOM   967  N N   . VAL A 1 124 ? -8.205  1.889   13.700  1.00 15.89  ? 124 VAL A N   1 
ATOM   968  C CA  . VAL A 1 124 ? -8.153  3.383   13.881  1.00 18.45  ? 124 VAL A CA  1 
ATOM   969  C C   . VAL A 1 124 ? -8.537  3.801   15.306  1.00 20.72  ? 124 VAL A C   1 
ATOM   970  O O   . VAL A 1 124 ? -8.535  4.990   15.637  1.00 17.33  ? 124 VAL A O   1 
ATOM   971  C CB  . VAL A 1 124 ? -9.006  4.049   12.797  1.00 24.20  ? 124 VAL A CB  1 
ATOM   972  C CG1 . VAL A 1 124 ? -8.346  3.912   11.434  1.00 22.20  ? 124 VAL A CG1 1 
ATOM   973  C CG2 . VAL A 1 124 ? -10.438 3.508   12.803  1.00 26.61  ? 124 VAL A CG2 1 
ATOM   974  N N   . ALA A 1 125 ? -8.830  2.803   16.134  1.00 23.01  ? 125 ALA A N   1 
ATOM   975  C CA  . ALA A 1 125 ? -9.202  3.070   17.530  1.00 29.46  ? 125 ALA A CA  1 
ATOM   976  C C   . ALA A 1 125 ? -8.057  3.818   18.213  1.00 17.96  ? 125 ALA A C   1 
ATOM   977  O O   . ALA A 1 125 ? -6.874  3.480   18.125  1.00 23.42  ? 125 ALA A O   1 
ATOM   978  C CB  . ALA A 1 125 ? -9.536  1.797   18.276  1.00 28.04  ? 125 ALA A CB  1 
ATOM   979  N N   . GLY A 1 126 ? -8.470  4.869   18.905  1.00 23.41  ? 126 GLY A N   1 
ATOM   980  C CA  . GLY A 1 126 ? -7.559  5.734   19.657  1.00 18.01  ? 126 GLY A CA  1 
ATOM   981  C C   . GLY A 1 126 ? -6.780  6.758   18.838  1.00 22.39  ? 126 GLY A C   1 
ATOM   982  O O   . GLY A 1 126 ? -5.946  7.435   19.475  1.00 22.69  ? 126 GLY A O   1 
ATOM   983  N N   . CYS A 1 127 ? -7.006  6.874   17.539  1.00 19.09  ? 127 CYS A N   1 
ATOM   984  C CA  . CYS A 1 127 ? -6.222  7.796   16.702  1.00 14.64  ? 127 CYS A CA  1 
ATOM   985  C C   . CYS A 1 127 ? -6.791  9.209   16.629  1.00 17.06  ? 127 CYS A C   1 
ATOM   986  O O   . CYS A 1 127 ? -6.038  10.103  16.227  1.00 20.85  ? 127 CYS A O   1 
ATOM   987  C CB  . CYS A 1 127 ? -6.068  7.151   15.312  1.00 15.93  ? 127 CYS A CB  1 
ATOM   988  S SG  . CYS A 1 127 ? -5.210  5.562   15.330  1.00 18.54  ? 127 CYS A SG  1 
ATOM   989  N N   . GLY A 1 128 ? -8.049  9.345   17.007  1.00 20.77  ? 128 GLY A N   1 
ATOM   990  C CA  . GLY A 1 128 ? -8.770  10.625  17.017  1.00 19.47  ? 128 GLY A CA  1 
ATOM   991  C C   . GLY A 1 128 ? -8.919  11.243  15.633  1.00 18.81  ? 128 GLY A C   1 
ATOM   992  O O   . GLY A 1 128 ? -8.829  12.452  15.416  1.00 30.49  ? 128 GLY A O   1 
ATOM   993  N N   . VAL A 1 129 ? -9.107  10.389  14.643  1.00 20.28  ? 129 VAL A N   1 
ATOM   994  C CA  . VAL A 1 129 ? -9.293  10.676  13.223  1.00 28.43  ? 129 VAL A CA  1 
ATOM   995  C C   . VAL A 1 129 ? -10.423 9.717   12.737  1.00 55.39  ? 129 VAL A C   1 
ATOM   996  O O   . VAL A 1 129 ? -11.320 10.404  12.190  1.00 42.41  ? 129 VAL A O   1 
ATOM   997  C CB  . VAL A 1 129 ? -8.050  10.549  12.329  1.00 28.34  ? 129 VAL A CB  1 
ATOM   998  C CG1 . VAL A 1 129 ? -6.930  11.512  12.699  1.00 36.33  ? 129 VAL A CG1 1 
ATOM   999  C CG2 . VAL A 1 129 ? -7.554  9.094   12.292  1.00 27.19  ? 129 VAL A CG2 1 
HETATM 1000 C C1  . NDG B 2 .   ? 2.257   -10.457 -3.255  1.00 32.25  ? 1   NDG B C1  1 
HETATM 1001 C C2  . NDG B 2 .   ? 1.272   -11.127 -4.188  1.00 34.00  ? 1   NDG B C2  1 
HETATM 1002 C C3  . NDG B 2 .   ? 0.923   -10.281 -5.462  1.00 35.39  ? 1   NDG B C3  1 
HETATM 1003 C C4  . NDG B 2 .   ? 0.510   -8.870  -5.015  1.00 31.17  ? 1   NDG B C4  1 
HETATM 1004 C C5  . NDG B 2 .   ? 1.420   -8.202  -3.957  1.00 33.60  ? 1   NDG B C5  1 
HETATM 1005 C C6  . NDG B 2 .   ? 0.637   -7.183  -3.185  1.00 23.64  ? 1   NDG B C6  1 
HETATM 1006 C C7  . NDG B 2 .   ? 1.365   -13.524 -4.476  1.00 52.81  ? 1   NDG B C7  1 
HETATM 1007 C C8  . NDG B 2 .   ? 0.216   -14.076 -3.662  1.00 49.72  ? 1   NDG B C8  1 
HETATM 1008 O O5  . NDG B 2 .   ? 1.917   -9.152  -2.978  1.00 35.39  ? 1   NDG B O5  1 
HETATM 1009 O O3  . NDG B 2 .   ? -0.133  -10.984 -6.137  1.00 32.04  ? 1   NDG B O3  1 
HETATM 1010 O O4  . NDG B 2 .   ? 0.744   -8.115  -6.232  1.00 24.73  ? 1   NDG B O4  1 
HETATM 1011 O O6  . NDG B 2 .   ? -0.433  -7.795  -2.438  1.00 21.51  ? 1   NDG B O6  1 
HETATM 1012 O O7  . NDG B 2 .   ? 2.347   -14.105 -5.067  1.00 52.80  ? 1   NDG B O7  1 
HETATM 1013 N N2  . NDG B 2 .   ? 1.538   -12.252 -4.755  1.00 48.30  ? 1   NDG B N2  1 
HETATM 1014 O O1  . NDG B 2 .   ? 3.565   -10.578 -3.811  1.00 50.94  ? 1   NDG B O1  1 
HETATM 1015 C C1  . NAG B 2 .   ? -0.491  -8.243  -6.871  1.00 21.81  ? 2   NAG B C1  1 
HETATM 1016 C C2  . NAG B 2 .   ? -0.716  -6.809  -7.427  1.00 16.61  ? 2   NAG B C2  1 
HETATM 1017 C C3  . NAG B 2 .   ? -1.898  -6.871  -8.430  1.00 14.63  ? 2   NAG B C3  1 
HETATM 1018 C C4  . NAG B 2 .   ? -1.673  -7.987  -9.470  1.00 17.66  ? 2   NAG B C4  1 
HETATM 1019 C C5  . NAG B 2 .   ? -1.310  -9.286  -8.774  1.00 22.57  ? 2   NAG B C5  1 
HETATM 1020 C C6  . NAG B 2 .   ? -0.963  -10.427 -9.675  1.00 30.31  ? 2   NAG B C6  1 
HETATM 1021 C C7  . NAG B 2 .   ? -0.177  -4.845  -5.985  1.00 13.62  ? 2   NAG B C7  1 
HETATM 1022 C C8  . NAG B 2 .   ? -0.615  -4.080  -4.762  1.00 12.39  ? 2   NAG B C8  1 
HETATM 1023 N N2  . NAG B 2 .   ? -0.944  -5.852  -6.369  1.00 14.78  ? 2   NAG B N2  1 
HETATM 1024 O O3  . NAG B 2 .   ? -1.987  -5.648  -9.124  1.00 15.10  ? 2   NAG B O3  1 
HETATM 1025 O O4  . NAG B 2 .   ? -2.858  -8.107  -10.245 1.00 17.71  ? 2   NAG B O4  1 
HETATM 1026 O O5  . NAG B 2 .   ? -0.110  -9.047  -7.982  1.00 19.70  ? 2   NAG B O5  1 
HETATM 1027 O O6  . NAG B 2 .   ? -0.005  -9.957  -10.651 1.00 41.70  ? 2   NAG B O6  1 
HETATM 1028 O O7  . NAG B 2 .   ? 0.862   -4.569  -6.580  1.00 13.32  ? 2   NAG B O7  1 
HETATM 1029 C C1  . NAG B 2 .   ? -2.784  -7.749  -11.585 1.00 15.14  ? 3   NAG B C1  1 
HETATM 1030 C C2  . NAG B 2 .   ? -3.989  -8.416  -12.249 1.00 26.39  ? 3   NAG B C2  1 
HETATM 1031 C C3  . NAG B 2 .   ? -4.129  -7.943  -13.728 1.00 26.54  ? 3   NAG B C3  1 
HETATM 1032 C C4  . NAG B 2 .   ? -4.201  -6.420  -13.769 1.00 17.64  ? 3   NAG B C4  1 
HETATM 1033 C C5  . NAG B 2 .   ? -3.009  -5.842  -12.995 1.00 17.05  ? 3   NAG B C5  1 
HETATM 1034 C C6  . NAG B 2 .   ? -3.146  -4.379  -12.834 1.00 19.37  ? 3   NAG B C6  1 
HETATM 1035 C C7  . NAG B 2 .   ? -4.713  -10.606 -11.435 1.00 26.83  ? 3   NAG B C7  1 
HETATM 1036 C C8  . NAG B 2 .   ? -4.621  -12.098 -11.649 1.00 34.37  ? 3   NAG B C8  1 
HETATM 1037 N N2  . NAG B 2 .   ? -3.862  -9.905  -12.189 1.00 24.28  ? 3   NAG B N2  1 
HETATM 1038 O O3  . NAG B 2 .   ? -5.361  -8.420  -14.269 1.00 29.05  ? 3   NAG B O3  1 
HETATM 1039 O O4  . NAG B 2 .   ? -4.135  -6.054  -15.147 1.00 24.07  ? 3   NAG B O4  1 
HETATM 1040 O O5  . NAG B 2 .   ? -2.976  -6.374  -11.656 1.00 15.92  ? 3   NAG B O5  1 
HETATM 1041 O O6  . NAG B 2 .   ? -4.355  -3.982  -12.257 1.00 18.84  ? 3   NAG B O6  1 
HETATM 1042 O O7  . NAG B 2 .   ? -5.532  -10.159 -10.595 1.00 31.78  ? 3   NAG B O7  1 
HETATM 1043 C C1  . NAG B 2 .   ? -5.216  -5.163  -15.294 1.00 26.95  ? 4   NAG B C1  1 
HETATM 1044 C C2  . NAG B 2 .   ? -4.932  -4.399  -16.592 1.00 32.45  ? 4   NAG B C2  1 
HETATM 1045 C C3  . NAG B 2 .   ? -6.226  -3.557  -16.896 1.00 30.48  ? 4   NAG B C3  1 
HETATM 1046 C C4  . NAG B 2 .   ? -7.449  -4.448  -17.020 1.00 30.15  ? 4   NAG B C4  1 
HETATM 1047 C C5  . NAG B 2 .   ? -7.529  -5.264  -15.718 1.00 28.82  ? 4   NAG B C5  1 
HETATM 1048 C C6  . NAG B 2 .   ? -8.644  -6.260  -15.844 1.00 46.30  ? 4   NAG B C6  1 
HETATM 1049 C C7  . NAG B 2 .   ? -2.847  -2.940  -16.351 1.00 38.41  ? 4   NAG B C7  1 
HETATM 1050 C C8  . NAG B 2 .   ? -2.428  -1.546  -15.893 1.00 46.33  ? 4   NAG B C8  1 
HETATM 1051 N N2  . NAG B 2 .   ? -4.145  -3.016  -16.007 1.00 40.50  ? 4   NAG B N2  1 
HETATM 1052 O O3  . NAG B 2 .   ? -6.017  -2.979  -18.207 1.00 67.10  ? 4   NAG B O3  1 
HETATM 1053 O O4  . NAG B 2 .   ? -8.555  -3.493  -17.062 1.00 46.62  ? 4   NAG B O4  1 
HETATM 1054 O O5  . NAG B 2 .   ? -6.287  -6.051  -15.640 1.00 31.78  ? 4   NAG B O5  1 
HETATM 1055 O O6  . NAG B 2 .   ? -8.487  -7.002  -17.089 1.00 66.84  ? 4   NAG B O6  1 
HETATM 1056 O O7  . NAG B 2 .   ? -2.187  -3.925  -16.845 1.00 56.00  ? 4   NAG B O7  1 
HETATM 1057 O O   . HOH C 3 .   ? 0.577   13.038  -0.047  1.00 47.90  ? 134 HOH A O   1 
HETATM 1058 O O   . HOH C 3 .   ? -10.134 -7.784  12.618  1.00 42.25  ? 135 HOH A O   1 
HETATM 1059 O O   . HOH C 3 .   ? -8.272  -8.067  10.529  1.00 30.36  ? 136 HOH A O   1 
HETATM 1060 O O   . HOH C 3 .   ? -15.005 0.984   2.647   1.00 28.75  ? 137 HOH A O   1 
HETATM 1061 O O   . HOH C 3 .   ? 2.569   -5.541  12.782  1.00 52.11  ? 138 HOH A O   1 
HETATM 1062 O O   . HOH C 3 .   ? 4.536   0.291   14.383  1.00 28.70  ? 139 HOH A O   1 
HETATM 1063 O O   . HOH C 3 .   ? 5.145   -2.371  13.182  1.00 37.02  ? 140 HOH A O   1 
HETATM 1064 O O   . HOH C 3 .   ? 13.737  8.686   3.270   1.00 31.37  ? 141 HOH A O   1 
HETATM 1065 O O   . HOH C 3 .   ? 11.853  10.624  2.804   1.00 27.61  ? 142 HOH A O   1 
HETATM 1066 O O   . HOH C 3 .   ? 4.609   -8.980  -0.172  1.00 36.70  ? 143 HOH A O   1 
HETATM 1067 O O   . HOH C 3 .   ? 13.970  -8.444  -0.632  1.00 37.26  ? 144 HOH A O   1 
HETATM 1068 O O   . HOH C 3 .   ? 6.022   2.870   1.087   1.00 16.73  ? 145 HOH A O   1 
HETATM 1069 O O   . HOH C 3 .   ? 6.891   5.455   1.218   1.00 14.84  ? 146 HOH A O   1 
HETATM 1070 O O   . HOH C 3 .   ? 6.854   7.192   -1.188  1.00 16.08  ? 147 HOH A O   1 
HETATM 1071 O O   . HOH C 3 .   ? 7.466   10.509  -1.601  1.00 20.75  ? 148 HOH A O   1 
HETATM 1072 O O   . HOH C 3 .   ? 9.633   9.007   -2.575  1.00 23.30  ? 149 HOH A O   1 
HETATM 1073 O O   . HOH C 3 .   ? 3.753   -12.116 -7.140  1.00 39.75  ? 150 HOH A O   1 
HETATM 1074 O O   . HOH C 3 .   ? 3.526   -10.322 -10.041 1.00 28.30  ? 151 HOH A O   1 
HETATM 1075 O O   . HOH C 3 .   ? -5.619  -7.464  -8.963  1.00 27.53  ? 152 HOH A O   1 
HETATM 1076 O O   . HOH C 3 .   ? -5.298  -4.728  -10.027 1.00 24.13  ? 153 HOH A O   1 
HETATM 1077 O O   . HOH C 3 .   ? -7.802  -5.017  -11.943 1.00 17.54  ? 154 HOH A O   1 
HETATM 1078 O O   . HOH C 3 .   ? -6.758  -2.921  -8.604  1.00 15.35  ? 155 HOH A O   1 
HETATM 1079 O O   . HOH C 3 .   ? 7.483   -11.298 -13.868 1.00 49.24  ? 156 HOH A O   1 
HETATM 1080 O O   . HOH C 3 .   ? 12.028  -4.334  -14.769 1.00 28.69  ? 157 HOH A O   1 
HETATM 1081 O O   . HOH C 3 .   ? 10.194  -3.443  -12.861 1.00 20.68  ? 158 HOH A O   1 
HETATM 1082 O O   . HOH C 3 .   ? 14.703  -10.535 -9.366  1.00 40.01  ? 159 HOH A O   1 
HETATM 1083 O O   . HOH C 3 .   ? 19.265  -8.185  -8.342  1.00 34.67  ? 160 HOH A O   1 
HETATM 1084 O O   . HOH C 3 .   ? 15.064  -4.787  -5.528  1.00 16.92  ? 161 HOH A O   1 
HETATM 1085 O O   . HOH C 3 .   ? 12.353  -7.689  -8.751  1.00 15.53  ? 162 HOH A O   1 
HETATM 1086 O O   . HOH C 3 .   ? -3.545  10.496  16.435  1.00 29.31  ? 163 HOH A O   1 
HETATM 1087 O O   . HOH C 3 .   ? 7.597   -18.596 -11.663 1.00 67.17  ? 164 HOH A O   1 
HETATM 1088 O O   . HOH C 3 .   ? 4.370   1.038   -0.958  1.00 13.26  ? 165 HOH A O   1 
HETATM 1089 O O   . HOH C 3 .   ? 16.940  0.297   -11.820 1.00 14.82  ? 166 HOH A O   1 
HETATM 1090 O O   . HOH C 3 .   ? 13.789  -1.933  -16.252 1.00 65.95  ? 167 HOH A O   1 
HETATM 1091 O O   . HOH C 3 .   ? 21.745  -8.552  -6.696  1.00 57.91  ? 168 HOH A O   1 
HETATM 1092 O O   . HOH C 3 .   ? 16.444  4.164   -8.291  1.00 20.09  ? 169 HOH A O   1 
HETATM 1093 O O   . HOH C 3 .   ? 10.460  5.797   -13.854 1.00 45.46  ? 170 HOH A O   1 
HETATM 1094 O O   . HOH C 3 .   ? 14.620  6.850   -5.574  1.00 42.49  ? 171 HOH A O   1 
HETATM 1095 O O   . HOH C 3 .   ? 15.270  5.173   -2.467  1.00 31.64  ? 172 HOH A O   1 
HETATM 1096 O O   . HOH C 3 .   ? 2.190   7.555   -9.663  1.00 33.98  ? 173 HOH A O   1 
HETATM 1097 O O   . HOH C 3 .   ? -0.281  7.164   -11.594 1.00 58.61  ? 174 HOH A O   1 
HETATM 1098 O O   . HOH C 3 .   ? 3.559   8.076   -7.550  1.00 34.54  ? 175 HOH A O   1 
HETATM 1099 O O   . HOH C 3 .   ? -2.694  8.683   -8.480  1.00 25.46  ? 176 HOH A O   1 
HETATM 1100 O O   . HOH C 3 .   ? -5.323  8.519   -9.010  1.00 36.47  ? 177 HOH A O   1 
HETATM 1101 O O   . HOH C 3 .   ? 17.918  1.956   -15.946 1.00 27.02  ? 178 HOH A O   1 
HETATM 1102 O O   . HOH C 3 .   ? 15.737  0.450   -14.233 1.00 28.23  ? 179 HOH A O   1 
HETATM 1103 O O   . HOH C 3 .   ? 0.413   11.746  -2.413  1.00 23.00  ? 180 HOH A O   1 
HETATM 1104 O O   . HOH C 3 .   ? -2.078  11.635  -3.698  1.00 34.42  ? 181 HOH A O   1 
HETATM 1105 O O   . HOH C 3 .   ? 2.747   12.267  2.332   1.00 53.39  ? 182 HOH A O   1 
HETATM 1106 O O   . HOH C 3 .   ? 4.135   11.812  7.159   1.00 74.18  ? 183 HOH A O   1 
HETATM 1107 O O   . HOH C 3 .   ? 4.464   11.373  10.796  1.00 41.89  ? 184 HOH A O   1 
HETATM 1108 O O   . HOH C 3 .   ? -0.774  15.237  14.135  1.00 29.70  ? 185 HOH A O   1 
HETATM 1109 O O   . HOH C 3 .   ? 0.312   12.279  4.200   1.00 51.42  ? 186 HOH A O   1 
HETATM 1110 O O   . HOH C 3 .   ? 4.622   11.139  4.526   1.00 34.89  ? 187 HOH A O   1 
HETATM 1111 O O   . HOH C 3 .   ? 4.684   10.195  -8.566  1.00 38.51  ? 188 HOH A O   1 
HETATM 1112 O O   . HOH C 3 .   ? 7.509   10.697  -8.757  1.00 47.44  ? 189 HOH A O   1 
HETATM 1113 O O   . HOH C 3 .   ? -12.048 -1.058  -4.011  1.00 22.99  ? 190 HOH A O   1 
HETATM 1114 O O   . HOH C 3 .   ? -13.545 1.195   -13.909 1.00 26.11  ? 191 HOH A O   1 
HETATM 1115 O O   . HOH C 3 .   ? -12.630 0.717   -6.036  1.00 46.59  ? 192 HOH A O   1 
HETATM 1116 O O   . HOH C 3 .   ? -14.600 -1.405  -11.398 1.00 75.65  ? 193 HOH A O   1 
HETATM 1117 O O   . HOH C 3 .   ? -8.197  -9.828  -6.819  1.00 36.28  ? 194 HOH A O   1 
HETATM 1118 O O   . HOH C 3 .   ? -15.020 -6.012  3.028   1.00 34.29  ? 195 HOH A O   1 
HETATM 1119 O O   . HOH C 3 .   ? -13.345 -4.517  4.642   1.00 38.60  ? 196 HOH A O   1 
HETATM 1120 O O   . HOH C 3 .   ? -16.677 -7.109  -4.731  1.00 87.77  ? 197 HOH A O   1 
HETATM 1121 O O   . HOH C 3 .   ? -18.439 -12.000 -0.057  1.00 70.95  ? 198 HOH A O   1 
HETATM 1122 O O   . HOH C 3 .   ? -11.674 -8.023  -4.063  1.00 44.11  ? 199 HOH A O   1 
HETATM 1123 O O   . HOH C 3 .   ? -10.254 -16.148 7.144   1.00 45.09  ? 200 HOH A O   1 
HETATM 1124 O O   . HOH C 3 .   ? -17.416 -10.948 9.240   1.00 48.02  ? 201 HOH A O   1 
HETATM 1125 O O   . HOH C 3 .   ? -10.720 7.448   18.501  1.00 37.55  ? 202 HOH A O   1 
HETATM 1126 O O   . HOH C 3 .   ? -8.449  10.857  20.458  1.00 55.03  ? 203 HOH A O   1 
HETATM 1127 O O   . HOH C 3 .   ? -5.982  10.192  20.227  1.00 47.56  ? 204 HOH A O   1 
HETATM 1128 O O   . HOH C 3 .   ? -4.363  10.702  22.456  1.00 61.35  ? 205 HOH A O   1 
HETATM 1129 O O   . HOH C 3 .   ? -4.733  0.137   21.192  1.00 94.57  ? 206 HOH A O   1 
HETATM 1130 O O   . HOH C 3 .   ? -9.560  7.195   14.723  1.00 49.92  ? 207 HOH A O   1 
HETATM 1131 O O   . HOH C 3 .   ? -15.804 -7.214  -0.014  1.00 45.26  ? 208 HOH A O   1 
HETATM 1132 O O   . HOH C 3 .   ? -6.393  -1.482  18.258  1.00 54.26  ? 209 HOH A O   1 
HETATM 1133 O O   . HOH C 3 .   ? -12.752 -0.439  18.456  1.00 71.71  ? 210 HOH A O   1 
HETATM 1134 O O   . HOH C 3 .   ? 8.269   3.110   14.907  1.00 65.42  ? 211 HOH A O   1 
HETATM 1135 O O   . HOH C 3 .   ? 8.450   10.180  14.524  1.00 58.64  ? 212 HOH A O   1 
HETATM 1136 O O   . HOH C 3 .   ? 7.631   -3.045  12.647  1.00 70.39  ? 213 HOH A O   1 
HETATM 1137 O O   . HOH C 3 .   ? 12.434  -11.139 -0.157  1.00 37.79  ? 214 HOH A O   1 
HETATM 1138 O O   . HOH C 3 .   ? 19.491  -6.023  -13.616 1.00 60.32  ? 215 HOH A O   1 
HETATM 1139 O O   . HOH C 3 .   ? 10.294  -19.709 -10.974 1.00 61.18  ? 216 HOH A O   1 
HETATM 1140 O O   . HOH C 3 .   ? -6.296  0.248   -16.797 1.00 71.27  ? 217 HOH A O   1 
HETATM 1141 O O   . HOH C 3 .   ? -7.075  -10.605 10.802  1.00 48.01  ? 218 HOH A O   1 
HETATM 1142 O O   . HOH C 3 .   ? 10.555  10.127  -4.978  1.00 50.18  ? 219 HOH A O   1 
HETATM 1143 O O   . HOH C 3 .   ? -19.868 -12.221 9.384   1.00 35.83  ? 220 HOH A O   1 
HETATM 1144 O O   . HOH C 3 .   ? 2.264   -7.826  10.247  1.00 68.67  ? 221 HOH A O   1 
HETATM 1145 O O   . HOH C 3 .   ? 14.503  -5.581  -17.060 1.00 56.44  ? 222 HOH A O   1 
HETATM 1146 O O   . HOH C 3 .   ? 19.544  -14.927 -5.539  1.00 85.38  ? 223 HOH A O   1 
HETATM 1147 O O   . HOH C 3 .   ? -12.472 9.052   9.284   1.00 86.17  ? 224 HOH A O   1 
HETATM 1148 O O   . HOH C 3 .   ? 12.148  3.798   -15.012 1.00 56.49  ? 225 HOH A O   1 
HETATM 1149 O O   . HOH C 3 .   ? -4.406  8.447   -11.974 1.00 49.98  ? 226 HOH A O   1 
HETATM 1150 O O   . HOH C 3 .   ? 0.885   8.371   17.146  1.00 49.44  ? 227 HOH A O   1 
HETATM 1151 O O   . HOH C 3 .   ? 9.073   -10.254 2.413   1.00 37.05  ? 228 HOH A O   1 
HETATM 1152 O O   . HOH C 3 .   ? 9.596   -1.805  -15.729 1.00 50.74  ? 229 HOH A O   1 
HETATM 1153 O O   . HOH C 3 .   ? 6.371   -2.433  -13.820 1.00 31.75  ? 230 HOH A O   1 
HETATM 1154 O O   . HOH C 3 .   ? 0.678   14.341  -4.641  1.00 55.43  ? 231 HOH A O   1 
HETATM 1155 O O   . HOH C 3 .   ? 9.983   2.066   -16.967 1.00 48.93  ? 232 HOH A O   1 
HETATM 1156 O O   . HOH C 3 .   ? -1.670  14.536  -6.711  1.00 68.22  ? 233 HOH A O   1 
HETATM 1157 O O   . HOH C 3 .   ? 0.677   13.255  12.081  1.00 49.86  ? 234 HOH A O   1 
HETATM 1158 O O   . HOH C 3 .   ? -14.283 -3.438  -1.418  1.00 91.02  ? 235 HOH A O   1 
HETATM 1159 O O   . HOH C 3 .   ? 5.847   -7.878  7.596   1.00 56.03  ? 236 HOH A O   1 
HETATM 1160 O O   . HOH C 3 .   ? -18.353 -4.512  9.642   1.00 81.36  ? 237 HOH A O   1 
HETATM 1161 O O   . HOH C 3 .   ? 8.580   -5.149  7.344   1.00 32.79  ? 238 HOH A O   1 
HETATM 1162 O O   . HOH C 3 .   ? 10.462  -7.169  11.512  1.00 68.29  ? 239 HOH A O   1 
HETATM 1163 O O   . HOH C 3 .   ? 12.325  5.955   12.525  1.00 65.23  ? 240 HOH A O   1 
HETATM 1164 O O   . HOH C 3 .   ? 1.932   0.877   15.985  1.00 30.85  ? 241 HOH A O   1 
HETATM 1165 O O   . HOH C 3 .   ? -0.606  4.128   17.553  1.00 33.06  ? 242 HOH A O   1 
HETATM 1166 O O   . HOH C 3 .   ? -8.856  11.243  3.739   1.00 16.90  ? 243 HOH A O   1 
HETATM 1167 O O   . HOH C 3 .   ? 14.111  7.456   -3.483  1.00 45.45  ? 244 HOH A O   1 
HETATM 1168 O O   . HOH C 3 .   ? -9.256  -6.124  -14.078 1.00 54.26  ? 245 HOH A O   1 
HETATM 1169 O O   . HOH C 3 .   ? -5.248  -10.466 -8.032  1.00 46.44  ? 246 HOH A O   1 
HETATM 1170 O O   . HOH C 3 .   ? -3.760  -9.767  -5.866  1.00 26.86  ? 247 HOH A O   1 
HETATM 1171 O O   . HOH C 3 .   ? 19.086  -5.732  -12.121 1.00 83.53  ? 248 HOH A O   1 
HETATM 1172 O O   . HOH C 3 .   ? -16.905 -11.074 -2.398  1.00 65.45  ? 249 HOH A O   1 
HETATM 1173 O O   . HOH C 3 .   ? -10.750 1.189   -14.115 1.00 27.07  ? 250 HOH A O   1 
HETATM 1174 O O   . HOH C 3 .   ? -12.023 6.681   9.962   1.00 69.92  ? 251 HOH A O   1 
HETATM 1175 O O   . HOH C 3 .   ? 1.308   14.132  6.274   1.00 47.96  ? 252 HOH A O   1 
HETATM 1176 O O   . HOH C 3 .   ? 8.583   6.391   13.629  1.00 54.84  ? 253 HOH A O   1 
HETATM 1177 O O   . HOH C 3 .   ? 16.208  9.812   -0.607  1.00 90.32  ? 254 HOH A O   1 
HETATM 1178 O O   . HOH C 3 .   ? 15.308  8.708   4.592   1.00 62.61  ? 255 HOH A O   1 
# 
